data_3G21
# 
_entry.id   3G21 
# 
_audit_conform.dict_name       mmcif_pdbx.dic 
_audit_conform.dict_version    5.380 
_audit_conform.dict_location   http://mmcif.pdb.org/dictionaries/ascii/mmcif_pdbx.dic 
# 
loop_
_database_2.database_id 
_database_2.database_code 
_database_2.pdbx_database_accession 
_database_2.pdbx_DOI 
PDB   3G21         pdb_00003g21 10.2210/pdb3g21/pdb 
RCSB  RCSB051323   ?            ?                   
WWPDB D_1000051323 ?            ?                   
# 
loop_
_pdbx_database_related.db_name 
_pdbx_database_related.db_id 
_pdbx_database_related.details 
_pdbx_database_related.content_type 
PDB 3G0V . unspecified 
PDB 3G1G . unspecified 
PDB 3G1I . unspecified 
PDB 3G26 . unspecified 
PDB 3G28 . unspecified 
PDB 3G29 . unspecified 
# 
_pdbx_database_status.status_code                     REL 
_pdbx_database_status.entry_id                        3G21 
_pdbx_database_status.recvd_initial_deposition_date   2009-01-30 
_pdbx_database_status.deposit_site                    RCSB 
_pdbx_database_status.process_site                    PDBJ 
_pdbx_database_status.status_code_sf                  REL 
_pdbx_database_status.status_code_mr                  ? 
_pdbx_database_status.SG_entry                        . 
_pdbx_database_status.pdb_format_compatible           Y 
_pdbx_database_status.status_code_cs                  ? 
_pdbx_database_status.status_code_nmr_data            ? 
_pdbx_database_status.methods_development_category    ? 
# 
_audit_author.name           'Kingston, R.L.' 
_audit_author.pdbx_ordinal   1 
# 
_citation.id                        primary 
_citation.title                     'Proton-linked dimerization of a retroviral capsid protein initiates capsid assembly' 
_citation.journal_abbrev            Structure 
_citation.journal_volume            17 
_citation.page_first                737 
_citation.page_last                 748 
_citation.year                      2009 
_citation.journal_id_ASTM           STRUE6 
_citation.country                   UK 
_citation.journal_id_ISSN           0969-2126 
_citation.journal_id_CSD            2005 
_citation.book_publisher            ? 
_citation.pdbx_database_id_PubMed   19446529 
_citation.pdbx_database_id_DOI      10.1016/j.str.2009.03.010 
# 
loop_
_citation_author.citation_id 
_citation_author.name 
_citation_author.ordinal 
_citation_author.identifier_ORCID 
primary 'Bailey, G.D.'   1 ? 
primary 'Hyun, J.K.'     2 ? 
primary 'Mitra, A.K.'    3 ? 
primary 'Kingston, R.L.' 4 ? 
# 
_cell.entry_id           3G21 
_cell.length_a           32.179 
_cell.length_b           32.179 
_cell.length_c           113.875 
_cell.angle_alpha        90.00 
_cell.angle_beta         90.00 
_cell.angle_gamma        120.00 
_cell.Z_PDB              6 
_cell.pdbx_unique_axis   ? 
_cell.length_a_esd       ? 
_cell.length_b_esd       ? 
_cell.length_c_esd       ? 
_cell.angle_alpha_esd    ? 
_cell.angle_beta_esd     ? 
_cell.angle_gamma_esd    ? 
# 
_symmetry.entry_id                         3G21 
_symmetry.space_group_name_H-M             'P 32 2 1' 
_symmetry.pdbx_full_space_group_name_H-M   ? 
_symmetry.cell_setting                     ? 
_symmetry.Int_Tables_number                154 
_symmetry.space_group_name_Hall            ? 
# 
loop_
_entity.id 
_entity.type 
_entity.src_method 
_entity.pdbx_description 
_entity.formula_weight 
_entity.pdbx_number_of_molecules 
_entity.pdbx_ec 
_entity.pdbx_mutation 
_entity.pdbx_fragment 
_entity.details 
1 polymer     man 'Gag polyprotein' 8474.636 1  3.4.23.- ? 'C-terminal domain, UNP residues 389-465' ? 
2 non-polymer syn 'NITRATE ION'     62.005   1  ?        ? ?                                         ? 
3 water       nat water             18.015   83 ?        ? ?                                         ? 
# 
_entity_name_com.entity_id   1 
_entity_name_com.name        'Capsid protein' 
# 
_entity_poly.entity_id                      1 
_entity_poly.type                           'polypeptide(L)' 
_entity_poly.nstd_linkage                   no 
_entity_poly.nstd_monomer                   no 
_entity_poly.pdbx_seq_one_letter_code       AGPWADIMQGPSESFVDFANRLIKAVEGSDLPPSARAPVIIDCFRQKSQPDIQQLIRTAPSTLTTPGEIIKYVLDRQ 
_entity_poly.pdbx_seq_one_letter_code_can   AGPWADIMQGPSESFVDFANRLIKAVEGSDLPPSARAPVIIDCFRQKSQPDIQQLIRTAPSTLTTPGEIIKYVLDRQ 
_entity_poly.pdbx_strand_id                 A 
_entity_poly.pdbx_target_identifier         ? 
# 
loop_
_entity_poly_seq.entity_id 
_entity_poly_seq.num 
_entity_poly_seq.mon_id 
_entity_poly_seq.hetero 
1 1  ALA n 
1 2  GLY n 
1 3  PRO n 
1 4  TRP n 
1 5  ALA n 
1 6  ASP n 
1 7  ILE n 
1 8  MET n 
1 9  GLN n 
1 10 GLY n 
1 11 PRO n 
1 12 SER n 
1 13 GLU n 
1 14 SER n 
1 15 PHE n 
1 16 VAL n 
1 17 ASP n 
1 18 PHE n 
1 19 ALA n 
1 20 ASN n 
1 21 ARG n 
1 22 LEU n 
1 23 ILE n 
1 24 LYS n 
1 25 ALA n 
1 26 VAL n 
1 27 GLU n 
1 28 GLY n 
1 29 SER n 
1 30 ASP n 
1 31 LEU n 
1 32 PRO n 
1 33 PRO n 
1 34 SER n 
1 35 ALA n 
1 36 ARG n 
1 37 ALA n 
1 38 PRO n 
1 39 VAL n 
1 40 ILE n 
1 41 ILE n 
1 42 ASP n 
1 43 CYS n 
1 44 PHE n 
1 45 ARG n 
1 46 GLN n 
1 47 LYS n 
1 48 SER n 
1 49 GLN n 
1 50 PRO n 
1 51 ASP n 
1 52 ILE n 
1 53 GLN n 
1 54 GLN n 
1 55 LEU n 
1 56 ILE n 
1 57 ARG n 
1 58 THR n 
1 59 ALA n 
1 60 PRO n 
1 61 SER n 
1 62 THR n 
1 63 LEU n 
1 64 THR n 
1 65 THR n 
1 66 PRO n 
1 67 GLY n 
1 68 GLU n 
1 69 ILE n 
1 70 ILE n 
1 71 LYS n 
1 72 TYR n 
1 73 VAL n 
1 74 LEU n 
1 75 ASP n 
1 76 ARG n 
1 77 GLN n 
# 
_entity_src_gen.entity_id                          1 
_entity_src_gen.pdbx_src_id                        1 
_entity_src_gen.pdbx_alt_source_flag               sample 
_entity_src_gen.pdbx_seq_type                      ? 
_entity_src_gen.pdbx_beg_seq_num                   ? 
_entity_src_gen.pdbx_end_seq_num                   ? 
_entity_src_gen.gene_src_common_name               RSV-PrC 
_entity_src_gen.gene_src_genus                     ? 
_entity_src_gen.pdbx_gene_src_gene                 gag 
_entity_src_gen.gene_src_species                   ? 
_entity_src_gen.gene_src_strain                    'Prague C Strain' 
_entity_src_gen.gene_src_tissue                    ? 
_entity_src_gen.gene_src_tissue_fraction           ? 
_entity_src_gen.gene_src_details                   ? 
_entity_src_gen.pdbx_gene_src_fragment             ? 
_entity_src_gen.pdbx_gene_src_scientific_name      'Rous sarcoma virus' 
_entity_src_gen.pdbx_gene_src_ncbi_taxonomy_id     11888 
_entity_src_gen.pdbx_gene_src_variant              ? 
_entity_src_gen.pdbx_gene_src_cell_line            ? 
_entity_src_gen.pdbx_gene_src_atcc                 ? 
_entity_src_gen.pdbx_gene_src_organ                ? 
_entity_src_gen.pdbx_gene_src_organelle            ? 
_entity_src_gen.pdbx_gene_src_cell                 ? 
_entity_src_gen.pdbx_gene_src_cellular_location    ? 
_entity_src_gen.host_org_common_name               ? 
_entity_src_gen.pdbx_host_org_scientific_name      'Escherichia coli' 
_entity_src_gen.pdbx_host_org_ncbi_taxonomy_id     562 
_entity_src_gen.host_org_genus                     ? 
_entity_src_gen.pdbx_host_org_gene                 ? 
_entity_src_gen.pdbx_host_org_organ                ? 
_entity_src_gen.host_org_species                   ? 
_entity_src_gen.pdbx_host_org_tissue               ? 
_entity_src_gen.pdbx_host_org_tissue_fraction      ? 
_entity_src_gen.pdbx_host_org_strain               'Rosetta 2 (DE3)' 
_entity_src_gen.pdbx_host_org_variant              ? 
_entity_src_gen.pdbx_host_org_cell_line            ? 
_entity_src_gen.pdbx_host_org_atcc                 ? 
_entity_src_gen.pdbx_host_org_culture_collection   ? 
_entity_src_gen.pdbx_host_org_cell                 ? 
_entity_src_gen.pdbx_host_org_organelle            ? 
_entity_src_gen.pdbx_host_org_cellular_location    ? 
_entity_src_gen.pdbx_host_org_vector_type          plasmid 
_entity_src_gen.pdbx_host_org_vector               ? 
_entity_src_gen.host_org_details                   ? 
_entity_src_gen.expression_system_id               ? 
_entity_src_gen.plasmid_name                       pTYB11 
_entity_src_gen.plasmid_details                    ? 
_entity_src_gen.pdbx_description                   ? 
# 
_struct_ref.id                         1 
_struct_ref.db_name                    UNP 
_struct_ref.db_code                    GAG_RSVP 
_struct_ref.pdbx_db_accession          P03322 
_struct_ref.entity_id                  1 
_struct_ref.pdbx_seq_one_letter_code   AGPWADIMQGPSESFVDFANRLIKAVEGSDLPPSARAPVIIDCFRQKSQPDIQQLIRTAPSTLTTPGEIIKYVLDRQ 
_struct_ref.pdbx_align_begin           389 
_struct_ref.pdbx_db_isoform            ? 
# 
_struct_ref_seq.align_id                      1 
_struct_ref_seq.ref_id                        1 
_struct_ref_seq.pdbx_PDB_id_code              3G21 
_struct_ref_seq.pdbx_strand_id                A 
_struct_ref_seq.seq_align_beg                 1 
_struct_ref_seq.pdbx_seq_align_beg_ins_code   ? 
_struct_ref_seq.seq_align_end                 77 
_struct_ref_seq.pdbx_seq_align_end_ins_code   ? 
_struct_ref_seq.pdbx_db_accession             P03322 
_struct_ref_seq.db_align_beg                  389 
_struct_ref_seq.pdbx_db_align_beg_ins_code    ? 
_struct_ref_seq.db_align_end                  465 
_struct_ref_seq.pdbx_db_align_end_ins_code    ? 
_struct_ref_seq.pdbx_auth_seq_align_beg       150 
_struct_ref_seq.pdbx_auth_seq_align_end       226 
# 
loop_
_chem_comp.id 
_chem_comp.type 
_chem_comp.mon_nstd_flag 
_chem_comp.name 
_chem_comp.pdbx_synonyms 
_chem_comp.formula 
_chem_comp.formula_weight 
ALA 'L-peptide linking' y ALANINE         ? 'C3 H7 N O2'     89.093  
ARG 'L-peptide linking' y ARGININE        ? 'C6 H15 N4 O2 1' 175.209 
ASN 'L-peptide linking' y ASPARAGINE      ? 'C4 H8 N2 O3'    132.118 
ASP 'L-peptide linking' y 'ASPARTIC ACID' ? 'C4 H7 N O4'     133.103 
CYS 'L-peptide linking' y CYSTEINE        ? 'C3 H7 N O2 S'   121.158 
GLN 'L-peptide linking' y GLUTAMINE       ? 'C5 H10 N2 O3'   146.144 
GLU 'L-peptide linking' y 'GLUTAMIC ACID' ? 'C5 H9 N O4'     147.129 
GLY 'peptide linking'   y GLYCINE         ? 'C2 H5 N O2'     75.067  
HOH non-polymer         . WATER           ? 'H2 O'           18.015  
ILE 'L-peptide linking' y ISOLEUCINE      ? 'C6 H13 N O2'    131.173 
LEU 'L-peptide linking' y LEUCINE         ? 'C6 H13 N O2'    131.173 
LYS 'L-peptide linking' y LYSINE          ? 'C6 H15 N2 O2 1' 147.195 
MET 'L-peptide linking' y METHIONINE      ? 'C5 H11 N O2 S'  149.211 
NO3 non-polymer         . 'NITRATE ION'   ? 'N O3 -1'        62.005  
PHE 'L-peptide linking' y PHENYLALANINE   ? 'C9 H11 N O2'    165.189 
PRO 'L-peptide linking' y PROLINE         ? 'C5 H9 N O2'     115.130 
SER 'L-peptide linking' y SERINE          ? 'C3 H7 N O3'     105.093 
THR 'L-peptide linking' y THREONINE       ? 'C4 H9 N O3'     119.119 
TRP 'L-peptide linking' y TRYPTOPHAN      ? 'C11 H12 N2 O2'  204.225 
TYR 'L-peptide linking' y TYROSINE        ? 'C9 H11 N O3'    181.189 
VAL 'L-peptide linking' y VALINE          ? 'C5 H11 N O2'    117.146 
# 
_exptl.entry_id          3G21 
_exptl.method            'X-RAY DIFFRACTION' 
_exptl.crystals_number   1 
# 
_exptl_crystal.id                    1 
_exptl_crystal.density_meas          ? 
_exptl_crystal.density_Matthews      2.01 
_exptl_crystal.density_percent_sol   38.75 
_exptl_crystal.description           ? 
_exptl_crystal.F_000                 ? 
_exptl_crystal.preparation           ? 
# 
_exptl_crystal_grow.crystal_id      1 
_exptl_crystal_grow.method          'VAPOR DIFFUSION, SITTING DROP' 
_exptl_crystal_grow.temp            291 
_exptl_crystal_grow.temp_details    ? 
_exptl_crystal_grow.pH              4.3 
_exptl_crystal_grow.pdbx_details    
'0.20M Succinic acid/KOH, pH4.3, 13-18% PEG8000, 0.75M Magnesium Nitrate, VAPOR DIFFUSION, SITTING DROP, temperature 291K' 
_exptl_crystal_grow.pdbx_pH_range   . 
# 
_diffrn.id                     1 
_diffrn.ambient_temp           100 
_diffrn.ambient_temp_details   ? 
_diffrn.crystal_id             1 
# 
_diffrn_detector.diffrn_id              1 
_diffrn_detector.detector               CCD 
_diffrn_detector.type                   'MARMOSAIC 325 mm CCD' 
_diffrn_detector.pdbx_collection_date   2008-04-28 
_diffrn_detector.details                ? 
# 
_diffrn_radiation.diffrn_id                        1 
_diffrn_radiation.wavelength_id                    1 
_diffrn_radiation.pdbx_monochromatic_or_laue_m_l   M 
_diffrn_radiation.monochromator                    'Double crystal monochromator Si(111)' 
_diffrn_radiation.pdbx_diffrn_protocol             'SINGLE WAVELENGTH' 
_diffrn_radiation.pdbx_scattering_type             x-ray 
# 
_diffrn_radiation_wavelength.id           1 
_diffrn_radiation_wavelength.wavelength   0.85503 
_diffrn_radiation_wavelength.wt           1.0 
# 
_diffrn_source.diffrn_id                   1 
_diffrn_source.source                      SYNCHROTRON 
_diffrn_source.type                        'SSRL BEAMLINE BL9-2' 
_diffrn_source.pdbx_synchrotron_site       SSRL 
_diffrn_source.pdbx_synchrotron_beamline   BL9-2 
_diffrn_source.pdbx_wavelength             ? 
_diffrn_source.pdbx_wavelength_list        0.85503 
# 
_reflns.entry_id                     3G21 
_reflns.observed_criterion_sigma_I   0 
_reflns.observed_criterion_sigma_F   0 
_reflns.d_resolution_low             27 
_reflns.d_resolution_high            0.90 
_reflns.number_obs                   46299 
_reflns.number_all                   46299 
_reflns.percent_possible_obs         89 
_reflns.pdbx_Rmerge_I_obs            0.058 
_reflns.pdbx_Rsym_value              ? 
_reflns.pdbx_netI_over_sigmaI        36.2 
_reflns.B_iso_Wilson_estimate        ? 
_reflns.pdbx_redundancy              11.1 
_reflns.R_free_details               ? 
_reflns.limit_h_max                  ? 
_reflns.limit_h_min                  ? 
_reflns.limit_k_max                  ? 
_reflns.limit_k_min                  ? 
_reflns.limit_l_max                  ? 
_reflns.limit_l_min                  ? 
_reflns.observed_criterion_F_max     ? 
_reflns.observed_criterion_F_min     ? 
_reflns.pdbx_chi_squared             ? 
_reflns.pdbx_scaling_rejects         ? 
_reflns.pdbx_diffrn_id               1 
_reflns.pdbx_ordinal                 1 
# 
_reflns_shell.d_res_high             0.90 
_reflns_shell.d_res_low              0.93 
_reflns_shell.percent_possible_all   30 
_reflns_shell.Rmerge_I_obs           0.167 
_reflns_shell.pdbx_Rsym_value        ? 
_reflns_shell.meanI_over_sigI_obs    7.2 
_reflns_shell.pdbx_redundancy        1.8 
_reflns_shell.percent_possible_obs   ? 
_reflns_shell.number_unique_all      1546 
_reflns_shell.number_measured_all    ? 
_reflns_shell.number_measured_obs    ? 
_reflns_shell.number_unique_obs      ? 
_reflns_shell.pdbx_chi_squared       ? 
_reflns_shell.pdbx_diffrn_id         ? 
_reflns_shell.pdbx_ordinal           1 
# 
_refine.entry_id                                 3G21 
_refine.ls_number_reflns_obs                     43916 
_refine.ls_number_reflns_all                     43916 
_refine.pdbx_ls_sigma_I                          0.0 
_refine.pdbx_ls_sigma_F                          0.0 
_refine.pdbx_data_cutoff_high_absF               ? 
_refine.pdbx_data_cutoff_low_absF                ? 
_refine.pdbx_data_cutoff_high_rms_absF           ? 
_refine.ls_d_res_low                             27.0 
_refine.ls_d_res_high                            0.90 
_refine.ls_percent_reflns_obs                    84.6 
_refine.ls_R_factor_obs                          0.124 
_refine.ls_R_factor_all                          ? 
_refine.ls_R_factor_R_work                       0.124 
_refine.ls_R_factor_R_free                       0.142 
_refine.ls_R_factor_R_free_error                 ? 
_refine.ls_R_factor_R_free_error_details         ? 
_refine.ls_percent_reflns_R_free                 ? 
_refine.ls_number_reflns_R_free                  2306 
_refine.ls_number_parameters                     7348 
_refine.ls_number_restraints                     10719 
_refine.occupancy_min                            ? 
_refine.occupancy_max                            ? 
_refine.correlation_coeff_Fo_to_Fc               ? 
_refine.correlation_coeff_Fo_to_Fc_free          ? 
_refine.B_iso_mean                               ? 
_refine.aniso_B[1][1]                            ? 
_refine.aniso_B[2][2]                            ? 
_refine.aniso_B[3][3]                            ? 
_refine.aniso_B[1][2]                            ? 
_refine.aniso_B[1][3]                            ? 
_refine.aniso_B[2][3]                            ? 
_refine.solvent_model_details                    'Moews and Kretsinger (Babinet scaling)' 
_refine.solvent_model_param_ksol                 ? 
_refine.solvent_model_param_bsol                 ? 
_refine.pdbx_solvent_vdw_probe_radii             ? 
_refine.pdbx_solvent_ion_probe_radii             ? 
_refine.pdbx_solvent_shrinkage_radii             ? 
_refine.pdbx_ls_cross_valid_method               'FREE R' 
_refine.details                                  'ANISOTROPIC REFINEMENT REDUCED FREE R (NO CUTOFF)' 
_refine.pdbx_starting_model                      'PDB ENTRY 3G1G' 
_refine.pdbx_method_to_determine_struct          'MOLECULAR REPLACEMENT' 
_refine.pdbx_isotropic_thermal_model             'Restrained Anisotropic Thermal Parameters' 
_refine.pdbx_stereochemistry_target_values       'Engh & Huber' 
_refine.pdbx_stereochem_target_val_spec_case     ? 
_refine.pdbx_R_Free_selection_details            RANDOM 
_refine.pdbx_overall_ESU_R                       ? 
_refine.pdbx_overall_ESU_R_Free                  ? 
_refine.overall_SU_ML                            ? 
_refine.overall_SU_B                             ? 
_refine.ls_redundancy_reflns_obs                 ? 
_refine.B_iso_min                                ? 
_refine.B_iso_max                                ? 
_refine.overall_SU_R_Cruickshank_DPI             ? 
_refine.overall_SU_R_free                        ? 
_refine.ls_wR_factor_R_free                      ? 
_refine.ls_wR_factor_R_work                      ? 
_refine.overall_FOM_free_R_set                   ? 
_refine.overall_FOM_work_R_set                   ? 
_refine.pdbx_refine_id                           'X-RAY DIFFRACTION' 
_refine.pdbx_overall_phase_error                 ? 
_refine.pdbx_diffrn_id                           1 
_refine.pdbx_TLS_residual_ADP_flag               ? 
_refine.pdbx_overall_SU_R_free_Cruickshank_DPI   ? 
_refine.pdbx_overall_SU_R_Blow_DPI               ? 
_refine.pdbx_overall_SU_R_free_Blow_DPI          ? 
# 
_refine_analyze.entry_id                        3G21 
_refine_analyze.Luzzati_coordinate_error_obs    ? 
_refine_analyze.Luzzati_sigma_a_obs             ? 
_refine_analyze.Luzzati_d_res_low_obs           ? 
_refine_analyze.Luzzati_coordinate_error_free   ? 
_refine_analyze.Luzzati_sigma_a_free            ? 
_refine_analyze.Luzzati_d_res_low_free          ? 
_refine_analyze.number_disordered_residues      42 
_refine_analyze.occupancy_sum_hydrogen          583.31 
_refine_analyze.occupancy_sum_non_hydrogen      669.09 
_refine_analyze.pdbx_Luzzati_d_res_high_obs     ? 
_refine_analyze.pdbx_refine_id                  'X-RAY DIFFRACTION' 
# 
_refine_hist.pdbx_refine_id                   'X-RAY DIFFRACTION' 
_refine_hist.cycle_id                         LAST 
_refine_hist.pdbx_number_atoms_protein        707 
_refine_hist.pdbx_number_atoms_nucleic_acid   0 
_refine_hist.pdbx_number_atoms_ligand         4 
_refine_hist.number_atoms_solvent             101 
_refine_hist.number_atoms_total               812 
_refine_hist.d_res_high                       0.90 
_refine_hist.d_res_low                        27.0 
# 
loop_
_refine_ls_restr.type 
_refine_ls_restr.dev_ideal 
_refine_ls_restr.dev_ideal_target 
_refine_ls_restr.weight 
_refine_ls_restr.number 
_refine_ls_restr.pdbx_refine_id 
_refine_ls_restr.pdbx_restraint_function 
s_bond_d               0.018  ? ? ? 'X-RAY DIFFRACTION' ? 
s_angle_d              0.035  ? ? ? 'X-RAY DIFFRACTION' ? 
s_similar_dist         0.000  ? ? ? 'X-RAY DIFFRACTION' ? 
s_from_restr_planes    0.0252 ? ? ? 'X-RAY DIFFRACTION' ? 
s_zero_chiral_vol      0.114  ? ? ? 'X-RAY DIFFRACTION' ? 
s_non_zero_chiral_vol  0.112  ? ? ? 'X-RAY DIFFRACTION' ? 
s_anti_bump_dis_restr  0.164  ? ? ? 'X-RAY DIFFRACTION' ? 
s_rigid_bond_adp_cmpnt 0.007  ? ? ? 'X-RAY DIFFRACTION' ? 
s_similar_adp_cmpnt    0.031  ? ? ? 'X-RAY DIFFRACTION' ? 
s_approx_iso_adps      0.078  ? ? ? 'X-RAY DIFFRACTION' ? 
# 
_pdbx_refine.entry_id                                    3G21 
_pdbx_refine.R_factor_all_no_cutoff                      0.1237 
_pdbx_refine.R_factor_obs_no_cutoff                      ? 
_pdbx_refine.free_R_factor_no_cutoff                     ? 
_pdbx_refine.free_R_error_no_cutoff                      ? 
_pdbx_refine.free_R_val_test_set_size_perc_no_cutoff     ? 
_pdbx_refine.free_R_val_test_set_ct_no_cutoff            ? 
_pdbx_refine.R_factor_all_4sig_cutoff                    0.1221 
_pdbx_refine.R_factor_obs_4sig_cutoff                    ? 
_pdbx_refine.free_R_factor_4sig_cutoff                   ? 
_pdbx_refine.free_R_val_test_set_size_perc_4sig_cutoff   ? 
_pdbx_refine.free_R_val_test_set_ct_4sig_cutoff          ? 
_pdbx_refine.number_reflns_obs_4sig_cutoff               42426 
_pdbx_refine.pdbx_refine_id                              'X-RAY DIFFRACTION' 
# 
_struct.entry_id                  3G21 
_struct.title                     'Crystal structure of the C-terminal domain of the Rous Sarcoma Virus capsid protein: Low pH' 
_struct.pdbx_model_details        ? 
_struct.pdbx_CASP_flag            ? 
_struct.pdbx_model_type_details   ? 
# 
_struct_keywords.entry_id        3G21 
_struct_keywords.pdbx_keywords   'VIRAL PROTEIN' 
_struct_keywords.text            'ALPHA-HELICAL BUNDLE, CAPSID PROTEIN, VIRION, VIRAL PROTEIN, RETROVIRUS' 
# 
loop_
_struct_asym.id 
_struct_asym.pdbx_blank_PDB_chainid_flag 
_struct_asym.pdbx_modified 
_struct_asym.entity_id 
_struct_asym.details 
A N N 1 ? 
B N N 2 ? 
C N N 3 ? 
# 
_struct_biol.id        1 
_struct_biol.details   ? 
# 
loop_
_struct_conf.conf_type_id 
_struct_conf.id 
_struct_conf.pdbx_PDB_helix_id 
_struct_conf.beg_label_comp_id 
_struct_conf.beg_label_asym_id 
_struct_conf.beg_label_seq_id 
_struct_conf.pdbx_beg_PDB_ins_code 
_struct_conf.end_label_comp_id 
_struct_conf.end_label_asym_id 
_struct_conf.end_label_seq_id 
_struct_conf.pdbx_end_PDB_ins_code 
_struct_conf.beg_auth_comp_id 
_struct_conf.beg_auth_asym_id 
_struct_conf.beg_auth_seq_id 
_struct_conf.end_auth_comp_id 
_struct_conf.end_auth_asym_id 
_struct_conf.end_auth_seq_id 
_struct_conf.pdbx_PDB_helix_class 
_struct_conf.details 
_struct_conf.pdbx_PDB_helix_length 
HELX_P HELX_P1 1 PRO A 3  ? ILE A 7  ? PRO A 152 ILE A 156 5 ? 5  
HELX_P HELX_P2 2 SER A 14 ? GLY A 28 ? SER A 163 GLY A 177 1 ? 15 
HELX_P HELX_P3 3 PRO A 32 ? SER A 34 ? PRO A 181 SER A 183 5 ? 3  
HELX_P HELX_P4 4 ALA A 35 ? SER A 48 ? ALA A 184 SER A 197 1 ? 14 
HELX_P HELX_P5 5 GLN A 49 ? ARG A 57 ? GLN A 198 ARG A 206 1 ? 9  
HELX_P HELX_P6 6 THR A 65 ? ASP A 75 ? THR A 214 ASP A 224 1 ? 11 
# 
_struct_conf_type.id          HELX_P 
_struct_conf_type.criteria    ? 
_struct_conf_type.reference   ? 
# 
_struct_site.id                   AC1 
_struct_site.pdbx_evidence_code   Software 
_struct_site.pdbx_auth_asym_id    A 
_struct_site.pdbx_auth_comp_id    NO3 
_struct_site.pdbx_auth_seq_id     1 
_struct_site.pdbx_auth_ins_code   ? 
_struct_site.pdbx_num_residues    8 
_struct_site.details              'BINDING SITE FOR RESIDUE NO3 A 1' 
# 
loop_
_struct_site_gen.id 
_struct_site_gen.site_id 
_struct_site_gen.pdbx_num_res 
_struct_site_gen.label_comp_id 
_struct_site_gen.label_asym_id 
_struct_site_gen.label_seq_id 
_struct_site_gen.pdbx_auth_ins_code 
_struct_site_gen.auth_comp_id 
_struct_site_gen.auth_asym_id 
_struct_site_gen.auth_seq_id 
_struct_site_gen.label_atom_id 
_struct_site_gen.label_alt_id 
_struct_site_gen.symmetry 
_struct_site_gen.details 
1 AC1 8 HOH C .  ? HOH A 104 . ? 1_555 ? 
2 AC1 8 ASP A 51 ? ASP A 200 . ? 4_655 ? 
3 AC1 8 ILE A 52 ? ILE A 201 . ? 4_655 ? 
4 AC1 8 LEU A 55 ? LEU A 204 . ? 4_655 ? 
5 AC1 8 GLY A 67 ? GLY A 216 . ? 1_555 ? 
6 AC1 8 GLU A 68 ? GLU A 217 . ? 1_555 ? 
7 AC1 8 LYS A 71 ? LYS A 220 . ? 1_555 ? 
8 AC1 8 GLN A 77 ? GLN A 226 . ? 4_655 ? 
# 
_atom_sites.entry_id                    3G21 
_atom_sites.fract_transf_matrix[1][1]   -0.01130879 
_atom_sites.fract_transf_matrix[1][2]   0.02824827 
_atom_sites.fract_transf_matrix[1][3]   -0.01902050 
_atom_sites.fract_transf_matrix[2][1]   -0.01440121 
_atom_sites.fract_transf_matrix[2][2]   -0.00486082 
_atom_sites.fract_transf_matrix[2][3]   -0.03250599 
_atom_sites.fract_transf_matrix[3][1]   -0.00795952 
_atom_sites.fract_transf_matrix[3][2]   -0.00073780 
_atom_sites.fract_transf_matrix[3][3]   0.00363665 
_atom_sites.fract_transf_vector[1]      0.268251 
_atom_sites.fract_transf_vector[2]      -0.078582 
_atom_sites.fract_transf_vector[3]      0.070006 
# 
loop_
_atom_type.symbol 
C 
N 
O 
S 
# 
loop_
_atom_site.group_PDB 
_atom_site.id 
_atom_site.type_symbol 
_atom_site.label_atom_id 
_atom_site.label_alt_id 
_atom_site.label_comp_id 
_atom_site.label_asym_id 
_atom_site.label_entity_id 
_atom_site.label_seq_id 
_atom_site.pdbx_PDB_ins_code 
_atom_site.Cartn_x 
_atom_site.Cartn_y 
_atom_site.Cartn_z 
_atom_site.occupancy 
_atom_site.B_iso_or_equiv 
_atom_site.pdbx_formal_charge 
_atom_site.auth_seq_id 
_atom_site.auth_comp_id 
_atom_site.auth_asym_id 
_atom_site.auth_atom_id 
_atom_site.pdbx_PDB_model_num 
ATOM   1   N N   . ALA A 1 1  ? -12.794 -1.486  -12.421 0.50 21.38 ? 150 ALA A N   1 
ATOM   2   C CA  . ALA A 1 1  ? -11.583 -1.595  -11.653 0.50 16.28 ? 150 ALA A CA  1 
ATOM   3   C C   . ALA A 1 1  ? -11.760 -2.645  -10.564 0.50 14.47 ? 150 ALA A C   1 
ATOM   4   O O   . ALA A 1 1  ? -12.929 -3.052  -10.352 0.50 18.40 ? 150 ALA A O   1 
ATOM   5   C CB  . ALA A 1 1  ? -11.219 -0.228  -11.096 0.50 19.80 ? 150 ALA A CB  1 
ATOM   6   N N   . GLY A 1 2  ? -10.676 -3.094  -9.930  0.50 14.03 ? 151 GLY A N   1 
ATOM   7   C CA  . GLY A 1 2  ? -10.750 -4.144  -8.956  0.50 14.88 ? 151 GLY A CA  1 
ATOM   8   C C   . GLY A 1 2  ? -11.353 -3.726  -7.631  0.50 13.54 ? 151 GLY A C   1 
ATOM   9   O O   . GLY A 1 2  ? -11.440 -2.524  -7.341  0.50 12.01 ? 151 GLY A O   1 
ATOM   10  N N   . PRO A 1 3  ? -11.803 -4.683  -6.813  1.00 15.73 ? 152 PRO A N   1 
ATOM   11  C CA  . PRO A 1 3  ? -12.349 -4.266  -5.550  1.00 12.26 ? 152 PRO A CA  1 
ATOM   12  C C   . PRO A 1 3  ? -11.243 -3.889  -4.601  1.00 10.13 ? 152 PRO A C   1 
ATOM   13  O O   . PRO A 1 3  ? -10.616 -4.739  -3.973  1.00 11.41 ? 152 PRO A O   1 
ATOM   14  C CB  . PRO A 1 3  ? -13.195 -5.393  -5.023  1.00 13.98 ? 152 PRO A CB  1 
ATOM   15  C CG  . PRO A 1 3  ? -12.706 -6.600  -5.743  1.00 19.67 ? 152 PRO A CG  1 
ATOM   16  C CD  . PRO A 1 3  ? -12.043 -6.076  -6.976  1.00 19.88 ? 152 PRO A CD  1 
ATOM   17  N N   . TRP A 1 4  ? -11.007 -2.554  -4.482  1.00 8.89  ? 153 TRP A N   1 
ATOM   18  C CA  . TRP A 1 4  ? -9.881  -2.073  -3.710  1.00 8.48  ? 153 TRP A CA  1 
ATOM   19  C C   . TRP A 1 4  ? -9.858  -2.544  -2.282  1.00 7.80  ? 153 TRP A C   1 
ATOM   20  O O   . TRP A 1 4  ? -8.807  -2.750  -1.721  1.00 9.10  ? 153 TRP A O   1 
ATOM   21  C CB  . TRP A 1 4  ? -9.745  -0.538  -3.805  1.00 8.76  ? 153 TRP A CB  1 
ATOM   22  C CG  . TRP A 1 4  ? -10.856 0.188   -3.185  1.00 8.23  ? 153 TRP A CG  1 
ATOM   23  C CD1 . TRP A 1 4  ? -11.972 0.716   -3.840  1.00 8.28  ? 153 TRP A CD1 1 
ATOM   24  C CD2 . TRP A 1 4  ? -11.030 0.525   -1.803  1.00 7.47  ? 153 TRP A CD2 1 
ATOM   25  N NE1 . TRP A 1 4  ? -12.802 1.336   -2.951  1.00 8.20  ? 153 TRP A NE1 1 
ATOM   26  C CE2 . TRP A 1 4  ? -12.238 1.221   -1.685  1.00 7.63  ? 153 TRP A CE2 1 
ATOM   27  C CE3 . TRP A 1 4  ? -10.288 0.279   -0.653  1.00 7.84  ? 153 TRP A CE3 1 
ATOM   28  C CZ2 . TRP A 1 4  ? -12.722 1.688   -0.495  1.00 8.11  ? 153 TRP A CZ2 1 
ATOM   29  C CZ3 . TRP A 1 4  ? -10.751 0.725   0.565   1.00 8.34  ? 153 TRP A CZ3 1 
ATOM   30  C CH2 . TRP A 1 4  ? -11.967 1.421   0.620   1.00 8.38  ? 153 TRP A CH2 1 
ATOM   31  N N   . ALA A 1 5  ? -11.063 -2.694  -1.664  1.00 7.73  ? 154 ALA A N   1 
ATOM   32  C CA  . ALA A 1 5  ? -11.128 -3.048  -0.272  1.00 8.19  ? 154 ALA A CA  1 
ATOM   33  C C   . ALA A 1 5  ? -10.824 -4.533  -0.042  1.00 8.30  ? 154 ALA A C   1 
ATOM   34  O O   . ALA A 1 5  ? -10.668 -4.923  1.152   1.00 9.03  ? 154 ALA A O   1 
ATOM   35  C CB  . ALA A 1 5  ? -12.465 -2.631  0.319   1.00 8.56  ? 154 ALA A CB  1 
ATOM   36  N N   . ASP A 1 6  ? -10.709 -5.304  -1.098  1.00 9.04  ? 155 ASP A N   1 
ATOM   37  C CA  . ASP A 1 6  ? -10.340 -6.723  -1.028  1.00 10.56 ? 155 ASP A CA  1 
ATOM   38  C C   . ASP A 1 6  ? -8.880  -6.984  -1.276  1.00 10.27 ? 155 ASP A C   1 
ATOM   39  O O   . ASP A 1 6  ? -8.408  -8.089  -1.140  1.00 16.48 ? 155 ASP A O   1 
ATOM   40  C CB  . ASP A 1 6  ? -11.001 -7.503  -2.193  1.00 15.06 ? 155 ASP A CB  1 
ATOM   41  C CG  . ASP A 1 6  ? -12.421 -7.768  -2.136  0.50 13.29 ? 155 ASP A CG  1 
ATOM   42  O OD1 . ASP A 1 6  ? -12.903 -7.652  -1.014  0.50 15.38 ? 155 ASP A OD1 1 
ATOM   43  O OD2 . ASP A 1 6  ? -12.956 -8.176  -3.191  0.50 15.35 ? 155 ASP A OD2 1 
ATOM   44  N N   . ILE A 1 7  ? -8.097  -5.978  -1.615  1.00 8.82  ? 156 ILE A N   1 
ATOM   45  C CA  . ILE A 1 7  ? -6.733  -6.150  -2.024  1.00 9.19  ? 156 ILE A CA  1 
ATOM   46  C C   . ILE A 1 7  ? -5.776  -6.245  -0.828  1.00 9.03  ? 156 ILE A C   1 
ATOM   47  O O   . ILE A 1 7  ? -5.790  -5.398  0.076   1.00 9.10  ? 156 ILE A O   1 
ATOM   48  C CB  . ILE A 1 7  ? -6.300  -5.024  -2.950  1.00 9.48  ? 156 ILE A CB  1 
ATOM   49  C CG1 . ILE A 1 7  ? -7.056  -5.188  -4.258  1.00 10.33 ? 156 ILE A CG1 1 
ATOM   50  C CG2 . ILE A 1 7  ? -4.755  -4.964  -3.215  1.00 11.08 ? 156 ILE A CG2 1 
ATOM   51  C CD1 . ILE A 1 7  ? -6.826  -4.050  -5.181  1.00 11.51 ? 156 ILE A CD1 1 
ATOM   52  N N   . MET A 1 8  ? -5.050  -7.330  -0.788  1.00 10.50 ? 157 MET A N   1 
ATOM   53  C CA  . MET A 1 8  ? -4.093  -7.610  0.290   1.00 10.38 ? 157 MET A CA  1 
ATOM   54  C C   . MET A 1 8  ? -2.804  -8.082  -0.345  1.00 10.05 ? 157 MET A C   1 
ATOM   55  O O   . MET A 1 8  ? -2.795  -8.735  -1.364  1.00 12.70 ? 157 MET A O   1 
ATOM   56  C CB  . MET A 1 8  ? -4.620  -8.497  1.363   1.00 15.73 ? 157 MET A CB  1 
ATOM   57  C CG  . MET A 1 8  ? -4.615  -9.935  1.072   1.00 24.53 ? 157 MET A CG  1 
ATOM   58  S SD  . MET A 1 8  ? -5.515  -10.756 2.418   1.00 48.85 ? 157 MET A SD  1 
ATOM   59  C CE  . MET A 1 8  ? -4.896  -10.006 3.919   1.00 72.85 ? 157 MET A CE  1 
ATOM   60  N N   A GLN A 1 9  ? -1.749  -7.825  0.385   0.62 9.17  ? 158 GLN A N   1 
ATOM   61  N N   B GLN A 1 9  ? -1.637  -7.699  0.233   0.38 9.54  ? 158 GLN A N   1 
ATOM   62  C CA  A GLN A 1 9  ? -0.521  -8.398  -0.169  0.62 7.51  ? 158 GLN A CA  1 
ATOM   63  C CA  B GLN A 1 9  ? -0.247  -7.920  -0.189  0.38 8.36  ? 158 GLN A CA  1 
ATOM   64  C C   A GLN A 1 9  ? -0.452  -9.897  0.109   0.62 7.36  ? 158 GLN A C   1 
ATOM   65  C C   B GLN A 1 9  ? 0.052   -9.400  -0.110  0.38 7.82  ? 158 GLN A C   1 
ATOM   66  O O   A GLN A 1 9  ? -0.409  -10.275 1.252   0.62 9.16  ? 158 GLN A O   1 
ATOM   67  O O   B GLN A 1 9  ? -0.185  -9.953  0.969   0.38 9.31  ? 158 GLN A O   1 
ATOM   68  C CB  A GLN A 1 9  ? 0.621   -7.650  0.491   0.62 7.34  ? 158 GLN A CB  1 
ATOM   69  C CB  B GLN A 1 9  ? 0.841   -7.197  0.631   0.38 7.81  ? 158 GLN A CB  1 
ATOM   70  C CG  A GLN A 1 9  ? 1.965   -8.050  -0.083  0.62 7.72  ? 158 GLN A CG  1 
ATOM   71  C CG  B GLN A 1 9  ? 2.271   -7.446  0.150   0.38 9.07  ? 158 GLN A CG  1 
ATOM   72  C CD  A GLN A 1 9  ? 3.100   -7.488  0.690   0.62 7.25  ? 158 GLN A CD  1 
ATOM   73  C CD  B GLN A 1 9  ? 3.375   -6.845  0.983   0.38 8.52  ? 158 GLN A CD  1 
ATOM   74  O OE1 A GLN A 1 9  ? 2.972   -6.690  1.640   0.62 8.15  ? 158 GLN A OE1 1 
ATOM   75  O OE1 B GLN A 1 9  ? 3.018   -6.196  1.972   0.38 8.72  ? 158 GLN A OE1 1 
ATOM   76  N NE2 A GLN A 1 9  ? 4.306   -7.945  0.342   0.62 7.83  ? 158 GLN A NE2 1 
ATOM   77  N NE2 B GLN A 1 9  ? 4.621   -6.992  0.586   0.38 11.32 ? 158 GLN A NE2 1 
ATOM   78  N N   A GLY A 1 10 ? -0.397  -10.641 -1.005  0.62 7.87  ? 159 GLY A N   1 
ATOM   79  N N   B GLY A 1 10 ? 0.507   -10.003 -1.235  0.38 9.23  ? 159 GLY A N   1 
ATOM   80  C CA  A GLY A 1 10 ? -0.282  -12.072 -0.855  0.62 9.77  ? 159 GLY A CA  1 
ATOM   81  C CA  B GLY A 1 10 ? 0.734   -11.424 -1.120  0.38 10.50 ? 159 GLY A CA  1 
ATOM   82  C C   A GLY A 1 10 ? 1.132   -12.524 -0.575  0.62 8.68  ? 159 GLY A C   1 
ATOM   83  C C   B GLY A 1 10 ? 1.961   -11.850 -0.346  0.38 11.42 ? 159 GLY A C   1 
ATOM   84  O O   A GLY A 1 10 ? 2.083   -11.726 -0.692  0.62 8.47  ? 159 GLY A O   1 
ATOM   85  O O   B GLY A 1 10 ? 2.790   -11.018 0.021   0.38 10.37 ? 159 GLY A O   1 
ATOM   86  N N   A PRO A 1 11 ? 1.306   -13.796 -0.176  0.62 11.79 ? 160 PRO A N   1 
ATOM   87  N N   B PRO A 1 11 ? 2.079   -13.156 -0.096  0.38 13.28 ? 160 PRO A N   1 
ATOM   88  C CA  A PRO A 1 11 ? 2.662   -14.209 0.248   0.62 14.17 ? 160 PRO A CA  1 
ATOM   89  C CA  B PRO A 1 11 ? 3.149   -13.605 0.781   0.38 13.79 ? 160 PRO A CA  1 
ATOM   90  C C   A PRO A 1 11 ? 3.643   -14.341 -0.877  0.62 14.17 ? 160 PRO A C   1 
ATOM   91  C C   B PRO A 1 11 ? 4.542   -13.350 0.226   0.38 13.45 ? 160 PRO A C   1 
ATOM   92  O O   A PRO A 1 11 ? 4.847   -14.393 -0.639  0.62 19.59 ? 160 PRO A O   1 
ATOM   93  O O   B PRO A 1 11 ? 5.425   -13.086 1.032   0.38 21.18 ? 160 PRO A O   1 
ATOM   94  C CB  A PRO A 1 11 ? 2.355   -15.534 1.011   0.62 17.84 ? 160 PRO A CB  1 
ATOM   95  C CB  B PRO A 1 11 ? 2.886   -15.104 0.973   0.38 15.27 ? 160 PRO A CB  1 
ATOM   96  C CG  A PRO A 1 11 ? 1.153   -16.040 0.295   0.62 17.52 ? 160 PRO A CG  1 
ATOM   97  C CG  B PRO A 1 11 ? 1.997   -15.482 -0.163  0.38 15.65 ? 160 PRO A CG  1 
ATOM   98  C CD  A PRO A 1 11 ? 0.293   -14.821 -0.011  0.62 14.03 ? 160 PRO A CD  1 
ATOM   99  C CD  B PRO A 1 11 ? 1.199   -14.254 -0.544  0.38 12.78 ? 160 PRO A CD  1 
ATOM   100 N N   A SER A 1 12 ? 3.210   -14.328 -2.145  0.62 11.95 ? 161 SER A N   1 
ATOM   101 N N   B SER A 1 12 ? 4.727   -13.399 -1.077  0.38 12.48 ? 161 SER A N   1 
ATOM   102 C CA  A SER A 1 12 ? 4.185   -14.285 -3.255  0.62 12.08 ? 161 SER A CA  1 
ATOM   103 C CA  B SER A 1 12 ? 6.005   -13.174 -1.731  0.38 12.84 ? 161 SER A CA  1 
ATOM   104 C C   A SER A 1 12 ? 4.212   -12.929 -3.966  0.62 10.83 ? 161 SER A C   1 
ATOM   105 C C   B SER A 1 12 ? 6.012   -11.876 -2.531  0.38 11.67 ? 161 SER A C   1 
ATOM   106 O O   A SER A 1 12 ? 4.821   -12.761 -5.018  0.62 12.67 ? 161 SER A O   1 
ATOM   107 O O   B SER A 1 12 ? 7.044   -11.607 -3.155  0.38 12.65 ? 161 SER A O   1 
ATOM   108 C CB  A SER A 1 12 ? 3.876   -15.478 -4.105  0.62 13.33 ? 161 SER A CB  1 
ATOM   109 C CB  B SER A 1 12 ? 6.420   -14.305 -2.708  0.38 14.65 ? 161 SER A CB  1 
ATOM   110 O OG  A SER A 1 12 ? 2.746   -15.119 -4.826  0.62 15.02 ? 161 SER A OG  1 
ATOM   111 O OG  B SER A 1 12 ? 5.427   -14.434 -3.729  0.38 18.04 ? 161 SER A OG  1 
ATOM   112 N N   A GLU A 1 13 ? 3.627   -11.924 -3.342  0.62 8.48  ? 162 GLU A N   1 
ATOM   113 N N   B GLU A 1 13 ? 4.928   -11.119 -2.480  0.38 9.81  ? 162 GLU A N   1 
ATOM   114 C CA  A GLU A 1 13 ? 3.652   -10.567 -3.852  0.62 7.91  ? 162 GLU A CA  1 
ATOM   115 C CA  B GLU A 1 13 ? 4.733   -9.946  -3.319  0.38 8.47  ? 162 GLU A CA  1 
ATOM   116 C C   A GLU A 1 13 ? 4.577   -9.661  -3.086  0.62 7.49  ? 162 GLU A C   1 
ATOM   117 C C   B GLU A 1 13 ? 5.498   -8.781  -2.687  0.38 8.40  ? 162 GLU A C   1 
ATOM   118 O O   A GLU A 1 13 ? 4.644   -9.732  -1.868  0.62 7.82  ? 162 GLU A O   1 
ATOM   119 O O   B GLU A 1 13 ? 5.489   -8.642  -1.486  0.38 9.69  ? 162 GLU A O   1 
ATOM   120 C CB  A GLU A 1 13 ? 2.226   -10.023 -3.705  0.62 10.16 ? 162 GLU A CB  1 
ATOM   121 C CB  B GLU A 1 13 ? 3.287   -9.558  -3.521  0.38 9.16  ? 162 GLU A CB  1 
ATOM   122 C CG  A GLU A 1 13 ? 1.891   -8.899  -4.580  0.62 11.65 ? 162 GLU A CG  1 
ATOM   123 C CG  B GLU A 1 13 ? 3.072   -8.355  -4.450  0.38 9.48  ? 162 GLU A CG  1 
ATOM   124 C CD  A GLU A 1 13 ? 0.434   -8.469  -4.517  0.62 10.53 ? 162 GLU A CD  1 
ATOM   125 C CD  B GLU A 1 13 ? 1.559   -8.059  -4.542  0.38 11.15 ? 162 GLU A CD  1 
ATOM   126 O OE1 A GLU A 1 13 ? -0.270  -8.795  -3.560  0.62 10.39 ? 162 GLU A OE1 1 
ATOM   127 O OE1 B GLU A 1 13 ? 0.845   -8.376  -3.572  0.38 11.86 ? 162 GLU A OE1 1 
ATOM   128 O OE2 A GLU A 1 13 ? 0.058   -7.735  -5.442  0.62 11.93 ? 162 GLU A OE2 1 
ATOM   129 O OE2 B GLU A 1 13 ? 1.222   -7.544  -5.634  0.38 13.68 ? 162 GLU A OE2 1 
ATOM   130 N N   A SER A 1 14 ? 5.326   -8.810  -3.810  0.62 7.25  ? 163 SER A N   1 
ATOM   131 N N   B SER A 1 14 ? 6.142   -7.964  -3.504  0.38 8.57  ? 163 SER A N   1 
ATOM   132 C CA  A SER A 1 14 ? 6.096   -7.799  -3.132  0.62 8.42  ? 163 SER A CA  1 
ATOM   133 C CA  B SER A 1 14 ? 6.826   -6.793  -2.988  0.38 8.75  ? 163 SER A CA  1 
ATOM   134 C C   A SER A 1 14 ? 5.172   -6.693  -2.654  0.62 6.81  ? 163 SER A C   1 
ATOM   135 C C   B SER A 1 14 ? 5.764   -5.762  -2.568  0.38 7.49  ? 163 SER A C   1 
ATOM   136 O O   A SER A 1 14 ? 4.033   -6.519  -3.075  0.62 6.86  ? 163 SER A O   1 
ATOM   137 O O   B SER A 1 14 ? 4.636   -5.734  -3.111  0.38 8.10  ? 163 SER A O   1 
ATOM   138 C CB  A SER A 1 14 ? 7.084   -7.222  -4.162  0.62 9.73  ? 163 SER A CB  1 
ATOM   139 C CB  B SER A 1 14 ? 7.741   -6.102  -3.966  0.38 9.23  ? 163 SER A CB  1 
ATOM   140 O OG  A SER A 1 14 ? 6.420   -6.552  -5.182  0.62 12.69 ? 163 SER A OG  1 
ATOM   141 O OG  B SER A 1 14 ? 7.136   -6.217  -5.214  0.38 20.72 ? 163 SER A OG  1 
ATOM   142 N N   A PHE A 1 15 ? 5.722   -5.855  -1.806  0.62 6.65  ? 164 PHE A N   1 
ATOM   143 N N   B PHE A 1 15 ? 6.173   -4.921  -1.642  0.38 7.94  ? 164 PHE A N   1 
ATOM   144 C CA  A PHE A 1 15 ? 4.970   -4.684  -1.368  0.62 6.46  ? 164 PHE A CA  1 
ATOM   145 C CA  B PHE A 1 15 ? 5.289   -3.852  -1.234  0.38 7.55  ? 164 PHE A CA  1 
ATOM   146 C C   A PHE A 1 15 ? 4.636   -3.806  -2.530  0.62 5.92  ? 164 PHE A C   1 
ATOM   147 C C   B PHE A 1 15 ? 4.964   -2.921  -2.389  0.38 7.40  ? 164 PHE A C   1 
ATOM   148 O O   A PHE A 1 15 ? 3.491   -3.311  -2.634  0.62 6.34  ? 164 PHE A O   1 
ATOM   149 O O   B PHE A 1 15 ? 3.846   -2.446  -2.602  0.38 8.14  ? 164 PHE A O   1 
ATOM   150 C CB  A PHE A 1 15 ? 5.768   -3.896  -0.315  0.62 7.13  ? 164 PHE A CB  1 
ATOM   151 C CB  B PHE A 1 15 ? 5.899   -3.093  -0.037  0.38 6.90  ? 164 PHE A CB  1 
ATOM   152 C CG  A PHE A 1 15 ? 5.006   -2.640  0.040   0.62 5.95  ? 164 PHE A CG  1 
ATOM   153 C CG  B PHE A 1 15 ? 5.002   -1.956  0.388   0.38 6.31  ? 164 PHE A CG  1 
ATOM   154 C CD1 A PHE A 1 15 ? 3.808   -2.688  0.721   0.62 6.31  ? 164 PHE A CD1 1 
ATOM   155 C CD1 B PHE A 1 15 ? 3.819   -2.192  1.072   0.38 5.47  ? 164 PHE A CD1 1 
ATOM   156 C CD2 A PHE A 1 15 ? 5.448   -1.377  -0.284  0.62 7.78  ? 164 PHE A CD2 1 
ATOM   157 C CD2 B PHE A 1 15 ? 5.413   -0.655  0.058   0.38 6.95  ? 164 PHE A CD2 1 
ATOM   158 C CE1 A PHE A 1 15 ? 3.094   -1.568  1.046   0.62 7.10  ? 164 PHE A CE1 1 
ATOM   159 C CE1 B PHE A 1 15 ? 3.031   -1.116  1.451   0.38 5.46  ? 164 PHE A CE1 1 
ATOM   160 C CE2 A PHE A 1 15 ? 4.726   -0.232  0.010   0.62 7.95  ? 164 PHE A CE2 1 
ATOM   161 C CE2 B PHE A 1 15 ? 4.585   0.396   0.457   0.38 6.85  ? 164 PHE A CE2 1 
ATOM   162 C CZ  A PHE A 1 15 ? 3.537   -0.322  0.701   0.62 7.60  ? 164 PHE A CZ  1 
ATOM   163 C CZ  B PHE A 1 15 ? 3.420   0.169   1.137   0.38 6.27  ? 164 PHE A CZ  1 
ATOM   164 N N   A VAL A 1 16 ? 5.577   -3.550  -3.401  0.62 6.22  ? 165 VAL A N   1 
ATOM   165 N N   B VAL A 1 16 ? 5.970   -2.584  -3.203  0.38 7.56  ? 165 VAL A N   1 
ATOM   166 C CA  A VAL A 1 16 ? 5.288   -2.607  -4.485  0.62 7.16  ? 165 VAL A CA  1 
ATOM   167 C CA  B VAL A 1 16 ? 5.707   -1.653  -4.299  0.38 8.25  ? 165 VAL A CA  1 
ATOM   168 C C   A VAL A 1 16 ? 4.242   -3.201  -5.434  0.62 6.84  ? 165 VAL A C   1 
ATOM   169 C C   B VAL A 1 16 ? 4.710   -2.217  -5.294  0.38 7.27  ? 165 VAL A C   1 
ATOM   170 O O   A VAL A 1 16 ? 3.403   -2.477  -5.967  0.62 7.57  ? 165 VAL A O   1 
ATOM   171 O O   B VAL A 1 16 ? 3.782   -1.565  -5.842  0.38 8.56  ? 165 VAL A O   1 
ATOM   172 C CB  A VAL A 1 16 ? 6.561   -2.085  -5.174  0.62 7.68  ? 165 VAL A CB  1 
ATOM   173 C CB  B VAL A 1 16 ? 7.037   -1.213  -4.891  0.38 8.06  ? 165 VAL A CB  1 
ATOM   174 C CG1 A VAL A 1 16 ? 7.084   -3.125  -6.171  0.62 10.05 ? 165 VAL A CG1 1 
ATOM   175 C CG1 B VAL A 1 16 ? 7.744   -2.341  -5.601  0.38 11.00 ? 165 VAL A CG1 1 
ATOM   176 C CG2 A VAL A 1 16 ? 6.258   -0.742  -5.827  0.62 10.01 ? 165 VAL A CG2 1 
ATOM   177 C CG2 B VAL A 1 16 ? 6.851   -0.023  -5.839  0.38 10.45 ? 165 VAL A CG2 1 
ATOM   178 N N   A ASP A 1 17 ? 4.265   -4.528  -5.685  0.62 6.86  ? 166 ASP A N   1 
ATOM   179 N N   B ASP A 1 17 ? 4.782   -3.490  -5.604  0.38 8.30  ? 166 ASP A N   1 
ATOM   180 C CA  A ASP A 1 17 ? 3.228   -5.028  -6.531  0.62 8.42  ? 166 ASP A CA  1 
ATOM   181 C CA  B ASP A 1 17 ? 3.856   -4.131  -6.507  0.38 8.79  ? 166 ASP A CA  1 
ATOM   182 C C   A ASP A 1 17 ? 1.830   -4.822  -5.895  0.62 6.59  ? 166 ASP A C   1 
ATOM   183 C C   B ASP A 1 17 ? 2.439   -4.197  -5.898  0.38 7.44  ? 166 ASP A C   1 
ATOM   184 O O   A ASP A 1 17 ? 0.844   -4.464  -6.598  0.62 7.88  ? 166 ASP A O   1 
ATOM   185 O O   B ASP A 1 17 ? 1.438   -3.986  -6.589  0.38 9.18  ? 166 ASP A O   1 
ATOM   186 C CB  A ASP A 1 17 ? 3.365   -6.482  -6.875  0.31 8.78  ? 166 ASP A CB  1 
ATOM   187 C CB  B ASP A 1 17 ? 4.338   -5.524  -6.966  0.19 8.75  ? 166 ASP A CB  1 
ATOM   188 C CG  A ASP A 1 17 ? 2.320   -6.729  -7.994  0.31 7.47  ? 166 ASP A CG  1 
ATOM   189 C CG  B ASP A 1 17 ? 3.268   -6.198  -7.817  0.19 10.18 ? 166 ASP A CG  1 
ATOM   190 O OD1 A ASP A 1 17 ? 2.442   -6.279  -9.149  0.37 13.10 ? 166 ASP A OD1 1 
ATOM   191 O OD1 B ASP A 1 17 ? 3.185   -5.707  -8.969  0.19 14.73 ? 166 ASP A OD1 1 
ATOM   192 O OD2 A ASP A 1 17 ? 1.358   -7.423  -7.629  0.31 7.77  ? 166 ASP A OD2 1 
ATOM   193 O OD2 B ASP A 1 17 ? 2.550   -7.143  -7.449  0.19 13.15 ? 166 ASP A OD2 1 
ATOM   194 N N   A PHE A 1 18 ? 1.718   -5.084  -4.610  0.62 6.13  ? 167 PHE A N   1 
ATOM   195 N N   B PHE A 1 18 ? 2.319   -4.549  -4.637  0.38 7.49  ? 167 PHE A N   1 
ATOM   196 C CA  A PHE A 1 18 ? 0.475   -4.735  -3.863  0.62 6.62  ? 167 PHE A CA  1 
ATOM   197 C CA  B PHE A 1 18 ? 1.028   -4.585  -3.936  0.38 7.99  ? 167 PHE A CA  1 
ATOM   198 C C   A PHE A 1 18 ? 0.162   -3.231  -3.914  0.62 7.31  ? 167 PHE A C   1 
ATOM   199 C C   B PHE A 1 18 ? 0.291   -3.258  -4.073  0.38 8.01  ? 167 PHE A C   1 
ATOM   200 O O   A PHE A 1 18 ? -0.989  -2.830  -4.145  0.62 5.88  ? 167 PHE A O   1 
ATOM   201 O O   B PHE A 1 18 ? -0.870  -3.133  -4.418  0.38 7.20  ? 167 PHE A O   1 
ATOM   202 C CB  A PHE A 1 18 ? 0.648   -5.285  -2.429  0.62 6.40  ? 167 PHE A CB  1 
ATOM   203 C CB  B PHE A 1 18 ? 1.231   -4.923  -2.460  0.38 7.41  ? 167 PHE A CB  1 
ATOM   204 C CG  A PHE A 1 18 ? -0.231  -4.597  -1.405  0.62 5.91  ? 167 PHE A CG  1 
ATOM   205 C CG  B PHE A 1 18 ? 0.228   -4.314  -1.499  0.38 5.81  ? 167 PHE A CG  1 
ATOM   206 C CD1 A PHE A 1 18 ? -1.575  -4.868  -1.290  0.62 6.86  ? 167 PHE A CD1 1 
ATOM   207 C CD1 B PHE A 1 18 ? -1.079  -4.689  -1.399  0.38 6.58  ? 167 PHE A CD1 1 
ATOM   208 C CD2 A PHE A 1 18 ? 0.334   -3.681  -0.537  0.62 6.78  ? 167 PHE A CD2 1 
ATOM   209 C CD2 B PHE A 1 18 ? 0.669   -3.306  -0.642  0.38 6.25  ? 167 PHE A CD2 1 
ATOM   210 C CE1 A PHE A 1 18 ? -2.320  -4.193  -0.319  0.62 7.28  ? 167 PHE A CE1 1 
ATOM   211 C CE1 B PHE A 1 18 ? -1.949  -4.088  -0.504  0.38 8.17  ? 167 PHE A CE1 1 
ATOM   212 C CE2 A PHE A 1 18 ? -0.393  -2.970  0.416   0.62 7.59  ? 167 PHE A CE2 1 
ATOM   213 C CE2 B PHE A 1 18 ? -0.184  -2.687  0.257   0.38 7.61  ? 167 PHE A CE2 1 
ATOM   214 C CZ  A PHE A 1 18 ? -1.747  -3.267  0.501   0.62 7.43  ? 167 PHE A CZ  1 
ATOM   215 C CZ  B PHE A 1 18 ? -1.512  -3.095  0.334   0.38 7.79  ? 167 PHE A CZ  1 
ATOM   216 N N   . ALA A 1 19 ? 1.141   -2.332  -3.721  1.00 7.72  ? 168 ALA A N   1 
ATOM   217 C CA  . ALA A 1 19 ? 0.833   -0.887  -3.748  1.00 7.46  ? 168 ALA A CA  1 
ATOM   218 C C   . ALA A 1 19 ? 0.289   -0.514  -5.108  1.00 7.18  ? 168 ALA A C   1 
ATOM   219 O O   . ALA A 1 19 ? -0.678  0.238   -5.225  1.00 7.46  ? 168 ALA A O   1 
ATOM   220 C CB  . ALA A 1 19 ? 2.026   -0.049  -3.377  1.00 8.88  ? 168 ALA A CB  1 
ATOM   221 N N   . ASN A 1 20 ? 0.922   -1.015  -6.178  1.00 7.31  ? 169 ASN A N   1 
ATOM   222 C CA  . ASN A 1 20 ? 0.483   -0.662  -7.523  1.00 7.37  ? 169 ASN A CA  1 
ATOM   223 C C   . ASN A 1 20 ? -0.908  -1.157  -7.786  1.00 7.16  ? 169 ASN A C   1 
ATOM   224 O O   . ASN A 1 20 ? -1.727  -0.440  -8.352  1.00 7.65  ? 169 ASN A O   1 
ATOM   225 C CB  . ASN A 1 20 ? 1.480   -1.222  -8.533  1.00 7.95  ? 169 ASN A CB  1 
ATOM   226 C CG  . ASN A 1 20 ? 2.844   -0.603  -8.441  1.00 8.16  ? 169 ASN A CG  1 
ATOM   227 O OD1 . ASN A 1 20 ? 2.978   0.497   -7.937  1.00 9.90  ? 169 ASN A OD1 1 
ATOM   228 N ND2 . ASN A 1 20 ? 3.833   -1.279  -8.962  1.00 9.60  ? 169 ASN A ND2 1 
ATOM   229 N N   . ARG A 1 21 ? -1.201  -2.382  -7.374  1.00 7.39  ? 170 ARG A N   1 
ATOM   230 C CA  A ARG A 1 21 ? -2.510  -3.019  -7.536  0.62 7.89  ? 170 ARG A CA  1 
ATOM   231 C CA  B ARG A 1 21 ? -2.554  -2.860  -7.714  0.38 7.94  ? 170 ARG A CA  1 
ATOM   232 C C   . ARG A 1 21 ? -3.584  -2.200  -6.791  1.00 7.26  ? 170 ARG A C   1 
ATOM   233 O O   . ARG A 1 21 ? -4.671  -1.901  -7.277  1.00 8.03  ? 170 ARG A O   1 
ATOM   234 C CB  A ARG A 1 21 ? -2.447  -4.498  -7.092  0.62 8.31  ? 170 ARG A CB  1 
ATOM   235 C CB  B ARG A 1 21 ? -2.773  -4.350  -7.627  0.38 10.73 ? 170 ARG A CB  1 
ATOM   236 C CG  A ARG A 1 21 ? -3.578  -5.426  -7.520  0.62 10.02 ? 170 ARG A CG  1 
ATOM   237 C CG  B ARG A 1 21 ? -1.680  -5.288  -7.927  0.38 10.10 ? 170 ARG A CG  1 
ATOM   238 C CD  A ARG A 1 21 ? -3.120  -6.884  -7.517  0.62 12.29 ? 170 ARG A CD  1 
ATOM   239 C CD  B ARG A 1 21 ? -1.740  -6.738  -7.609  0.38 10.90 ? 170 ARG A CD  1 
ATOM   240 N NE  A ARG A 1 21 ? -2.743  -7.407  -6.201  0.62 11.25 ? 170 ARG A NE  1 
ATOM   241 N NE  B ARG A 1 21 ? -1.471  -7.102  -6.231  0.38 10.61 ? 170 ARG A NE  1 
ATOM   242 C CZ  A ARG A 1 21 ? -3.634  -7.911  -5.349  0.62 9.91  ? 170 ARG A CZ  1 
ATOM   243 C CZ  B ARG A 1 21 ? -2.363  -7.508  -5.368  0.38 9.33  ? 170 ARG A CZ  1 
ATOM   244 N NH1 A ARG A 1 21 ? -4.926  -7.917  -5.591  0.62 10.87 ? 170 ARG A NH1 1 
ATOM   245 N NH1 B ARG A 1 21 ? -3.677  -7.638  -5.575  0.38 13.53 ? 170 ARG A NH1 1 
ATOM   246 N NH2 A ARG A 1 21 ? -3.240  -8.397  -4.189  0.62 11.79 ? 170 ARG A NH2 1 
ATOM   247 N NH2 B ARG A 1 21 ? -1.910  -7.818  -4.162  0.38 12.20 ? 170 ARG A NH2 1 
ATOM   248 N N   . LEU A 1 22 ? -3.266  -1.937  -5.547  1.00 7.00  ? 171 LEU A N   1 
ATOM   249 C CA  . LEU A 1 22 ? -4.153  -1.174  -4.668  1.00 6.81  ? 171 LEU A CA  1 
ATOM   250 C C   . LEU A 1 22 ? -4.471  0.193   -5.234  1.00 6.54  ? 171 LEU A C   1 
ATOM   251 O O   . LEU A 1 22 ? -5.637  0.608   -5.303  1.00 6.76  ? 171 LEU A O   1 
ATOM   252 C CB  . LEU A 1 22 ? -3.528  -1.043  -3.282  1.00 7.09  ? 171 LEU A CB  1 
ATOM   253 C CG  . LEU A 1 22 ? -4.288  -0.167  -2.279  1.00 7.53  ? 171 LEU A CG  1 
ATOM   254 C CD1 . LEU A 1 22 ? -5.607  -0.812  -1.854  1.00 9.39  ? 171 LEU A CD1 1 
ATOM   255 C CD2 . LEU A 1 22 ? -3.395  0.173   -1.123  1.00 8.38  ? 171 LEU A CD2 1 
ATOM   256 N N   . ILE A 1 23 ? -3.425  0.925   -5.610  1.00 6.34  ? 172 ILE A N   1 
ATOM   257 C CA  . ILE A 1 23 ? -3.604  2.286   -6.074  1.00 6.53  ? 172 ILE A CA  1 
ATOM   258 C C   . ILE A 1 23 ? -4.411  2.280   -7.379  1.00 6.59  ? 172 ILE A C   1 
ATOM   259 O O   . ILE A 1 23 ? -5.303  3.134   -7.545  1.00 7.18  ? 172 ILE A O   1 
ATOM   260 C CB  . ILE A 1 23 ? -2.263  3.024   -6.195  1.00 6.64  ? 172 ILE A CB  1 
ATOM   261 C CG1 . ILE A 1 23 ? -1.715  3.228   -4.769  1.00 6.56  ? 172 ILE A CG1 1 
ATOM   262 C CG2 . ILE A 1 23 ? -2.406  4.324   -6.947  1.00 7.77  ? 172 ILE A CG2 1 
ATOM   263 C CD1 . ILE A 1 23 ? -0.264  3.746   -4.738  1.00 8.66  ? 172 ILE A CD1 1 
ATOM   264 N N   . LYS A 1 24 ? -4.114  1.387   -8.299  1.00 7.41  ? 173 LYS A N   1 
ATOM   265 C CA  . LYS A 1 24 ? -4.912  1.321   -9.541  1.00 7.85  ? 173 LYS A CA  1 
ATOM   266 C C   . LYS A 1 24 ? -6.380  1.104   -9.202  1.00 7.67  ? 173 LYS A C   1 
ATOM   267 O O   . LYS A 1 24 ? -7.279  1.732   -9.790  1.00 8.89  ? 173 LYS A O   1 
ATOM   268 C CB  . LYS A 1 24 ? -4.384  0.259   -10.445 1.00 9.13  ? 173 LYS A CB  1 
ATOM   269 C CG  . LYS A 1 24 ? -4.961  0.210   -11.806 0.50 8.46  ? 173 LYS A CG  1 
ATOM   270 C CD  . LYS A 1 24 ? -4.277  -0.748  -12.749 0.25 7.89  ? 173 LYS A CD  1 
ATOM   271 C CE  . LYS A 1 24 ? -5.079  -0.959  -14.024 0.00 8.24  ? 173 LYS A CE  1 
ATOM   272 N NZ  . LYS A 1 24 ? -4.474  -2.005  -14.894 0.00 7.96  ? 173 LYS A NZ  1 
ATOM   273 N N   . ALA A 1 25 ? -6.687  0.194   -8.270  1.00 7.50  ? 174 ALA A N   1 
ATOM   274 C CA  . ALA A 1 25 ? -8.069  -0.079  -7.910  1.00 7.52  ? 174 ALA A CA  1 
ATOM   275 C C   . ALA A 1 25 ? -8.728  1.131   -7.231  1.00 7.44  ? 174 ALA A C   1 
ATOM   276 O O   . ALA A 1 25 ? -9.888  1.436   -7.492  1.00 8.43  ? 174 ALA A O   1 
ATOM   277 C CB  . ALA A 1 25 ? -8.139  -1.315  -7.034  1.00 8.69  ? 174 ALA A CB  1 
ATOM   278 N N   . VAL A 1 26 ? -8.013  1.813   -6.349  1.00 6.66  ? 175 VAL A N   1 
ATOM   279 C CA  . VAL A 1 26 ? -8.555  3.014   -5.715  1.00 6.76  ? 175 VAL A CA  1 
ATOM   280 C C   . VAL A 1 26 ? -8.832  4.089   -6.749  1.00 6.93  ? 175 VAL A C   1 
ATOM   281 O O   . VAL A 1 26 ? -9.873  4.757   -6.745  1.00 7.59  ? 175 VAL A O   1 
ATOM   282 C CB  . VAL A 1 26 ? -7.631  3.500   -4.584  1.00 6.77  ? 175 VAL A CB  1 
ATOM   283 C CG1 . VAL A 1 26 ? -8.013  4.889   -4.122  1.00 8.00  ? 175 VAL A CG1 1 
ATOM   284 C CG2 . VAL A 1 26 ? -7.628  2.516   -3.421  1.00 6.96  ? 175 VAL A CG2 1 
ATOM   285 N N   . GLU A 1 27 ? -7.907  4.297   -7.695  1.00 7.40  ? 176 GLU A N   1 
ATOM   286 C CA  . GLU A 1 27 ? -8.105  5.317   -8.714  1.00 7.97  ? 176 GLU A CA  1 
ATOM   287 C C   . GLU A 1 27 ? -9.295  5.004   -9.611  1.00 8.77  ? 176 GLU A C   1 
ATOM   288 O O   . GLU A 1 27 ? -9.934  5.919   -10.124 1.00 10.59 ? 176 GLU A O   1 
ATOM   289 C CB  . GLU A 1 27 ? -6.832  5.455   -9.569  1.00 8.87  ? 176 GLU A CB  1 
ATOM   290 C CG  . GLU A 1 27 ? -5.675  6.043   -8.794  1.00 8.73  ? 176 GLU A CG  1 
ATOM   291 C CD  . GLU A 1 27 ? -5.836  7.502   -8.410  1.00 9.17  ? 176 GLU A CD  1 
ATOM   292 O OE1 . GLU A 1 27 ? -6.629  8.220   -8.979  1.00 10.91 ? 176 GLU A OE1 1 
ATOM   293 O OE2 . GLU A 1 27 ? -5.058  7.888   -7.472  1.00 10.87 ? 176 GLU A OE2 1 
ATOM   294 N N   . GLY A 1 28 ? -9.579  3.723   -9.839  1.00 9.38  ? 177 GLY A N   1 
ATOM   295 C CA  . GLY A 1 28 ? -10.734 3.362   -10.630 1.00 11.16 ? 177 GLY A CA  1 
ATOM   296 C C   . GLY A 1 28 ? -12.041 3.282   -9.898  1.00 10.54 ? 177 GLY A C   1 
ATOM   297 O O   . GLY A 1 28 ? -13.061 3.006   -10.533 1.00 13.54 ? 177 GLY A O   1 
ATOM   298 N N   . SER A 1 29 ? -12.046 3.534   -8.611  1.00 9.33  ? 178 SER A N   1 
ATOM   299 C CA  . SER A 1 29 ? -13.221 3.475   -7.759  1.00 9.46  ? 178 SER A CA  1 
ATOM   300 C C   . SER A 1 29 ? -14.068 4.754   -7.878  1.00 9.67  ? 178 SER A C   1 
ATOM   301 O O   . SER A 1 29 ? -13.647 5.713   -8.475  1.00 10.30 ? 178 SER A O   1 
ATOM   302 C CB  . SER A 1 29 ? -12.805 3.287   -6.301  1.00 9.37  ? 178 SER A CB  1 
ATOM   303 O OG  . SER A 1 29 ? -12.374 4.460   -5.761  1.00 9.09  ? 178 SER A OG  1 
ATOM   304 N N   . ASP A 1 30 ? -15.200 4.700   -7.207  1.00 9.66  ? 179 ASP A N   1 
ATOM   305 C CA  . ASP A 1 30 ? -16.069 5.873   -7.081  1.00 10.52 ? 179 ASP A CA  1 
ATOM   306 C C   . ASP A 1 30 ? -15.710 6.738   -5.890  1.00 10.30 ? 179 ASP A C   1 
ATOM   307 O O   . ASP A 1 30 ? -16.502 7.681   -5.579  1.00 12.26 ? 179 ASP A O   1 
ATOM   308 C CB  . ASP A 1 30 ? -17.554 5.487   -7.073  1.00 12.70 ? 179 ASP A CB  1 
ATOM   309 C CG  . ASP A 1 30 ? -17.945 4.787   -5.822  1.00 14.54 ? 179 ASP A CG  1 
ATOM   310 O OD1 . ASP A 1 30 ? -17.065 4.440   -4.982  1.00 16.53 ? 179 ASP A OD1 1 
ATOM   311 O OD2 . ASP A 1 30 ? -19.144 4.562   -5.632  1.00 25.36 ? 179 ASP A OD2 1 
ATOM   312 N N   . LEU A 1 31 ? -14.659 6.633   -5.145  1.00 9.87  ? 180 LEU A N   1 
ATOM   313 C CA  . LEU A 1 31 ? -14.283 7.421   -4.045  1.00 9.89  ? 180 LEU A CA  1 
ATOM   314 C C   A LEU A 1 31 ? -14.060 8.853   -4.565  0.61 10.19 ? 180 LEU A C   1 
ATOM   315 C C   B LEU A 1 31 ? -14.041 8.863   -4.547  0.39 10.20 ? 180 LEU A C   1 
ATOM   316 O O   A LEU A 1 31 ? -13.548 9.038   -5.665  0.61 11.53 ? 180 LEU A O   1 
ATOM   317 O O   B LEU A 1 31 ? -13.459 9.082   -5.608  0.39 9.90  ? 180 LEU A O   1 
ATOM   318 C CB  . LEU A 1 31 ? -13.026 6.914   -3.400  1.00 9.58  ? 180 LEU A CB  1 
ATOM   319 C CG  . LEU A 1 31 ? -13.163 5.560   -2.691  1.00 9.08  ? 180 LEU A CG  1 
ATOM   320 C CD1 . LEU A 1 31 ? -11.780 5.105   -2.227  1.00 10.91 ? 180 LEU A CD1 1 
ATOM   321 C CD2 . LEU A 1 31 ? -14.121 5.683   -1.510  1.00 14.41 ? 180 LEU A CD2 1 
ATOM   322 N N   A PRO A 1 32 ? -14.359 9.815   -3.752  0.61 10.19 ? 181 PRO A N   1 
ATOM   323 N N   B PRO A 1 32 ? -14.432 9.845   -3.781  0.39 10.47 ? 181 PRO A N   1 
ATOM   324 C CA  A PRO A 1 32 ? -13.984 11.193  -4.090  0.61 11.36 ? 181 PRO A CA  1 
ATOM   325 C CA  B PRO A 1 32 ? -14.089 11.244  -4.094  0.39 11.20 ? 181 PRO A CA  1 
ATOM   326 C C   A PRO A 1 32 ? -12.471 11.316  -4.191  0.61 9.16  ? 181 PRO A C   1 
ATOM   327 C C   B PRO A 1 32 ? -12.576 11.437  -4.131  0.39 10.31 ? 181 PRO A C   1 
ATOM   328 O O   A PRO A 1 32 ? -11.723 10.578  -3.546  0.61 8.18  ? 181 PRO A O   1 
ATOM   329 O O   B PRO A 1 32 ? -11.905 10.802  -3.303  0.39 8.49  ? 181 PRO A O   1 
ATOM   330 C CB  A PRO A 1 32 ? -14.447 12.046  -2.925  0.61 13.00 ? 181 PRO A CB  1 
ATOM   331 C CB  B PRO A 1 32 ? -14.715 12.023  -2.943  0.39 12.14 ? 181 PRO A CB  1 
ATOM   332 C CG  A PRO A 1 32 ? -14.904 11.120  -1.896  0.61 14.00 ? 181 PRO A CG  1 
ATOM   333 C CG  B PRO A 1 32 ? -15.769 11.122  -2.384  0.39 12.53 ? 181 PRO A CG  1 
ATOM   334 C CD  A PRO A 1 32 ? -15.045 9.734   -2.443  0.61 12.20 ? 181 PRO A CD  1 
ATOM   335 C CD  B PRO A 1 32 ? -15.230 9.729   -2.542  0.39 11.15 ? 181 PRO A CD  1 
ATOM   336 N N   . PRO A 1 33 ? -12.050 12.233  -5.050  1.00 10.08 ? 182 PRO A N   1 
ATOM   337 C CA  . PRO A 1 33 ? -10.576 12.343  -5.210  1.00 10.31 ? 182 PRO A CA  1 
ATOM   338 C C   . PRO A 1 33 ? -9.860  12.576  -3.899  1.00 9.50  ? 182 PRO A C   1 
ATOM   339 O O   . PRO A 1 33 ? -8.788  11.997  -3.677  1.00 10.21 ? 182 PRO A O   1 
ATOM   340 C CB  . PRO A 1 33 ? -10.443 13.549  -6.160  1.00 11.98 ? 182 PRO A CB  1 
ATOM   341 C CG  . PRO A 1 33 ? -11.703 13.444  -7.000  1.00 13.98 ? 182 PRO A CG  1 
ATOM   342 C CD  . PRO A 1 33 ? -12.773 13.051  -6.030  1.00 12.53 ? 182 PRO A CD  1 
ATOM   343 N N   . SER A 1 34 ? -10.395 13.403  -2.997  1.00 10.25 ? 183 SER A N   1 
ATOM   344 C CA  A SER A 1 34 ? -9.735  13.685  -1.733  0.66 11.03 ? 183 SER A CA  1 
ATOM   345 C CA  B SER A 1 34 ? -9.648  13.661  -1.768  0.34 11.21 ? 183 SER A CA  1 
ATOM   346 C C   . SER A 1 34 ? -9.653  12.500  -0.781  1.00 10.07 ? 183 SER A C   1 
ATOM   347 O O   . SER A 1 34 ? -8.827  12.522  0.143   1.00 12.21 ? 183 SER A O   1 
ATOM   348 C CB  A SER A 1 34 ? -10.441 14.858  -1.029  0.66 14.87 ? 183 SER A CB  1 
ATOM   349 C CB  B SER A 1 34 ? -10.136 14.873  -0.971  0.34 13.04 ? 183 SER A CB  1 
ATOM   350 O OG  A SER A 1 34 ? -11.798 14.527  -0.725  0.66 19.08 ? 183 SER A OG  1 
ATOM   351 O OG  B SER A 1 34 ? -10.028 16.061  -1.707  0.34 16.10 ? 183 SER A OG  1 
ATOM   352 N N   . ALA A 1 35 ? -10.472 11.493  -0.985  1.00 9.11  ? 184 ALA A N   1 
ATOM   353 C CA  . ALA A 1 35 ? -10.453 10.303  -0.143  1.00 8.88  ? 184 ALA A CA  1 
ATOM   354 C C   . ALA A 1 35 ? -9.372  9.310   -0.545  1.00 7.80  ? 184 ALA A C   1 
ATOM   355 O O   . ALA A 1 35 ? -9.047  8.419   0.230   1.00 8.44  ? 184 ALA A O   1 
ATOM   356 C CB  . ALA A 1 35 ? -11.816 9.588   -0.211  1.00 10.45 ? 184 ALA A CB  1 
ATOM   357 N N   . ARG A 1 36 ? -8.824  9.431   -1.769  1.00 7.39  ? 185 ARG A N   1 
ATOM   358 C CA  . ARG A 1 36 ? -7.956  8.380   -2.268  1.00 7.10  ? 185 ARG A CA  1 
ATOM   359 C C   . ARG A 1 36 ? -6.709  8.209   -1.419  1.00 6.87  ? 185 ARG A C   1 
ATOM   360 O O   . ARG A 1 36 ? -6.379  7.103   -1.040  1.00 7.30  ? 185 ARG A O   1 
ATOM   361 C CB  . ARG A 1 36 ? -7.626  8.592   -3.723  1.00 7.28  ? 185 ARG A CB  1 
ATOM   362 C CG  . ARG A 1 36 ? -8.818  8.569   -4.662  1.00 7.79  ? 185 ARG A CG  1 
ATOM   363 C CD  . ARG A 1 36 ? -8.303  8.546   -6.080  1.00 11.73 ? 185 ARG A CD  1 
ATOM   364 N NE  . ARG A 1 36 ? -9.385  8.839   -7.022  1.00 11.19 ? 185 ARG A NE  1 
ATOM   365 C CZ  . ARG A 1 36 ? -9.489  9.863   -7.842  1.00 11.17 ? 185 ARG A CZ  1 
ATOM   366 N NH1 . ARG A 1 36 ? -8.575  10.782  -7.969  1.00 13.78 ? 185 ARG A NH1 1 
ATOM   367 N NH2 . ARG A 1 36 ? -10.582 9.971   -8.554  1.00 13.31 ? 185 ARG A NH2 1 
ATOM   368 N N   . ALA A 1 37 ? -5.948  9.307   -1.203  1.00 7.44  ? 186 ALA A N   1 
ATOM   369 C CA  . ALA A 1 37 ? -4.685  9.190   -0.472  1.00 7.85  ? 186 ALA A CA  1 
ATOM   370 C C   . ALA A 1 37 ? -4.894  8.643   0.937   1.00 7.30  ? 186 ALA A C   1 
ATOM   371 O O   . ALA A 1 37 ? -4.164  7.718   1.319   1.00 7.59  ? 186 ALA A O   1 
ATOM   372 C CB  . ALA A 1 37 ? -3.943  10.518  -0.470  1.00 9.51  ? 186 ALA A CB  1 
ATOM   373 N N   . PRO A 1 38 ? -5.844  9.146   1.742   1.00 7.67  ? 187 PRO A N   1 
ATOM   374 C CA  . PRO A 1 38 ? -5.994  8.576   3.080   1.00 8.06  ? 187 PRO A CA  1 
ATOM   375 C C   . PRO A 1 38 ? -6.415  7.111   3.057   1.00 6.89  ? 187 PRO A C   1 
ATOM   376 O O   . PRO A 1 38 ? -5.990  6.341   3.917   1.00 7.80  ? 187 PRO A O   1 
ATOM   377 C CB  . PRO A 1 38 ? -7.020  9.500   3.751   1.00 11.83 ? 187 PRO A CB  1 
ATOM   378 C CG  . PRO A 1 38 ? -7.464  10.427  2.772   1.00 14.69 ? 187 PRO A CG  1 
ATOM   379 C CD  . PRO A 1 38 ? -6.619  10.377  1.558   1.00 8.59  ? 187 PRO A CD  1 
ATOM   380 N N   . VAL A 1 39 ? -7.235  6.721   2.093   1.00 6.91  ? 188 VAL A N   1 
ATOM   381 C CA  . VAL A 1 39 ? -7.605  5.303   1.935   1.00 6.63  ? 188 VAL A CA  1 
ATOM   382 C C   . VAL A 1 39 ? -6.389  4.471   1.614   1.00 6.39  ? 188 VAL A C   1 
ATOM   383 O O   . VAL A 1 39 ? -6.179  3.390   2.194   1.00 6.51  ? 188 VAL A O   1 
ATOM   384 C CB  . VAL A 1 39 ? -8.734  5.161   0.914   1.00 7.37  ? 188 VAL A CB  1 
ATOM   385 C CG1 . VAL A 1 39 ? -8.858  3.704   0.431   1.00 8.09  ? 188 VAL A CG1 1 
ATOM   386 C CG2 . VAL A 1 39 ? -10.051 5.657   1.500   1.00 8.87  ? 188 VAL A CG2 1 
ATOM   387 N N   . ILE A 1 40 ? -5.566  4.947   0.673   1.00 6.04  ? 189 ILE A N   1 
ATOM   388 C CA  . ILE A 1 40 ? -4.367  4.211   0.298   1.00 6.30  ? 189 ILE A CA  1 
ATOM   389 C C   . ILE A 1 40 ? -3.455  4.031   1.509   1.00 6.19  ? 189 ILE A C   1 
ATOM   390 O O   . ILE A 1 40 ? -2.949  2.916   1.753   1.00 6.62  ? 189 ILE A O   1 
ATOM   391 C CB  . ILE A 1 40 ? -3.639  4.911   -0.872  1.00 6.47  ? 189 ILE A CB  1 
ATOM   392 C CG1 . ILE A 1 40 ? -4.475  4.787   -2.165  1.00 6.84  ? 189 ILE A CG1 1 
ATOM   393 C CG2 . ILE A 1 40 ? -2.253  4.336   -1.075  1.00 6.93  ? 189 ILE A CG2 1 
ATOM   394 C CD1 . ILE A 1 40 ? -4.137  5.834   -3.189  1.00 7.62  ? 189 ILE A CD1 1 
ATOM   395 N N   . ILE A 1 41 ? -3.235  5.109   2.255   1.00 6.36  ? 190 ILE A N   1 
ATOM   396 C CA  . ILE A 1 41 ? -2.369  4.999   3.453   1.00 6.97  ? 190 ILE A CA  1 
ATOM   397 C C   . ILE A 1 41 ? -2.925  3.998   4.440   1.00 6.66  ? 190 ILE A C   1 
ATOM   398 O O   . ILE A 1 41 ? -2.199  3.158   4.985   1.00 7.13  ? 190 ILE A O   1 
ATOM   399 C CB  . ILE A 1 41 ? -2.186  6.399   4.082   1.00 7.63  ? 190 ILE A CB  1 
ATOM   400 C CG1 . ILE A 1 41 ? -1.342  7.331   3.186   1.00 9.31  ? 190 ILE A CG1 1 
ATOM   401 C CG2 . ILE A 1 41 ? -1.637  6.325   5.512   1.00 9.27  ? 190 ILE A CG2 1 
ATOM   402 C CD1 . ILE A 1 41 ? 0.081   6.913   3.142   1.00 11.20 ? 190 ILE A CD1 1 
ATOM   403 N N   . ASP A 1 42 ? -4.243  4.081   4.709   1.00 6.64  ? 191 ASP A N   1 
ATOM   404 C CA  . ASP A 1 42 ? -4.812  3.103   5.663   1.00 6.71  ? 191 ASP A CA  1 
ATOM   405 C C   . ASP A 1 42 ? -4.654  1.667   5.174   1.00 6.29  ? 191 ASP A C   1 
ATOM   406 O O   . ASP A 1 42 ? -4.348  0.769   5.929   1.00 6.93  ? 191 ASP A O   1 
ATOM   407 C CB  . ASP A 1 42 ? -6.287  3.401   5.945   1.00 7.20  ? 191 ASP A CB  1 
ATOM   408 C CG  . ASP A 1 42 ? -6.614  4.487   6.929   1.00 9.19  ? 191 ASP A CG  1 
ATOM   409 O OD1 . ASP A 1 42 ? -5.681  5.317   7.229   1.00 11.18 ? 191 ASP A OD1 1 
ATOM   410 O OD2 . ASP A 1 42 ? -7.687  4.563   7.500   1.00 13.41 ? 191 ASP A OD2 1 
ATOM   411 N N   . CYS A 1 43 ? -4.876  1.456   3.875   1.00 6.23  ? 192 CYS A N   1 
ATOM   412 C CA  . CYS A 1 43 ? -4.734  0.112   3.342   1.00 6.20  ? 192 CYS A CA  1 
ATOM   413 C C   . CYS A 1 43 ? -3.271  -0.347  3.322   1.00 6.29  ? 192 CYS A C   1 
ATOM   414 O O   . CYS A 1 43 ? -2.996  -1.532  3.529   1.00 6.52  ? 192 CYS A O   1 
ATOM   415 C CB  . CYS A 1 43 ? -5.338  0.008   1.919   1.00 6.97  ? 192 CYS A CB  1 
ATOM   416 S SG  . CYS A 1 43 ? -7.167  0.111   1.950   1.00 8.05  ? 192 CYS A SG  1 
ATOM   417 N N   . PHE A 1 44 ? -2.307  0.566   3.101   1.00 6.07  ? 193 PHE A N   1 
ATOM   418 C CA  . PHE A 1 44 ? -0.908  0.186   3.281   1.00 6.64  ? 193 PHE A CA  1 
ATOM   419 C C   . PHE A 1 44 ? -0.663  -0.371  4.673   1.00 6.96  ? 193 PHE A C   1 
ATOM   420 O O   . PHE A 1 44 ? 0.039   -1.355  4.867   1.00 8.55  ? 193 PHE A O   1 
ATOM   421 C CB  . PHE A 1 44 ? 0.014   1.375   3.085   1.00 7.30  ? 193 PHE A CB  1 
ATOM   422 C CG  . PHE A 1 44 ? 0.304   1.829   1.665   1.00 7.11  ? 193 PHE A CG  1 
ATOM   423 C CD1 . PHE A 1 44 ? -0.208  1.194   0.549   1.00 7.63  ? 193 PHE A CD1 1 
ATOM   424 C CD2 . PHE A 1 44 ? 1.142   2.899   1.505   1.00 7.58  ? 193 PHE A CD2 1 
ATOM   425 C CE1 . PHE A 1 44 ? 0.184   1.628   -0.711  1.00 8.19  ? 193 PHE A CE1 1 
ATOM   426 C CE2 . PHE A 1 44 ? 1.509   3.343   0.247   1.00 8.00  ? 193 PHE A CE2 1 
ATOM   427 C CZ  . PHE A 1 44 ? 1.038   2.704   -0.844  1.00 7.71  ? 193 PHE A CZ  1 
ATOM   428 N N   . ARG A 1 45 ? -1.194  0.325   5.677   1.00 6.78  ? 194 ARG A N   1 
ATOM   429 C CA  . ARG A 1 45 ? -0.975  -0.060  7.071   1.00 7.52  ? 194 ARG A CA  1 
ATOM   430 C C   . ARG A 1 45 ? -1.672  -1.376  7.406   1.00 7.46  ? 194 ARG A C   1 
ATOM   431 O O   . ARG A 1 45 ? -1.154  -2.158  8.202   1.00 10.75 ? 194 ARG A O   1 
ATOM   432 C CB  . ARG A 1 45 ? -1.456  1.018   8.013   1.00 8.74  ? 194 ARG A CB  1 
ATOM   433 C CG  . ARG A 1 45 ? -0.705  2.318   7.928   1.00 9.27  ? 194 ARG A CG  1 
ATOM   434 C CD  . ARG A 1 45 ? -1.488  3.378   8.694   1.00 11.43 ? 194 ARG A CD  1 
ATOM   435 N NE  . ARG A 1 45 ? -0.900  4.684   8.702   1.00 11.54 ? 194 ARG A NE  1 
ATOM   436 C CZ  . ARG A 1 45 ? -1.546  5.791   9.002   1.00 12.20 ? 194 ARG A CZ  1 
ATOM   437 N NH1 . ARG A 1 45 ? -2.843  5.776   9.294   1.00 18.18 ? 194 ARG A NH1 1 
ATOM   438 N NH2 . ARG A 1 45 ? -0.979  6.966   8.986   1.00 15.76 ? 194 ARG A NH2 1 
ATOM   439 N N   . GLN A 1 46 ? -2.867  -1.585  6.872   1.00 6.73  ? 195 GLN A N   1 
ATOM   440 C CA  . GLN A 1 46 ? -3.718  -2.669  7.316   1.00 6.91  ? 195 GLN A CA  1 
ATOM   441 C C   . GLN A 1 46 ? -3.600  -3.951  6.459   1.00 7.07  ? 195 GLN A C   1 
ATOM   442 O O   . GLN A 1 46 ? -3.950  -5.013  6.928   1.00 9.30  ? 195 GLN A O   1 
ATOM   443 C CB  . GLN A 1 46 ? -5.169  -2.216  7.319   1.00 7.41  ? 195 GLN A CB  1 
ATOM   444 C CG  . GLN A 1 46 ? -5.464  -1.127  8.335   1.00 7.92  ? 195 GLN A CG  1 
ATOM   445 C CD  . GLN A 1 46 ? -6.867  -0.624  8.242   1.00 8.62  ? 195 GLN A CD  1 
ATOM   446 O OE1 . GLN A 1 46 ? -7.791  -1.384  7.944   1.00 10.56 ? 195 GLN A OE1 1 
ATOM   447 N NE2 . GLN A 1 46 ? -7.096  0.665   8.504   1.00 11.17 ? 195 GLN A NE2 1 
ATOM   448 N N   . LYS A 1 47 ? -3.219  -3.788  5.184   1.00 6.68  ? 196 LYS A N   1 
ATOM   449 C CA  . LYS A 1 47 ? -3.393  -4.857  4.214   1.00 6.74  ? 196 LYS A CA  1 
ATOM   450 C C   . LYS A 1 47 ? -2.065  -5.390  3.657   1.00 6.91  ? 196 LYS A C   1 
ATOM   451 O O   . LYS A 1 47 ? -2.060  -6.318  2.850   1.00 8.26  ? 196 LYS A O   1 
ATOM   452 C CB  . LYS A 1 47 ? -4.302  -4.402  3.076   1.00 7.03  ? 196 LYS A CB  1 
ATOM   453 C CG  . LYS A 1 47 ? -5.661  -3.852  3.551   1.00 7.76  ? 196 LYS A CG  1 
ATOM   454 C CD  . LYS A 1 47 ? -6.516  -4.789  4.306   1.00 8.29  ? 196 LYS A CD  1 
ATOM   455 C CE  . LYS A 1 47 ? -7.187  -5.843  3.442   0.75 7.33  ? 196 LYS A CE  1 
ATOM   456 N NZ  . LYS A 1 47 ? -8.298  -5.268  2.670   0.75 7.17  ? 196 LYS A NZ  1 
ATOM   457 N N   . SER A 1 48 ? -0.948  -4.776  4.092   1.00 7.62  ? 197 SER A N   1 
ATOM   458 C CA  A SER A 1 48 ? 0.366   -5.317  3.708   0.72 7.83  ? 197 SER A CA  1 
ATOM   459 C CA  B SER A 1 48 ? 0.403   -5.227  3.838   0.28 8.18  ? 197 SER A CA  1 
ATOM   460 C C   . SER A 1 48 ? 0.672   -6.509  4.616   1.00 7.67  ? 197 SER A C   1 
ATOM   461 O O   . SER A 1 48 ? 0.009   -6.781  5.616   1.00 9.77  ? 197 SER A O   1 
ATOM   462 C CB  A SER A 1 48 ? 1.403   -4.232  3.819   0.72 8.01  ? 197 SER A CB  1 
ATOM   463 C CB  B SER A 1 48 ? 1.355   -4.116  4.280   0.28 8.44  ? 197 SER A CB  1 
ATOM   464 O OG  A SER A 1 48 ? 1.432   -3.649  5.102   0.72 8.42  ? 197 SER A OG  1 
ATOM   465 O OG  B SER A 1 48 ? 1.279   -3.053  3.318   0.28 10.29 ? 197 SER A OG  1 
ATOM   466 N N   . GLN A 1 49 ? 1.700   -7.246  4.233   1.00 8.01  ? 198 GLN A N   1 
ATOM   467 C CA  . GLN A 1 49 ? 2.175   -8.381  5.003   1.00 9.18  ? 198 GLN A CA  1 
ATOM   468 C C   . GLN A 1 49 ? 2.670   -7.888  6.373   1.00 9.14  ? 198 GLN A C   1 
ATOM   469 O O   . GLN A 1 49 ? 3.116   -6.755  6.480   1.00 8.81  ? 198 GLN A O   1 
ATOM   470 C CB  . GLN A 1 49 ? 3.294   -9.110  4.278   1.00 10.35 ? 198 GLN A CB  1 
ATOM   471 C CG  . GLN A 1 49 ? 2.806   -9.996  3.121   1.00 11.35 ? 198 GLN A CG  1 
ATOM   472 C CD  . GLN A 1 49 ? 2.227   -11.278 3.629   1.00 14.39 ? 198 GLN A CD  1 
ATOM   473 O OE1 . GLN A 1 49 ? 2.687   -11.886 4.561   1.00 21.25 ? 198 GLN A OE1 1 
ATOM   474 N NE2 . GLN A 1 49 ? 1.223   -11.784 2.962   1.00 13.95 ? 198 GLN A NE2 1 
ATOM   475 N N   . PRO A 1 50 ? 2.629   -8.728  7.406   1.00 11.77 ? 199 PRO A N   1 
ATOM   476 C CA  . PRO A 1 50 ? 2.989   -8.245  8.759   1.00 13.29 ? 199 PRO A CA  1 
ATOM   477 C C   . PRO A 1 50 ? 4.371   -7.616  8.870   1.00 11.59 ? 199 PRO A C   1 
ATOM   478 O O   . PRO A 1 50 ? 4.484   -6.603  9.567   1.00 11.81 ? 199 PRO A O   1 
ATOM   479 C CB  . PRO A 1 50 ? 2.914   -9.498  9.629   1.00 16.54 ? 199 PRO A CB  1 
ATOM   480 C CG  . PRO A 1 50 ? 1.889   -10.311 8.909   1.00 20.96 ? 199 PRO A CG  1 
ATOM   481 C CD  . PRO A 1 50 ? 2.118   -10.086 7.449   1.00 17.06 ? 199 PRO A CD  1 
ATOM   482 N N   . ASP A 1 51 ? 5.383   -8.153  8.196   1.00 11.65 ? 200 ASP A N   1 
ATOM   483 C CA  A ASP A 1 51 ? 6.695   -7.569  8.341   0.40 10.79 ? 200 ASP A CA  1 
ATOM   484 C CA  B ASP A 1 51 ? 6.687   -7.576  8.338   0.61 11.25 ? 200 ASP A CA  1 
ATOM   485 C C   . ASP A 1 51 ? 6.698   -6.139  7.787   1.00 9.66  ? 200 ASP A C   1 
ATOM   486 O O   . ASP A 1 51 ? 7.367   -5.251  8.319   1.00 10.77 ? 200 ASP A O   1 
ATOM   487 C CB  A ASP A 1 51 ? 7.769   -8.351  7.603   0.40 12.27 ? 200 ASP A CB  1 
ATOM   488 C CB  B ASP A 1 51 ? 7.706   -8.440  7.629   0.61 13.02 ? 200 ASP A CB  1 
ATOM   489 C CG  A ASP A 1 51 ? 8.190   -9.663  8.224   0.40 14.55 ? 200 ASP A CG  1 
ATOM   490 C CG  B ASP A 1 51 ? 7.498   -8.807  6.182   0.61 17.08 ? 200 ASP A CG  1 
ATOM   491 O OD1 A ASP A 1 51 ? 7.859   -9.943  9.380   0.40 15.52 ? 200 ASP A OD1 1 
ATOM   492 O OD1 B ASP A 1 51 ? 6.420   -8.666  5.549   0.61 15.85 ? 200 ASP A OD1 1 
ATOM   493 O OD2 A ASP A 1 51 ? 8.878   -10.433 7.502   0.40 21.60 ? 200 ASP A OD2 1 
ATOM   494 O OD2 B ASP A 1 51 ? 8.495   -9.292  5.584   0.61 26.52 ? 200 ASP A OD2 1 
ATOM   495 N N   . ILE A 1 52 ? 5.961   -5.910  6.683   1.00 8.40  ? 201 ILE A N   1 
ATOM   496 C CA  . ILE A 1 52 ? 5.879   -4.595  6.067   1.00 7.95  ? 201 ILE A CA  1 
ATOM   497 C C   . ILE A 1 52 ? 5.037   -3.674  6.916   1.00 7.34  ? 201 ILE A C   1 
ATOM   498 O O   . ILE A 1 52 ? 5.397   -2.511  7.092   1.00 7.77  ? 201 ILE A O   1 
ATOM   499 C CB  . ILE A 1 52 ? 5.340   -4.705  4.640   1.00 9.34  ? 201 ILE A CB  1 
ATOM   500 C CG1 . ILE A 1 52 ? 6.214   -5.566  3.747   1.00 13.51 ? 201 ILE A CG1 1 
ATOM   501 C CG2 . ILE A 1 52 ? 5.110   -3.311  4.083   1.00 11.27 ? 201 ILE A CG2 1 
ATOM   502 C CD1 . ILE A 1 52 ? 7.582   -4.993  3.466   1.00 17.37 ? 201 ILE A CD1 1 
ATOM   503 N N   . GLN A 1 53 ? 3.912   -4.152  7.471   1.00 7.94  ? 202 GLN A N   1 
ATOM   504 C CA  . GLN A 1 53 ? 3.167   -3.339  8.390   1.00 7.96  ? 202 GLN A CA  1 
ATOM   505 C C   . GLN A 1 53 ? 4.040   -2.786  9.502   1.00 8.05  ? 202 GLN A C   1 
ATOM   506 O O   . GLN A 1 53 ? 3.979   -1.606  9.896   1.00 8.24  ? 202 GLN A O   1 
ATOM   507 C CB  . GLN A 1 53 ? 2.014   -4.163  9.034   1.00 9.80  ? 202 GLN A CB  1 
ATOM   508 C CG  . GLN A 1 53 ? 0.909   -4.556  8.139   1.00 11.87 ? 202 GLN A CG  1 
ATOM   509 C CD  . GLN A 1 53 ? -0.201  -5.232  8.801   1.00 16.40 ? 202 GLN A CD  1 
ATOM   510 O OE1 . GLN A 1 53 ? -0.798  -4.742  9.792   1.00 20.77 ? 202 GLN A OE1 1 
ATOM   511 N NE2 . GLN A 1 53 ? -0.745  -6.221  8.127   1.00 31.51 ? 202 GLN A NE2 1 
ATOM   512 N N   . GLN A 1 54 ? 4.886   -3.689  10.043  1.00 7.73  ? 203 GLN A N   1 
ATOM   513 C CA  . GLN A 1 54 ? 5.776   -3.311  11.121  1.00 7.97  ? 203 GLN A CA  1 
ATOM   514 C C   . GLN A 1 54 ? 6.835   -2.314  10.661  1.00 7.74  ? 203 GLN A C   1 
ATOM   515 O O   . GLN A 1 54 ? 7.204   -1.412  11.413  1.00 9.13  ? 203 GLN A O   1 
ATOM   516 C CB  . GLN A 1 54 ? 6.382   -4.564  11.748  1.00 8.73  ? 203 GLN A CB  1 
ATOM   517 C CG  . GLN A 1 54 ? 5.321   -5.269  12.576  1.00 9.87  ? 203 GLN A CG  1 
ATOM   518 C CD  . GLN A 1 54 ? 5.831   -6.528  13.156  1.00 12.59 ? 203 GLN A CD  1 
ATOM   519 O OE1 . GLN A 1 54 ? 7.017   -6.646  13.495  1.00 15.52 ? 203 GLN A OE1 1 
ATOM   520 N NE2 . GLN A 1 54 ? 4.955   -7.519  13.277  1.00 12.29 ? 203 GLN A NE2 1 
ATOM   521 N N   . LEU A 1 55 ? 7.334   -2.467  9.445   1.00 7.04  ? 204 LEU A N   1 
ATOM   522 C CA  . LEU A 1 55 ? 8.281   -1.474  8.954   1.00 6.70  ? 204 LEU A CA  1 
ATOM   523 C C   . LEU A 1 55 ? 7.607   -0.118  8.757   1.00 6.81  ? 204 LEU A C   1 
ATOM   524 O O   . LEU A 1 55 ? 8.168   0.918   9.104   1.00 7.33  ? 204 LEU A O   1 
ATOM   525 C CB  . LEU A 1 55 ? 8.894   -1.978  7.658   1.00 7.24  ? 204 LEU A CB  1 
ATOM   526 C CG  . LEU A 1 55 ? 9.942   -1.063  7.010   1.00 7.62  ? 204 LEU A CG  1 
ATOM   527 C CD1 . LEU A 1 55 ? 11.100  -0.795  7.954   1.00 8.62  ? 204 LEU A CD1 1 
ATOM   528 C CD2 . LEU A 1 55 ? 10.405  -1.652  5.696   1.00 8.87  ? 204 LEU A CD2 1 
ATOM   529 N N   . ILE A 1 56 ? 6.404   -0.094  8.181   1.00 6.78  ? 205 ILE A N   1 
ATOM   530 C CA  . ILE A 1 56 ? 5.724   1.164   7.940   1.00 7.37  ? 205 ILE A CA  1 
ATOM   531 C C   . ILE A 1 56 ? 5.525   1.945   9.258   1.00 8.03  ? 205 ILE A C   1 
ATOM   532 O O   . ILE A 1 56 ? 5.654   3.154   9.277   1.00 9.44  ? 205 ILE A O   1 
ATOM   533 C CB  . ILE A 1 56 ? 4.395   0.922   7.207   1.00 7.34  ? 205 ILE A CB  1 
ATOM   534 C CG1 . ILE A 1 56 ? 4.686   0.461   5.765   1.00 7.39  ? 205 ILE A CG1 1 
ATOM   535 C CG2 . ILE A 1 56 ? 3.507   2.123   7.201   1.00 8.93  ? 205 ILE A CG2 1 
ATOM   536 C CD1 . ILE A 1 56 ? 3.451   -0.020  5.004   1.00 8.80  ? 205 ILE A CD1 1 
ATOM   537 N N   . ARG A 1 57 ? 5.218   1.219   10.344  1.00 8.73  ? 206 ARG A N   1 
ATOM   538 C CA  . ARG A 1 57 ? 4.926   2.002   11.554  1.00 11.38 ? 206 ARG A CA  1 
ATOM   539 C C   . ARG A 1 57 ? 6.188   2.614   12.179  1.00 10.63 ? 206 ARG A C   1 
ATOM   540 O O   . ARG A 1 57 ? 6.055   3.409   13.065  1.00 12.64 ? 206 ARG A O   1 
ATOM   541 C CB  . ARG A 1 57 ? 3.954   1.274   12.444  1.00 13.18 ? 206 ARG A CB  1 
ATOM   542 C CG  . ARG A 1 57 ? 4.729   0.148   13.038  1.00 12.02 ? 206 ARG A CG  1 
ATOM   543 C CD  . ARG A 1 57 ? 3.684   -0.873  13.715  1.00 13.71 ? 206 ARG A CD  1 
ATOM   544 N NE  . ARG A 1 57 ? 4.322   -1.792  14.547  1.00 14.61 ? 206 ARG A NE  1 
ATOM   545 C CZ  . ARG A 1 57 ? 3.748   -2.896  15.080  1.00 13.46 ? 206 ARG A CZ  1 
ATOM   546 N NH1 . ARG A 1 57 ? 2.494   -3.193  14.779  1.00 17.63 ? 206 ARG A NH1 1 
ATOM   547 N NH2 . ARG A 1 57 ? 4.424   -3.684  15.826  1.00 15.01 ? 206 ARG A NH2 1 
ATOM   548 N N   . THR A 1 58 ? 7.389   2.255   11.675  1.00 9.35  ? 207 THR A N   1 
ATOM   549 C CA  . THR A 1 58 ? 8.630   2.954   12.113  1.00 9.77  ? 207 THR A CA  1 
ATOM   550 C C   . THR A 1 58 ? 8.828   4.286   11.416  1.00 9.32  ? 207 THR A C   1 
ATOM   551 O O   . THR A 1 58 ? 9.733   5.017   11.819  1.00 10.44 ? 207 THR A O   1 
ATOM   552 C CB  . THR A 1 58 ? 9.845   2.087   11.967  1.00 9.83  ? 207 THR A CB  1 
ATOM   553 O OG1 . THR A 1 58 ? 10.147  1.893   10.594  1.00 8.41  ? 207 THR A OG1 1 
ATOM   554 C CG2 . THR A 1 58 ? 9.678   0.725   12.643  1.00 11.49 ? 207 THR A CG2 1 
ATOM   555 N N   . ALA A 1 59 ? 8.104   4.572   10.333  1.00 9.36  ? 208 ALA A N   1 
ATOM   556 C CA  . ALA A 1 59 ? 8.339   5.744   9.531   1.00 9.13  ? 208 ALA A CA  1 
ATOM   557 C C   . ALA A 1 59 ? 8.116   7.044   10.346  1.00 10.28 ? 208 ALA A C   1 
ATOM   558 O O   . ALA A 1 59 ? 7.268   7.091   11.220  1.00 12.11 ? 208 ALA A O   1 
ATOM   559 C CB  . ALA A 1 59 ? 7.452   5.766   8.300   1.00 10.22 ? 208 ALA A CB  1 
ATOM   560 N N   . PRO A 1 60 ? 8.873   8.086   10.012  1.00 11.79 ? 209 PRO A N   1 
ATOM   561 C CA  . PRO A 1 60 ? 8.656   9.336   10.808  1.00 13.91 ? 209 PRO A CA  1 
ATOM   562 C C   . PRO A 1 60 ? 7.330   9.943   10.483  1.00 13.41 ? 209 PRO A C   1 
ATOM   563 O O   . PRO A 1 60 ? 6.739   9.771   9.425   1.00 13.48 ? 209 PRO A O   1 
ATOM   564 C CB  . PRO A 1 60 ? 9.932   10.096  10.399  1.00 15.51 ? 209 PRO A CB  1 
ATOM   565 C CG  . PRO A 1 60 ? 10.276  9.647   9.035   1.00 13.48 ? 209 PRO A CG  1 
ATOM   566 C CD  . PRO A 1 60 ? 9.892   8.201   9.003   1.00 10.81 ? 209 PRO A CD  1 
ATOM   567 N N   . SER A 1 61 ? 6.859   10.755  11.422  1.00 16.74 ? 210 SER A N   1 
ATOM   568 C CA  . SER A 1 61 ? 5.555   11.416  11.324  1.00 16.82 ? 210 SER A CA  1 
ATOM   569 C C   . SER A 1 61 ? 5.512   12.367  10.146  1.00 16.70 ? 210 SER A C   1 
ATOM   570 O O   . SER A 1 61 ? 4.448   12.752  9.693   1.00 20.06 ? 210 SER A O   1 
ATOM   571 C CB  . SER A 1 61 ? 5.210   12.155  12.655  1.00 17.63 ? 210 SER A CB  1 
ATOM   572 O OG  . SER A 1 61 ? 6.194   13.152  12.913  1.00 18.03 ? 210 SER A OG  1 
ATOM   573 N N   . THR A 1 62 ? 6.643   12.815  9.612   1.00 16.24 ? 211 THR A N   1 
ATOM   574 C CA  . THR A 1 62 ? 6.755   13.704  8.478   1.00 19.51 ? 211 THR A CA  1 
ATOM   575 C C   . THR A 1 62 ? 6.425   13.044  7.134   1.00 16.48 ? 211 THR A C   1 
ATOM   576 O O   . THR A 1 62 ? 6.109   13.727  6.193   1.00 21.96 ? 211 THR A O   1 
ATOM   577 C CB  . THR A 1 62 ? 8.231   14.208  8.494   1.00 24.72 ? 211 THR A CB  1 
ATOM   578 O OG1 . THR A 1 62 ? 9.197   13.133  8.618   1.00 26.09 ? 211 THR A OG1 1 
ATOM   579 C CG2 . THR A 1 62 ? 8.338   15.181  9.667   1.00 29.84 ? 211 THR A CG2 1 
ATOM   580 N N   . LEU A 1 63 ? 6.453   11.715  7.092   1.00 14.62 ? 212 LEU A N   1 
ATOM   581 C CA  . LEU A 1 63 ? 6.115   11.001  5.857   1.00 13.66 ? 212 LEU A CA  1 
ATOM   582 C C   . LEU A 1 63 ? 4.637   10.724  5.829   1.00 16.32 ? 212 LEU A C   1 
ATOM   583 O O   . LEU A 1 63 ? 4.054   9.887   6.553   1.00 28.36 ? 212 LEU A O   1 
ATOM   584 C CB  . LEU A 1 63 ? 6.869   9.684   5.713   1.00 15.66 ? 212 LEU A CB  1 
ATOM   585 C CG  . LEU A 1 63 ? 8.399   9.865   5.665   1.00 16.88 ? 212 LEU A CG  1 
ATOM   586 C CD1 . LEU A 1 63 ? 8.959   8.508   5.288   1.00 23.77 ? 212 LEU A CD1 1 
ATOM   587 C CD2 . LEU A 1 63 ? 8.829   10.967  4.742   1.00 17.53 ? 212 LEU A CD2 1 
ATOM   588 N N   . THR A 1 64 ? 3.925   11.437  4.941   1.00 16.12 ? 213 THR A N   1 
ATOM   589 C CA  . THR A 1 64 ? 2.475   11.392  4.957   1.00 18.73 ? 213 THR A CA  1 
ATOM   590 C C   . THR A 1 64 ? 1.879   10.892  3.623   1.00 16.59 ? 213 THR A C   1 
ATOM   591 O O   . THR A 1 64 ? 0.728   10.497  3.678   1.00 23.99 ? 213 THR A O   1 
ATOM   592 C CB  . THR A 1 64 ? 1.832   12.728  5.330   1.00 22.75 ? 213 THR A CB  1 
ATOM   593 O OG1 . THR A 1 64 ? 2.185   13.637  4.302   1.00 22.93 ? 213 THR A OG1 1 
ATOM   594 C CG2 . THR A 1 64 ? 2.391   13.238  6.650   0.25 26.83 ? 213 THR A CG2 1 
ATOM   595 N N   . THR A 1 65 ? 2.574   10.895  2.524   1.00 11.16 ? 214 THR A N   1 
ATOM   596 C CA  . THR A 1 65 ? 1.968   10.540  1.266   1.00 9.84  ? 214 THR A CA  1 
ATOM   597 C C   . THR A 1 65 ? 2.260   9.090   0.937   1.00 7.49  ? 214 THR A C   1 
ATOM   598 O O   . THR A 1 65 ? 3.243   8.498   1.380   1.00 7.03  ? 214 THR A O   1 
ATOM   599 C CB  . THR A 1 65 ? 2.520   11.371  0.099   1.00 10.17 ? 214 THR A CB  1 
ATOM   600 O OG1 . THR A 1 65 ? 3.875   11.006  -0.143  1.00 9.84  ? 214 THR A OG1 1 
ATOM   601 C CG2 . THR A 1 65 ? 2.383   12.877  0.410   1.00 13.76 ? 214 THR A CG2 1 
ATOM   602 N N   . PRO A 1 66 ? 1.417   8.521   0.053   1.00 6.84  ? 215 PRO A N   1 
ATOM   603 C CA  . PRO A 1 66 ? 1.705   7.133   -0.408  1.00 5.99  ? 215 PRO A CA  1 
ATOM   604 C C   . PRO A 1 66 ? 3.092   6.976   -0.976  1.00 5.41  ? 215 PRO A C   1 
ATOM   605 O O   . PRO A 1 66 ? 3.803   6.018   -0.687  1.00 5.71  ? 215 PRO A O   1 
ATOM   606 C CB  . PRO A 1 66 ? 0.590   6.828   -1.383  1.00 6.47  ? 215 PRO A CB  1 
ATOM   607 C CG  . PRO A 1 66 ? -0.560  7.689   -0.866  1.00 8.02  ? 215 PRO A CG  1 
ATOM   608 C CD  . PRO A 1 66 ? 0.077   8.957   -0.422  1.00 8.28  ? 215 PRO A CD  1 
ATOM   609 N N   . GLY A 1 67 ? 3.520   7.941   -1.827  1.00 5.64  ? 216 GLY A N   1 
ATOM   610 C CA  . GLY A 1 67 ? 4.835   7.846   -2.428  1.00 5.78  ? 216 GLY A CA  1 
ATOM   611 C C   . GLY A 1 67 ? 5.974   7.879   -1.395  1.00 5.97  ? 216 GLY A C   1 
ATOM   612 O O   . GLY A 1 67 ? 6.958   7.183   -1.562  1.00 6.35  ? 216 GLY A O   1 
ATOM   613 N N   . GLU A 1 68 ? 5.820   8.688   -0.355  1.00 5.90  ? 217 GLU A N   1 
ATOM   614 C CA  . GLU A 1 68 ? 6.819   8.721   0.681   1.00 6.48  ? 217 GLU A CA  1 
ATOM   615 C C   . GLU A 1 68 ? 6.916   7.386   1.397   1.00 5.91  ? 217 GLU A C   1 
ATOM   616 O O   . GLU A 1 68 ? 8.018   6.918   1.742   1.00 6.46  ? 217 GLU A O   1 
ATOM   617 C CB  . GLU A 1 68 ? 6.533   9.837   1.680   1.00 7.26  ? 217 GLU A CB  1 
ATOM   618 C CG  . GLU A 1 68 ? 6.851   11.230  1.107   1.00 9.13  ? 217 GLU A CG  1 
ATOM   619 C CD  . GLU A 1 68 ? 6.213   12.373  1.876   1.00 12.78 ? 217 GLU A CD  1 
ATOM   620 O OE1 . GLU A 1 68 ? 5.335   12.202  2.714   1.00 11.54 ? 217 GLU A OE1 1 
ATOM   621 O OE2 . GLU A 1 68 ? 6.576   13.515  1.477   1.00 23.85 ? 217 GLU A OE2 1 
ATOM   622 N N   . ILE A 1 69 ? 5.769   6.735   1.656   1.00 5.87  ? 218 ILE A N   1 
ATOM   623 C CA  . ILE A 1 69 ? 5.794   5.427   2.312   1.00 5.74  ? 218 ILE A CA  1 
ATOM   624 C C   . ILE A 1 69 ? 6.353   4.344   1.390   1.00 5.49  ? 218 ILE A C   1 
ATOM   625 O O   . ILE A 1 69 ? 7.104   3.470   1.852   1.00 5.83  ? 218 ILE A O   1 
ATOM   626 C CB  . ILE A 1 69 ? 4.394   5.078   2.863   1.00 6.63  ? 218 ILE A CB  1 
ATOM   627 C CG1 . ILE A 1 69 ? 3.953   6.105   3.919   1.00 8.66  ? 218 ILE A CG1 1 
ATOM   628 C CG2 . ILE A 1 69 ? 4.377   3.669   3.414   1.00 6.67  ? 218 ILE A CG2 1 
ATOM   629 C CD1 . ILE A 1 69 ? 4.887   6.223   5.123   1.00 11.48 ? 218 ILE A CD1 1 
ATOM   630 N N   . ILE A 1 70 ? 6.018   4.391   0.100   1.00 5.61  ? 219 ILE A N   1 
ATOM   631 C CA  . ILE A 1 70 ? 6.595   3.444   -0.855  1.00 5.33  ? 219 ILE A CA  1 
ATOM   632 C C   . ILE A 1 70 ? 8.110   3.563   -0.862  1.00 5.41  ? 219 ILE A C   1 
ATOM   633 O O   . ILE A 1 70 ? 8.828   2.547   -0.781  1.00 5.77  ? 219 ILE A O   1 
ATOM   634 C CB  . ILE A 1 70 ? 5.995   3.659   -2.255  1.00 5.59  ? 219 ILE A CB  1 
ATOM   635 C CG1 . ILE A 1 70 ? 4.519   3.242   -2.276  1.00 5.77  ? 219 ILE A CG1 1 
ATOM   636 C CG2 . ILE A 1 70 ? 6.802   2.919   -3.320  1.00 6.91  ? 219 ILE A CG2 1 
ATOM   637 C CD1 . ILE A 1 70 ? 3.751   3.883   -3.411  1.00 6.39  ? 219 ILE A CD1 1 
ATOM   638 N N   . LYS A 1 71 ? 8.635   4.778   -0.970  1.00 5.51  ? 220 LYS A N   1 
ATOM   639 C CA  . LYS A 1 71 ? 10.077  4.949   -0.961  1.00 5.78  ? 220 LYS A CA  1 
ATOM   640 C C   . LYS A 1 71 ? 10.679  4.483   0.369   1.00 5.64  ? 220 LYS A C   1 
ATOM   641 O O   . LYS A 1 71 ? 11.745  3.878   0.410   1.00 6.38  ? 220 LYS A O   1 
ATOM   642 C CB  . LYS A 1 71 ? 10.470  6.393   -1.243  1.00 6.35  ? 220 LYS A CB  1 
ATOM   643 C CG  . LYS A 1 71 ? 10.238  6.818   -2.677  1.00 7.31  ? 220 LYS A CG  1 
ATOM   644 C CD  . LYS A 1 71 ? 10.605  8.245   -2.944  1.00 8.41  ? 220 LYS A CD  1 
ATOM   645 C CE  . LYS A 1 71 ? 9.751   9.218   -2.277  1.00 13.02 ? 220 LYS A CE  1 
ATOM   646 N NZ  . LYS A 1 71 ? 10.141  10.624  -2.583  1.00 18.33 ? 220 LYS A NZ  1 
ATOM   647 N N   . TYR A 1 72 ? 9.992   4.782   1.476   1.00 5.83  ? 221 TYR A N   1 
ATOM   648 C CA  . TYR A 1 72 ? 10.506  4.386   2.789   1.00 6.06  ? 221 TYR A CA  1 
ATOM   649 C C   . TYR A 1 72 ? 10.727  2.885   2.835   1.00 5.70  ? 221 TYR A C   1 
ATOM   650 O O   . TYR A 1 72 ? 11.761  2.380   3.278   1.00 6.08  ? 221 TYR A O   1 
ATOM   651 C CB  . TYR A 1 72 ? 9.515   4.848   3.878   1.00 6.47  ? 221 TYR A CB  1 
ATOM   652 C CG  . TYR A 1 72 ? 10.005  4.540   5.278   1.00 6.30  ? 221 TYR A CG  1 
ATOM   653 C CD1 . TYR A 1 72 ? 10.855  5.435   5.924   1.00 6.31  ? 221 TYR A CD1 1 
ATOM   654 C CD2 . TYR A 1 72 ? 9.600   3.412   5.940   1.00 6.69  ? 221 TYR A CD2 1 
ATOM   655 C CE1 . TYR A 1 72 ? 11.318  5.185   7.233   1.00 6.57  ? 221 TYR A CE1 1 
ATOM   656 C CE2 . TYR A 1 72 ? 10.058  3.135   7.244   1.00 7.12  ? 221 TYR A CE2 1 
ATOM   657 C CZ  . TYR A 1 72 ? 10.909  4.023   7.862   1.00 6.90  ? 221 TYR A CZ  1 
ATOM   658 O OH  . TYR A 1 72 ? 11.452  3.865   9.122   1.00 8.88  ? 221 TYR A OH  1 
ATOM   659 N N   . VAL A 1 73 ? 9.693   2.127   2.418   1.00 5.89  ? 222 VAL A N   1 
ATOM   660 C CA  . VAL A 1 73 ? 9.749   0.675   2.435   1.00 5.71  ? 222 VAL A CA  1 
ATOM   661 C C   . VAL A 1 73 ? 10.807  0.160   1.489   1.00 5.75  ? 222 VAL A C   1 
ATOM   662 O O   . VAL A 1 73 ? 11.676  -0.645  1.839   1.00 6.33  ? 222 VAL A O   1 
ATOM   663 C CB  . VAL A 1 73 ? 8.362   0.062   2.151   1.00 6.29  ? 222 VAL A CB  1 
ATOM   664 C CG1 . VAL A 1 73 ? 8.468   -1.434  1.957   1.00 7.24  ? 222 VAL A CG1 1 
ATOM   665 C CG2 . VAL A 1 73 ? 7.374   0.426   3.264   1.00 7.31  ? 222 VAL A CG2 1 
ATOM   666 N N   . LEU A 1 74 ? 10.734  0.605   0.216   1.00 5.95  ? 223 LEU A N   1 
ATOM   667 C CA  A LEU A 1 74 ? 11.605  0.014   -0.806  0.81 6.11  ? 223 LEU A CA  1 
ATOM   668 C CA  B LEU A 1 74 ? 11.622  0.046   -0.781  0.19 6.35  ? 223 LEU A CA  1 
ATOM   669 C C   . LEU A 1 74 ? 13.083  0.321   -0.477  1.00 6.33  ? 223 LEU A C   1 
ATOM   670 O O   . LEU A 1 74 ? 13.954  -0.542  -0.691  1.00 7.43  ? 223 LEU A O   1 
ATOM   671 C CB  A LEU A 1 74 ? 11.247  0.480   -2.213  0.81 7.51  ? 223 LEU A CB  1 
ATOM   672 C CB  B LEU A 1 74 ? 11.201  0.647   -2.124  0.19 4.76  ? 223 LEU A CB  1 
ATOM   673 C CG  A LEU A 1 74 ? 10.175  -0.334  -2.937  0.81 9.18  ? 223 LEU A CG  1 
ATOM   674 C CG  B LEU A 1 74 ? 11.814  -0.030  -3.335  0.19 7.34  ? 223 LEU A CG  1 
ATOM   675 C CD1 A LEU A 1 74 ? 8.953   -0.606  -2.130  0.81 8.34  ? 223 LEU A CD1 1 
ATOM   676 C CD1 B LEU A 1 74 ? 11.367  -1.501  -3.366  0.19 13.03 ? 223 LEU A CD1 1 
ATOM   677 C CD2 A LEU A 1 74 ? 9.844   0.429   -4.231  0.81 10.93 ? 223 LEU A CD2 1 
ATOM   678 C CD2 B LEU A 1 74 ? 11.392  0.729   -4.587  0.19 9.50  ? 223 LEU A CD2 1 
ATOM   679 N N   . ASP A 1 75 ? 13.351  1.509   0.048   1.00 6.31  ? 224 ASP A N   1 
ATOM   680 C CA  . ASP A 1 75 ? 14.725  1.914   0.326   1.00 6.49  ? 224 ASP A CA  1 
ATOM   681 C C   . ASP A 1 75 ? 15.346  1.151   1.504   1.00 6.72  ? 224 ASP A C   1 
ATOM   682 O O   . ASP A 1 75 ? 16.545  1.232   1.741   1.00 8.00  ? 224 ASP A O   1 
ATOM   683 C CB  . ASP A 1 75 ? 14.802  3.378   0.603   1.00 7.58  ? 224 ASP A CB  1 
ATOM   684 C CG  . ASP A 1 75 ? 14.473  4.250   -0.560  1.00 9.40  ? 224 ASP A CG  1 
ATOM   685 O OD1 . ASP A 1 75 ? 14.346  3.774   -1.706  1.00 10.95 ? 224 ASP A OD1 1 
ATOM   686 O OD2 . ASP A 1 75 ? 14.372  5.508   -0.302  1.00 10.70 ? 224 ASP A OD2 1 
ATOM   687 N N   . ARG A 1 76 ? 14.502  0.425   2.250   1.00 5.95  ? 225 ARG A N   1 
ATOM   688 C CA  . ARG A 1 76 ? 14.939  -0.370  3.402   1.00 6.05  ? 225 ARG A CA  1 
ATOM   689 C C   . ARG A 1 76 ? 14.978  -1.844  3.086   1.00 7.16  ? 225 ARG A C   1 
ATOM   690 O O   . ARG A 1 76 ? 15.281  -2.654  3.976   1.00 7.63  ? 225 ARG A O   1 
ATOM   691 C CB  . ARG A 1 76 ? 14.096  0.023   4.627   1.00 6.21  ? 225 ARG A CB  1 
ATOM   692 C CG  . ARG A 1 76 ? 14.555  1.377   5.150   1.00 6.18  ? 225 ARG A CG  1 
ATOM   693 C CD  . ARG A 1 76 ? 13.527  2.092   5.995   1.00 6.25  ? 225 ARG A CD  1 
ATOM   694 N NE  . ARG A 1 76 ? 13.966  3.417   6.405   1.00 6.56  ? 225 ARG A NE  1 
ATOM   695 C CZ  . ARG A 1 76 ? 14.051  4.447   5.568   1.00 6.58  ? 225 ARG A CZ  1 
ATOM   696 N NH1 . ARG A 1 76 ? 13.709  4.317   4.289   1.00 6.47  ? 225 ARG A NH1 1 
ATOM   697 N NH2 . ARG A 1 76 ? 14.478  5.628   6.000   1.00 7.60  ? 225 ARG A NH2 1 
ATOM   698 N N   . GLN A 1 77 ? 14.746  -2.244  1.843   1.00 8.86  ? 226 GLN A N   1 
ATOM   699 C CA  . GLN A 1 77 ? 14.947  -3.621  1.428   1.00 9.33  ? 226 GLN A CA  1 
ATOM   700 C C   . GLN A 1 77 ? 16.421  -3.934  1.048   1.00 10.28 ? 226 GLN A C   1 
ATOM   701 O O   . GLN A 1 77 ? 16.583  -5.170  0.816   1.00 14.16 ? 226 GLN A O   1 
ATOM   702 C CB  . GLN A 1 77 ? 14.032  -3.980  0.273   1.00 10.73 ? 226 GLN A CB  1 
ATOM   703 C CG  . GLN A 1 77 ? 12.660  -3.768  0.641   1.00 11.00 ? 226 GLN A CG  1 
ATOM   704 C CD  . GLN A 1 77 ? 12.233  -4.343  1.917   0.50 8.67  ? 226 GLN A CD  1 
ATOM   705 O OE1 . GLN A 1 77 ? 12.428  -5.536  2.201   0.50 10.85 ? 226 GLN A OE1 1 
ATOM   706 N NE2 . GLN A 1 77 ? 11.661  -3.512  2.780   0.50 7.67  ? 226 GLN A NE2 1 
ATOM   707 O OXT . GLN A 1 77 ? 17.295  -3.121  1.124   1.00 14.11 ? 226 GLN A OXT 1 
HETATM 708 N N   . NO3 B 2 .  ? 7.397   11.801  -3.736  1.00 29.31 ? 1   NO3 A N   1 
HETATM 709 O O1  . NO3 B 2 .  ? 6.532   12.601  -4.211  1.00 28.52 ? 1   NO3 A O1  1 
HETATM 710 O O2  . NO3 B 2 .  ? 8.571   11.930  -4.007  1.00 41.99 ? 1   NO3 A O2  1 
HETATM 711 O O3  . NO3 B 2 .  ? 6.985   10.884  -2.988  1.00 33.11 ? 1   NO3 A O3  1 
HETATM 712 O O   . HOH C 3 .  ? -7.465  -3.372  0.704   1.00 8.72  ? 2   HOH A O   1 
HETATM 713 O O   . HOH C 3 .  ? -6.338  11.901  -2.488  1.00 10.20 ? 3   HOH A O   1 
HETATM 714 O O   . HOH C 3 .  ? -11.927 7.628   -7.324  1.00 14.03 ? 4   HOH A O   1 
HETATM 715 O O   . HOH C 3 .  ? -0.669  1.769   -9.773  1.00 13.16 ? 5   HOH A O   1 
HETATM 716 O O   . HOH C 3 .  ? 1.610   -0.077  9.523   1.00 17.06 ? 6   HOH A O   1 
HETATM 717 O O   . HOH C 3 .  ? -5.733  -3.280  -9.497  1.00 15.31 ? 7   HOH A O   1 
HETATM 718 O O   . HOH C 3 .  ? 11.390  7.277   11.636  1.00 13.37 ? 8   HOH A O   1 
HETATM 719 O O   . HOH C 3 .  ? -4.557  11.107  -4.465  1.00 13.93 ? 9   HOH A O   1 
HETATM 720 O O   . HOH C 3 .  ? -2.737  9.377   -3.345  1.00 13.43 ? 10  HOH A O   1 
HETATM 721 O O   . HOH C 3 .  ? -1.176  -9.092  3.590   1.00 15.26 ? 11  HOH A O   1 
HETATM 722 O O   . HOH C 3 .  ? -5.497  10.477  -6.902  1.00 15.62 ? 12  HOH A O   1 
HETATM 723 O O   A HOH C 3 .  ? 7.291   -1.909  14.167  0.62 12.42 ? 13  HOH A O   1 
HETATM 724 O O   B HOH C 3 .  ? 8.190   -2.278  13.906  0.38 16.23 ? 13  HOH A O   1 
HETATM 725 O O   . HOH C 3 .  ? -3.708  -4.015  -11.344 1.00 19.09 ? 14  HOH A O   1 
HETATM 726 O O   . HOH C 3 .  ? -19.012 5.297   -2.452  1.00 17.13 ? 15  HOH A O   1 
HETATM 727 O O   . HOH C 3 .  ? -1.468  11.252  2.003   1.00 16.96 ? 16  HOH A O   1 
HETATM 728 O O   . HOH C 3 .  ? -16.018 1.933   -6.511  1.00 18.57 ? 17  HOH A O   1 
HETATM 729 O O   . HOH C 3 .  ? 19.081  -6.182  0.472   1.00 21.15 ? 18  HOH A O   1 
HETATM 730 O O   . HOH C 3 .  ? 3.481   -3.813  -10.307 1.00 22.57 ? 19  HOH A O   1 
HETATM 731 O O   . HOH C 3 .  ? -7.363  14.142  1.572   1.00 33.12 ? 22  HOH A O   1 
HETATM 732 O O   . HOH C 3 .  ? -6.050  14.144  -0.652  1.00 28.38 ? 23  HOH A O   1 
HETATM 733 O O   . HOH C 3 .  ? -3.629  11.234  3.329   1.00 22.73 ? 25  HOH A O   1 
HETATM 734 O O   . HOH C 3 .  ? -3.387  9.848   5.890   1.00 27.50 ? 26  HOH A O   1 
HETATM 735 O O   . HOH C 3 .  ? -0.401  9.807   6.104   1.00 20.41 ? 27  HOH A O   1 
HETATM 736 O O   . HOH C 3 .  ? 0.923   3.811   5.035   1.00 19.44 ? 28  HOH A O   1 
HETATM 737 O O   A HOH C 3 .  ? 1.670   5.085   8.919   0.41 19.68 ? 29  HOH A O   1 
HETATM 738 O O   B HOH C 3 .  ? 1.645   5.305   7.212   0.31 9.07  ? 29  HOH A O   1 
HETATM 739 O O   C HOH C 3 .  ? 3.677   5.191   9.255   0.29 14.21 ? 29  HOH A O   1 
HETATM 740 O O   . HOH C 3 .  ? 1.776   2.699   10.449  1.00 26.88 ? 30  HOH A O   1 
HETATM 741 O O   A HOH C 3 .  ? 4.273   8.018   8.689   0.53 21.69 ? 33  HOH A O   1 
HETATM 742 O O   B HOH C 3 .  ? 3.261   9.057   9.149   0.47 20.69 ? 33  HOH A O   1 
HETATM 743 O O   . HOH C 3 .  ? 14.778  1.592   -3.450  1.00 22.65 ? 34  HOH A O   1 
HETATM 744 O O   . HOH C 3 .  ? -7.996  -2.027  -10.763 1.00 19.73 ? 35  HOH A O   1 
HETATM 745 O O   . HOH C 3 .  ? 0.781   -4.713  -9.346  1.00 23.21 ? 36  HOH A O   1 
HETATM 746 O O   . HOH C 3 .  ? 0.813   -5.386  15.756  1.00 25.66 ? 37  HOH A O   1 
HETATM 747 O O   . HOH C 3 .  ? -15.518 -8.069  -3.262  1.00 23.57 ? 38  HOH A O   1 
HETATM 748 O O   . HOH C 3 .  ? -0.989  -2.932  -10.829 1.00 19.48 ? 39  HOH A O   1 
HETATM 749 O O   . HOH C 3 .  ? -12.627 15.244  -3.292  1.00 21.31 ? 40  HOH A O   1 
HETATM 750 O O   . HOH C 3 .  ? -5.158  -3.988  -13.806 1.00 29.88 ? 41  HOH A O   1 
HETATM 751 O O   . HOH C 3 .  ? -7.836  1.969   -12.543 1.00 22.08 ? 42  HOH A O   1 
HETATM 752 O O   . HOH C 3 .  ? 8.808   -4.584  14.326  1.00 16.67 ? 43  HOH A O   1 
HETATM 753 O O   . HOH C 3 .  ? -2.733  13.081  -5.439  1.00 18.27 ? 44  HOH A O   1 
HETATM 754 O O   . HOH C 3 .  ? 13.377  6.478   2.427   1.00 22.68 ? 45  HOH A O   1 
HETATM 755 O O   . HOH C 3 .  ? -11.233 5.170   -14.065 1.00 27.03 ? 46  HOH A O   1 
HETATM 756 O O   A HOH C 3 .  ? -5.329  -9.219  -3.130  0.56 18.45 ? 47  HOH A O   1 
HETATM 757 O O   B HOH C 3 .  ? -5.820  -9.450  -2.800  0.44 13.72 ? 47  HOH A O   1 
HETATM 758 O O   . HOH C 3 .  ? 8.683   -7.913  11.293  1.00 26.74 ? 49  HOH A O   1 
HETATM 759 O O   . HOH C 3 .  ? 0.430   -14.110 -3.423  1.00 24.79 ? 50  HOH A O   1 
HETATM 760 O O   A HOH C 3 .  ? -14.104 -0.066  -6.290  0.38 14.76 ? 51  HOH A O   1 
HETATM 761 O O   B HOH C 3 .  ? -12.070 0.011   -8.322  0.62 17.91 ? 51  HOH A O   1 
HETATM 762 O O   B HOH C 3 .  ? 1.317   7.942   7.030   1.00 31.37 ? 52  HOH A O   1 
HETATM 763 O O   B HOH C 3 .  ? 11.095  9.173   13.801  1.00 20.62 ? 54  HOH A O   1 
HETATM 764 O O   B HOH C 3 .  ? 8.781   11.140  13.883  1.00 32.58 ? 55  HOH A O   1 
HETATM 765 O O   B HOH C 3 .  ? 0.986   -14.302 -9.095  1.00 21.09 ? 56  HOH A O   1 
HETATM 766 O O   B HOH C 3 .  ? -0.252  -1.100  10.931  1.00 43.20 ? 57  HOH A O   1 
HETATM 767 O O   B HOH C 3 .  ? 5.430   -10.656 6.855   1.00 30.22 ? 59  HOH A O   1 
HETATM 768 O O   . HOH C 3 .  ? -3.817  -3.248  11.419  1.00 32.61 ? 62  HOH A O   1 
HETATM 769 O O   . HOH C 3 .  ? -4.161  17.154  0.805   1.00 36.35 ? 67  HOH A O   1 
HETATM 770 O O   . HOH C 3 .  ? -12.670 2.709   -13.461 1.00 32.67 ? 68  HOH A O   1 
HETATM 771 O O   . HOH C 3 .  ? -1.795  -10.036 -8.723  1.00 31.11 ? 69  HOH A O   1 
HETATM 772 O O   A HOH C 3 .  ? 10.735  7.866   2.070   0.40 12.23 ? 70  HOH A O   1 
HETATM 773 O O   B HOH C 3 .  ? 10.155  8.909   1.623   0.60 16.30 ? 70  HOH A O   1 
HETATM 774 O O   A HOH C 3 .  ? -8.687  -7.860  1.888   0.30 14.66 ? 71  HOH A O   1 
HETATM 775 O O   B HOH C 3 .  ? -9.492  -7.935  2.145   0.70 19.31 ? 71  HOH A O   1 
HETATM 776 O O   . HOH C 3 .  ? -11.732 12.831  1.862   1.00 30.08 ? 72  HOH A O   1 
HETATM 777 O O   . HOH C 3 .  ? 3.975   -8.438  -10.743 1.00 29.92 ? 73  HOH A O   1 
HETATM 778 O O   A HOH C 3 .  ? 5.057   -8.647  -6.649  0.35 8.39  ? 74  HOH A O   1 
HETATM 779 O O   B HOH C 3 .  ? 4.717   -9.544  -6.822  0.65 12.25 ? 74  HOH A O   1 
HETATM 780 O O   A HOH C 3 .  ? 4.706   -11.485 0.391   0.58 18.95 ? 76  HOH A O   1 
HETATM 781 O O   B HOH C 3 .  ? 5.744   -10.359 0.568   0.42 16.78 ? 76  HOH A O   1 
HETATM 782 O O   A HOH C 3 .  ? -5.079  2.694   9.180   0.55 17.03 ? 84  HOH A O   1 
HETATM 783 O O   B HOH C 3 .  ? -4.451  2.011   10.274  0.45 18.22 ? 84  HOH A O   1 
HETATM 784 O O   . HOH C 3 .  ? 2.549   -10.832 -7.480  1.00 26.23 ? 85  HOH A O   1 
HETATM 785 O O   . HOH C 3 .  ? -6.378  10.546  6.691   1.00 34.98 ? 86  HOH A O   1 
HETATM 786 O O   . HOH C 3 .  ? -2.294  -7.860  5.933   1.00 38.75 ? 87  HOH A O   1 
HETATM 787 O O   A HOH C 3 .  ? 11.629  12.338  6.310   0.68 25.36 ? 89  HOH A O   1 
HETATM 788 O O   B HOH C 3 .  ? 13.340  11.957  6.976   0.32 23.12 ? 89  HOH A O   1 
HETATM 789 O O   . HOH C 3 .  ? -2.033  -13.211 -9.934  1.00 42.38 ? 92  HOH A O   1 
HETATM 790 O O   . HOH C 3 .  ? -4.335  8.474   -5.370  1.00 38.28 ? 93  HOH A O   1 
HETATM 791 O O   . HOH C 3 .  ? -15.749 4.020   -10.576 1.00 32.30 ? 95  HOH A O   1 
HETATM 792 O O   . HOH C 3 .  ? 8.734   -8.730  14.095  1.00 56.96 ? 96  HOH A O   1 
HETATM 793 O O   A HOH C 3 .  ? -8.904  12.996  -9.826  0.58 22.33 ? 98  HOH A O   1 
HETATM 794 O O   B HOH C 3 .  ? -10.343 12.756  -10.163 0.42 21.16 ? 98  HOH A O   1 
HETATM 795 O O   A HOH C 3 .  ? -5.995  -6.563  -8.272  0.52 19.99 ? 99  HOH A O   1 
HETATM 796 O O   B HOH C 3 .  ? -7.119  -7.381  -7.487  0.17 12.48 ? 99  HOH A O   1 
HETATM 797 O O   C HOH C 3 .  ? -7.253  -5.297  -8.805  0.31 16.92 ? 99  HOH A O   1 
HETATM 798 O O   C HOH C 3 .  ? -1.246  -10.083 5.996   1.00 26.04 ? 103 HOH A O   1 
HETATM 799 O O   C HOH C 3 .  ? 5.047   12.482  -2.092  1.00 25.45 ? 104 HOH A O   1 
HETATM 800 O O   A HOH C 3 .  ? 8.399   -4.164  -2.983  0.52 11.33 ? 105 HOH A O   1 
HETATM 801 O O   B HOH C 3 .  ? 8.640   -3.492  -2.713  0.47 15.97 ? 105 HOH A O   1 
HETATM 802 O O   A HOH C 3 .  ? 9.385   -5.492  -0.420  0.30 11.77 ? 106 HOH A O   1 
HETATM 803 O O   B HOH C 3 .  ? 8.335   -6.307  -0.565  0.70 26.54 ? 106 HOH A O   1 
HETATM 804 O O   . HOH C 3 .  ? 7.183   -7.868  0.951   1.00 38.07 ? 107 HOH A O   1 
HETATM 805 O O   A HOH C 3 .  ? 10.490  -3.417  -1.048  0.49 15.75 ? 108 HOH A O   1 
HETATM 806 O O   B HOH C 3 .  ? 9.504   -3.786  -0.620  0.51 22.91 ? 108 HOH A O   1 
HETATM 807 O O   . HOH C 3 .  ? 0.581   -16.848 4.276   1.00 47.93 ? 110 HOH A O   1 
HETATM 808 O O   . HOH C 3 .  ? 11.172  -8.452  8.085   1.00 37.35 ? 111 HOH A O   1 
HETATM 809 O O   . HOH C 3 .  ? 12.553  9.300   5.530   1.00 28.00 ? 112 HOH A O   1 
HETATM 810 O O   . HOH C 3 .  ? -3.324  -11.567 -1.948  1.00 33.88 ? 113 HOH A O   1 
HETATM 811 O O   . HOH C 3 .  ? -14.234 10.319  -8.071  1.00 32.23 ? 114 HOH A O   1 
HETATM 812 O O   . HOH C 3 .  ? 14.119  4.206   9.181   1.00 9.89  ? 227 HOH A O   1 
# 
loop_
_atom_site_anisotrop.id 
_atom_site_anisotrop.type_symbol 
_atom_site_anisotrop.pdbx_label_atom_id 
_atom_site_anisotrop.pdbx_label_alt_id 
_atom_site_anisotrop.pdbx_label_comp_id 
_atom_site_anisotrop.pdbx_label_asym_id 
_atom_site_anisotrop.pdbx_label_seq_id 
_atom_site_anisotrop.pdbx_PDB_ins_code 
_atom_site_anisotrop.U[1][1] 
_atom_site_anisotrop.U[2][2] 
_atom_site_anisotrop.U[3][3] 
_atom_site_anisotrop.U[1][2] 
_atom_site_anisotrop.U[1][3] 
_atom_site_anisotrop.U[2][3] 
_atom_site_anisotrop.pdbx_auth_seq_id 
_atom_site_anisotrop.pdbx_auth_comp_id 
_atom_site_anisotrop.pdbx_auth_asym_id 
_atom_site_anisotrop.pdbx_auth_atom_id 
1   N N   . ALA A 1  ? 0.3032 0.2985 0.2106 -0.1329 -0.0964 0.1337  150 ALA A N   
2   C CA  . ALA A 1  ? 0.2817 0.2130 0.1237 -0.0814 -0.0558 0.0398  150 ALA A CA  
3   C C   . ALA A 1  ? 0.2127 0.2150 0.1218 -0.0601 -0.0398 0.0325  150 ALA A C   
4   O O   . ALA A 1  ? 0.2248 0.2579 0.2166 -0.0885 -0.0809 0.0961  150 ALA A O   
5   C CB  . ALA A 1  ? 0.3928 0.2117 0.1477 -0.0874 -0.0536 0.0301  150 ALA A CB  
6   N N   . GLY A 2  ? 0.2088 0.2063 0.1180 -0.0225 -0.0200 0.0124  151 GLY A N   
7   C CA  . GLY A 2  ? 0.2093 0.2349 0.1214 -0.0064 -0.0156 0.0196  151 GLY A CA  
8   C C   . GLY A 2  ? 0.2253 0.1911 0.0979 0.0230  -0.0401 0.0143  151 GLY A C   
9   O O   . GLY A 2  ? 0.1423 0.1835 0.1305 -0.0294 -0.0340 0.0339  151 GLY A O   
10  N N   . PRO A 3  ? 0.2403 0.2027 0.1546 -0.0226 0.0083  0.0132  152 PRO A N   
11  C CA  . PRO A 3  ? 0.1536 0.1482 0.1642 -0.0166 -0.0133 -0.0010 152 PRO A CA  
12  C C   . PRO A 3  ? 0.1280 0.1123 0.1447 0.0071  0.0082  -0.0035 152 PRO A C   
13  O O   . PRO A 3  ? 0.1169 0.1207 0.1961 0.0104  -0.0034 0.0104  152 PRO A O   
14  C CB  . PRO A 3  ? 0.1918 0.1662 0.1733 -0.0395 -0.0011 -0.0064 152 PRO A CB  
15  C CG  . PRO A 3  ? 0.3881 0.1490 0.2103 -0.0528 0.0245  -0.0195 152 PRO A CG  
16  C CD  . PRO A 3  ? 0.3986 0.1832 0.1736 0.0419  0.0374  -0.0043 152 PRO A CD  
17  N N   . TRP A 4  ? 0.0986 0.1147 0.1244 0.0003  0.0099  0.0090  153 TRP A N   
18  C CA  . TRP A 4  ? 0.0720 0.1198 0.1304 -0.0020 0.0166  0.0166  153 TRP A CA  
19  C C   . TRP A 4  ? 0.0767 0.1023 0.1171 0.0078  0.0104  0.0027  153 TRP A C   
20  O O   . TRP A 4  ? 0.0675 0.1377 0.1406 0.0037  0.0064  0.0121  153 TRP A O   
21  C CB  . TRP A 4  ? 0.0813 0.1309 0.1205 -0.0092 0.0212  0.0183  153 TRP A CB  
22  C CG  . TRP A 4  ? 0.0890 0.1009 0.1229 -0.0056 0.0144  0.0211  153 TRP A CG  
23  C CD1 . TRP A 4  ? 0.1005 0.1056 0.1085 -0.0029 0.0097  0.0271  153 TRP A CD1 
24  C CD2 . TRP A 4  ? 0.0728 0.0956 0.1155 -0.0110 0.0082  0.0169  153 TRP A CD2 
25  N NE1 . TRP A 4  ? 0.0919 0.1002 0.1194 0.0024  0.0016  0.0247  153 TRP A NE1 
26  C CE2 . TRP A 4  ? 0.0753 0.0996 0.1150 -0.0096 0.0051  0.0199  153 TRP A CE2 
27  C CE3 . TRP A 4  ? 0.0756 0.0955 0.1266 -0.0074 -0.0042 0.0026  153 TRP A CE3 
28  C CZ2 . TRP A 4  ? 0.0802 0.0982 0.1298 -0.0046 0.0119  0.0067  153 TRP A CZ2 
29  C CZ3 . TRP A 4  ? 0.0677 0.1177 0.1316 -0.0007 -0.0072 -0.0067 153 TRP A CZ3 
30  C CH2 . TRP A 4  ? 0.0888 0.0995 0.1301 -0.0057 0.0011  0.0010  153 TRP A CH2 
31  N N   . ALA A 5  ? 0.0735 0.1016 0.1184 0.0051  0.0102  0.0148  154 ALA A N   
32  C CA  . ALA A 5  ? 0.0849 0.1108 0.1155 -0.0003 0.0083  0.0179  154 ALA A CA  
33  C C   . ALA A 5  ? 0.0730 0.1096 0.1328 -0.0066 0.0012  0.0240  154 ALA A C   
34  O O   . ALA A 5  ? 0.0760 0.1227 0.1446 -0.0089 -0.0011 0.0304  154 ALA A O   
35  C CB  . ALA A 5  ? 0.0917 0.1221 0.1114 -0.0047 0.0184  0.0188  154 ALA A CB  
36  N N   . ASP A 6  ? 0.0960 0.0981 0.1496 -0.0030 -0.0111 0.0293  155 ASP A N   
37  C CA  . ASP A 6  ? 0.1310 0.0964 0.1740 -0.0060 -0.0196 0.0101  155 ASP A CA  
38  C C   . ASP A 6  ? 0.1465 0.1030 0.1406 0.0183  -0.0052 0.0068  155 ASP A C   
39  O O   . ASP A 6  ? 0.2014 0.1136 0.3110 0.0369  0.0634  0.0367  155 ASP A O   
40  C CB  . ASP A 6  ? 0.1859 0.1258 0.2606 -0.0149 -0.0479 -0.0184 155 ASP A CB  
41  C CG  . ASP A 6  ? 0.1722 0.1311 0.2018 0.0046  -0.0321 -0.0677 155 ASP A CG  
42  O OD1 . ASP A 6  ? 0.1760 0.2091 0.1993 -0.0256 -0.0324 -0.1006 155 ASP A OD1 
43  O OD2 . ASP A 6  ? 0.1758 0.2133 0.1939 -0.0505 0.0232  -0.1101 155 ASP A OD2 
44  N N   . ILE A 7  ? 0.1101 0.0994 0.1255 0.0158  -0.0270 -0.0180 156 ILE A N   
45  C CA  . ILE A 7  ? 0.1205 0.1075 0.1211 0.0268  -0.0213 -0.0219 156 ILE A CA  
46  C C   . ILE A 7  ? 0.1138 0.1173 0.1120 0.0268  -0.0097 -0.0224 156 ILE A C   
47  O O   . ILE A 7  ? 0.0980 0.1243 0.1233 0.0308  -0.0159 -0.0309 156 ILE A O   
48  C CB  . ILE A 7  ? 0.1069 0.1305 0.1228 0.0295  -0.0063 -0.0245 156 ILE A CB  
49  C CG1 . ILE A 7  ? 0.1322 0.1336 0.1265 0.0261  -0.0055 -0.0080 156 ILE A CG1 
50  C CG2 . ILE A 7  ? 0.1344 0.1428 0.1439 0.0408  0.0076  -0.0290 156 ILE A CG2 
51  C CD1 . ILE A 7  ? 0.1325 0.1358 0.1689 0.0008  0.0075  0.0107  156 ILE A CD1 
52  N N   . MET A 8  ? 0.1308 0.1325 0.1355 0.0473  -0.0359 -0.0434 157 MET A N   
53  C CA  . MET A 8  ? 0.1237 0.1414 0.1295 0.0500  -0.0260 -0.0283 157 MET A CA  
54  C C   . MET A 8  ? 0.1412 0.1260 0.1145 0.0568  -0.0253 -0.0224 157 MET A C   
55  O O   . MET A 8  ? 0.1905 0.1788 0.1135 0.0887  -0.0279 -0.0521 157 MET A O   
56  C CB  . MET A 8  ? 0.1886 0.2345 0.1745 0.0679  0.0115  0.0334  157 MET A CB  
57  C CG  . MET A 8  ? 0.3225 0.2138 0.3957 -0.0356 -0.0642 0.0594  157 MET A CG  
58  S SD  . MET A 8  ? 0.7412 0.6175 0.4974 -0.4069 -0.1929 0.2954  157 MET A SD  
59  C CE  . MET A 8  ? 2.1179 0.3094 0.3407 0.0326  -0.2763 0.1827  157 MET A CE  
60  N N   A GLN A 9  ? 0.1231 0.1223 0.1031 0.0542  -0.0109 -0.0065 158 GLN A N   
61  N N   B GLN A 9  ? 0.1362 0.1326 0.0937 0.0644  -0.0094 -0.0176 158 GLN A N   
62  C CA  A GLN A 9  ? 0.1092 0.0762 0.0999 0.0129  0.0101  -0.0006 158 GLN A CA  
63  C CA  B GLN A 9  ? 0.1361 0.0895 0.0919 0.0520  -0.0106 -0.0025 158 GLN A CA  
64  C C   A GLN A 9  ? 0.0826 0.0804 0.1166 0.0160  0.0251  0.0113  158 GLN A C   
65  C C   B GLN A 9  ? 0.0979 0.0853 0.1141 0.0170  0.0199  -0.0001 158 GLN A C   
66  O O   A GLN A 9  ? 0.1342 0.0975 0.1163 0.0144  0.0044  0.0192  158 GLN A O   
67  O O   B GLN A 9  ? 0.1468 0.0949 0.1119 0.0277  0.0235  0.0057  158 GLN A O   
68  C CB  A GLN A 9  ? 0.1127 0.0745 0.0918 0.0337  0.0017  -0.0040 158 GLN A CB  
69  C CB  B GLN A 9  ? 0.1368 0.0707 0.0894 0.0449  0.0005  -0.0119 158 GLN A CB  
70  C CG  A GLN A 9  ? 0.0973 0.0850 0.1110 0.0106  0.0177  -0.0102 158 GLN A CG  
71  C CG  B GLN A 9  ? 0.1279 0.1039 0.1128 0.0663  0.0068  0.0011  158 GLN A CG  
72  C CD  A GLN A 9  ? 0.1056 0.0731 0.0970 0.0120  0.0276  -0.0052 158 GLN A CD  
73  C CD  B GLN A 9  ? 0.1198 0.0928 0.1111 0.0557  0.0249  0.0016  158 GLN A CD  
74  O OE1 A GLN A 9  ? 0.0992 0.0720 0.1385 0.0210  0.0121  -0.0214 158 GLN A OE1 
75  O OE1 B GLN A 9  ? 0.0915 0.0778 0.1620 0.0200  0.0567  -0.0231 158 GLN A OE1 
76  N NE2 A GLN A 9  ? 0.0905 0.1078 0.0992 0.0064  0.0074  -0.0351 158 GLN A NE2 
77  N NE2 B GLN A 9  ? 0.1114 0.2274 0.0914 0.0932  0.0080  -0.0223 158 GLN A NE2 
78  N N   A GLY A 10 ? 0.0691 0.0945 0.1354 0.0056  0.0144  -0.0203 159 GLY A N   
79  N N   B GLY A 10 ? 0.1198 0.1014 0.1295 0.0281  0.0155  -0.0293 159 GLY A N   
80  C CA  A GLY A 10 ? 0.1097 0.0936 0.1678 0.0034  0.0425  -0.0280 159 GLY A CA  
81  C CA  B GLY A 10 ? 0.1231 0.1007 0.1750 0.0216  0.0081  -0.0229 159 GLY A CA  
82  C C   A GLY A 10 ? 0.1226 0.0869 0.1204 0.0159  0.0294  0.0087  159 GLY A C   
83  C C   B GLY A 10 ? 0.1292 0.0930 0.2117 0.0100  -0.0048 0.0068  159 GLY A C   
84  O O   A GLY A 10 ? 0.1031 0.0937 0.1251 0.0284  0.0198  0.0011  159 GLY A O   
85  O O   B GLY A 10 ? 0.1152 0.0953 0.1837 0.0272  0.0055  -0.0278 159 GLY A O   
86  N N   A PRO A 11 ? 0.1818 0.0815 0.1847 0.0304  0.0557  0.0018  160 PRO A N   
87  N N   B PRO A 11 ? 0.1522 0.1100 0.2423 -0.0017 0.0106  0.0422  160 PRO A N   
88  C CA  A PRO A 11 ? 0.2042 0.1117 0.2225 0.0624  0.0429  0.0375  160 PRO A CA  
89  C CA  B PRO A 11 ? 0.1638 0.1255 0.2345 0.0381  0.0361  0.0568  160 PRO A CA  
90  C C   A PRO A 11 ? 0.1781 0.1130 0.2472 0.0497  0.0471  0.0121  160 PRO A C   
91  C C   B PRO A 11 ? 0.1494 0.1186 0.2430 0.0472  0.0254  0.0380  160 PRO A C   
92  O O   A PRO A 11 ? 0.1953 0.2300 0.3191 0.1192  0.0169  0.0080  160 PRO A O   
93  O O   B PRO A 11 ? 0.1756 0.3710 0.2582 0.0248  -0.0262 0.0989  160 PRO A O   
94  C CB  A PRO A 11 ? 0.2887 0.1309 0.2583 0.0532  0.0511  0.0657  160 PRO A CB  
95  C CB  B PRO A 11 ? 0.2166 0.1228 0.2406 0.0323  0.0587  0.0475  160 PRO A CB  
96  C CG  A PRO A 11 ? 0.3123 0.1011 0.2523 0.0214  0.0645  0.0492  160 PRO A CG  
97  C CG  B PRO A 11 ? 0.2621 0.1172 0.2152 0.0401  0.0620  0.0208  160 PRO A CG  
98  C CD  A PRO A 11 ? 0.2197 0.0906 0.2229 0.0061  0.0895  0.0103  160 PRO A CD  
99  C CD  B PRO A 11 ? 0.2003 0.0837 0.2016 0.0068  0.0560  -0.0066 160 PRO A CD  
100 N N   A SER A 12 ? 0.1307 0.0872 0.2363 0.0039  0.0746  -0.0365 161 SER A N   
101 N N   B SER A 12 ? 0.1423 0.0830 0.2487 0.0057  0.0405  0.0199  161 SER A N   
102 C CA  A SER A 12 ? 0.1183 0.0986 0.2420 -0.0009 0.0689  -0.0616 161 SER A CA  
103 C CA  B SER A 12 ? 0.1283 0.0879 0.2718 0.0257  0.0433  0.0020  161 SER A CA  
104 C C   A SER A 12 ? 0.0873 0.1244 0.1999 -0.0194 0.0664  -0.0618 161 SER A C   
105 C C   B SER A 12 ? 0.0898 0.1205 0.2331 0.0035  0.0214  0.0175  161 SER A C   
106 O O   A SER A 12 ? 0.1435 0.1365 0.2012 -0.0103 0.0734  -0.0618 161 SER A O   
107 O O   B SER A 12 ? 0.1390 0.1903 0.1514 0.0365  0.0658  0.0030  161 SER A O   
108 C CB  A SER A 12 ? 0.2032 0.1341 0.1693 -0.0127 0.0053  -0.0342 161 SER A CB  
109 C CB  B SER A 12 ? 0.1120 0.1266 0.3179 0.0047  0.0402  -0.0404 161 SER A CB  
110 O OG  A SER A 12 ? 0.3388 0.1164 0.1158 0.0686  -0.0353 0.0028  161 SER A OG  
111 O OG  B SER A 12 ? 0.2260 0.1579 0.3015 0.0501  -0.0118 -0.0374 161 SER A OG  
112 N N   A GLU A 13 ? 0.0859 0.1021 0.1342 -0.0036 0.0287  -0.0392 162 GLU A N   
113 N N   B GLU A 13 ? 0.1110 0.1074 0.1541 0.0181  0.0238  -0.0058 162 GLU A N   
114 C CA  A GLU A 13 ? 0.0834 0.1283 0.0888 0.0001  0.0251  -0.0170 162 GLU A CA  
115 C CA  B GLU A 13 ? 0.0889 0.1130 0.1197 0.0010  0.0193  -0.0109 162 GLU A CA  
116 C C   A GLU A 13 ? 0.0940 0.0941 0.0963 0.0022  0.0276  -0.0030 162 GLU A C   
117 C C   B GLU A 13 ? 0.0970 0.1048 0.1175 0.0176  0.0211  -0.0212 162 GLU A C   
118 O O   A GLU A 13 ? 0.0922 0.1155 0.0896 -0.0043 0.0264  -0.0131 162 GLU A O   
119 O O   B GLU A 13 ? 0.1419 0.1138 0.1128 0.0206  0.0221  -0.0240 162 GLU A O   
120 C CB  A GLU A 13 ? 0.0934 0.1751 0.1176 0.0326  0.0206  -0.0159 162 GLU A CB  
121 C CB  B GLU A 13 ? 0.1050 0.1281 0.1152 0.0259  0.0169  -0.0345 162 GLU A CB  
122 C CG  A GLU A 13 ? 0.1218 0.1715 0.1493 0.0370  0.0255  -0.0092 162 GLU A CG  
123 C CG  B GLU A 13 ? 0.1026 0.1135 0.1439 0.0131  -0.0129 -0.0401 162 GLU A CG  
124 C CD  A GLU A 13 ? 0.1246 0.1836 0.0917 0.0491  0.0136  -0.0291 162 GLU A CD  
125 C CD  B GLU A 13 ? 0.1087 0.1682 0.1465 0.0261  -0.0068 -0.0150 162 GLU A CD  
126 O OE1 A GLU A 13 ? 0.0994 0.1705 0.1247 0.0317  0.0122  -0.0243 162 GLU A OE1 
127 O OE1 B GLU A 13 ? 0.0987 0.1963 0.1557 0.0228  -0.0038 -0.0157 162 GLU A OE1 
128 O OE2 A GLU A 13 ? 0.1495 0.1687 0.1351 0.0516  0.0169  -0.0069 162 GLU A OE2 
129 O OE2 B GLU A 13 ? 0.1064 0.2352 0.1783 0.0034  -0.0310 0.0263  162 GLU A OE2 
130 N N   A SER A 14 ? 0.0793 0.0924 0.1038 0.0228  0.0317  0.0064  163 SER A N   
131 N N   B SER A 14 ? 0.0859 0.1136 0.1261 0.0031  0.0225  -0.0228 163 SER A N   
132 C CA  A SER A 14 ? 0.0896 0.0852 0.1450 0.0139  0.0281  -0.0001 163 SER A CA  
133 C CA  B SER A 14 ? 0.0952 0.0929 0.1442 0.0230  0.0064  -0.0158 163 SER A CA  
134 C C   A SER A 14 ? 0.0701 0.0903 0.0982 0.0018  0.0191  0.0023  163 SER A C   
135 C C   B SER A 14 ? 0.0891 0.1153 0.0802 0.0205  0.0113  -0.0127 163 SER A C   
136 O O   A SER A 14 ? 0.0671 0.0841 0.1096 0.0047  0.0185  -0.0058 163 SER A O   
137 O O   B SER A 14 ? 0.0936 0.0993 0.1149 0.0259  0.0013  -0.0232 163 SER A O   
138 C CB  A SER A 14 ? 0.0979 0.0809 0.1910 0.0234  0.0654  -0.0102 163 SER A CB  
139 C CB  B SER A 14 ? 0.0718 0.0869 0.1921 0.0071  0.0275  -0.0438 163 SER A CB  
140 O OG  A SER A 14 ? 0.1205 0.1336 0.2279 0.0543  0.1201  0.0603  163 SER A OG  
141 O OG  B SER A 14 ? 0.0680 0.5336 0.1857 -0.0498 0.0092  0.1046  163 SER A OG  
142 N N   A PHE A 15 ? 0.0669 0.1004 0.0855 0.0184  0.0045  0.0010  164 PHE A N   
143 N N   B PHE A 15 ? 0.0746 0.1243 0.1028 0.0304  0.0075  -0.0236 164 PHE A N   
144 C CA  A PHE A 15 ? 0.0656 0.0856 0.0942 0.0081  0.0065  0.0027  164 PHE A CA  
145 C CA  B PHE A 15 ? 0.0760 0.0992 0.1116 0.0260  -0.0014 -0.0213 164 PHE A CA  
146 C C   A PHE A 15 ? 0.0590 0.0815 0.0844 0.0087  0.0004  -0.0127 164 PHE A C   
147 C C   B PHE A 15 ? 0.0696 0.1129 0.0986 0.0151  0.0008  -0.0252 164 PHE A C   
148 O O   A PHE A 15 ? 0.0643 0.1002 0.0761 0.0158  -0.0078 -0.0074 164 PHE A O   
149 O O   B PHE A 15 ? 0.0823 0.1263 0.1008 0.0358  -0.0018 -0.0279 164 PHE A O   
150 C CB  A PHE A 15 ? 0.0792 0.1117 0.0799 0.0151  -0.0098 0.0003  164 PHE A CB  
151 C CB  B PHE A 15 ? 0.0699 0.0973 0.0951 0.0112  0.0031  -0.0079 164 PHE A CB  
152 C CG  A PHE A 15 ? 0.0710 0.0869 0.0683 -0.0039 -0.0124 0.0010  164 PHE A CG  
153 C CG  B PHE A 15 ? 0.0556 0.0988 0.0853 0.0108  -0.0084 -0.0085 164 PHE A CG  
154 C CD1 A PHE A 15 ? 0.0835 0.0795 0.0768 0.0002  -0.0011 -0.0029 164 PHE A CD1 
155 C CD1 B PHE A 15 ? 0.0670 0.0757 0.0651 0.0024  -0.0068 0.0072  164 PHE A CD1 
156 C CD2 A PHE A 15 ? 0.0856 0.1095 0.1005 -0.0197 -0.0087 0.0101  164 PHE A CD2 
157 C CD2 B PHE A 15 ? 0.0484 0.0970 0.1185 -0.0052 -0.0071 -0.0055 164 PHE A CD2 
158 C CE1 A PHE A 15 ? 0.0810 0.0889 0.0997 -0.0008 0.0011  -0.0151 164 PHE A CE1 
159 C CE1 B PHE A 15 ? 0.0694 0.0714 0.0667 0.0022  -0.0065 -0.0104 164 PHE A CE1 
160 C CE2 A PHE A 15 ? 0.1119 0.0804 0.1096 -0.0203 -0.0279 0.0149  164 PHE A CE2 
161 C CE2 B PHE A 15 ? 0.0792 0.1007 0.0802 0.0066  0.0008  0.0192  164 PHE A CE2 
162 C CZ  A PHE A 15 ? 0.0957 0.0927 0.1005 -0.0013 -0.0322 0.0015  164 PHE A CZ  
163 C CZ  B PHE A 15 ? 0.0660 0.0764 0.0958 0.0013  -0.0070 0.0093  164 PHE A CZ  
164 N N   A VAL A 16 ? 0.0632 0.0899 0.0834 0.0063  -0.0021 -0.0072 165 VAL A N   
165 N N   B VAL A 16 ? 0.0716 0.1123 0.1032 0.0109  -0.0060 -0.0209 165 VAL A N   
166 C CA  A VAL A 16 ? 0.0916 0.0943 0.0862 0.0104  0.0116  -0.0102 165 VAL A CA  
167 C CA  B VAL A 16 ? 0.0979 0.1089 0.1067 0.0233  0.0004  -0.0106 165 VAL A CA  
168 C C   A VAL A 16 ? 0.0611 0.1177 0.0812 0.0180  0.0187  0.0061  165 VAL A C   
169 C C   B VAL A 16 ? 0.0787 0.1112 0.0862 0.0248  0.0152  -0.0034 165 VAL A C   
170 O O   A VAL A 16 ? 0.0856 0.1197 0.0823 0.0295  0.0208  0.0116  165 VAL A O   
171 O O   B VAL A 16 ? 0.0955 0.1440 0.0858 0.0421  0.0049  -0.0146 165 VAL A O   
172 C CB  A VAL A 16 ? 0.0944 0.1007 0.0966 -0.0094 -0.0099 0.0033  165 VAL A CB  
173 C CB  B VAL A 16 ? 0.0929 0.0890 0.1244 0.0152  -0.0155 -0.0042 165 VAL A CB  
174 C CG1 A VAL A 16 ? 0.1171 0.1141 0.1507 -0.0203 0.0556  -0.0141 165 VAL A CG1 
175 C CG1 B VAL A 16 ? 0.1382 0.1438 0.1361 0.0354  0.0386  -0.0035 165 VAL A CG1 
176 C CG2 A VAL A 16 ? 0.1186 0.1049 0.1571 -0.0153 0.0059  0.0219  165 VAL A CG2 
177 C CG2 B VAL A 16 ? 0.1347 0.1226 0.1398 -0.0097 -0.0260 0.0248  165 VAL A CG2 
178 N N   A ASP A 17 ? 0.0607 0.1101 0.0898 0.0107  0.0049  -0.0167 166 ASP A N   
179 N N   B ASP A 17 ? 0.1026 0.1197 0.0932 0.0183  0.0117  -0.0079 166 ASP A N   
180 C CA  A ASP A 17 ? 0.0687 0.1533 0.0980 -0.0095 0.0149  -0.0236 166 ASP A CA  
181 C CA  B ASP A 17 ? 0.1212 0.1218 0.0909 0.0161  0.0131  -0.0154 166 ASP A CA  
182 C C   A ASP A 17 ? 0.0652 0.1012 0.0842 0.0003  0.0065  -0.0176 166 ASP A C   
183 C C   B ASP A 17 ? 0.1111 0.0756 0.0960 0.0070  -0.0017 -0.0086 166 ASP A C   
184 O O   A ASP A 17 ? 0.0700 0.1478 0.0816 -0.0062 -0.0088 -0.0169 166 ASP A O   
185 O O   B ASP A 17 ? 0.1314 0.1269 0.0905 0.0054  -0.0175 -0.0131 166 ASP A O   
186 C CB  A ASP A 17 ? 0.0587 0.1687 0.1062 0.0121  0.0383  -0.0776 166 ASP A CB  
187 C CB  B ASP A 17 ? 0.0960 0.1231 0.1135 0.0165  0.0062  -0.0173 166 ASP A CB  
188 C CG  A ASP A 17 ? 0.1030 0.1003 0.0804 0.0137  0.0155  -0.0081 166 ASP A CG  
189 C CG  B ASP A 17 ? 0.1198 0.1251 0.1419 0.0060  -0.0030 -0.0227 166 ASP A CG  
190 O OD1 A ASP A 17 ? 0.1782 0.2263 0.0931 -0.0467 0.0298  0.0216  166 ASP A OD1 
191 O OD1 B ASP A 17 ? 0.1668 0.2689 0.1239 -0.0532 -0.0132 -0.0091 166 ASP A OD1 
192 O OD2 A ASP A 17 ? 0.1159 0.0923 0.0871 -0.0029 0.0089  -0.0024 166 ASP A OD2 
193 O OD2 B ASP A 17 ? 0.2057 0.1256 0.1683 -0.0384 -0.0085 -0.0452 166 ASP A OD2 
194 N N   A PHE A 18 ? 0.0453 0.0953 0.0922 0.0106  0.0060  -0.0137 167 PHE A N   
195 N N   B PHE A 18 ? 0.0882 0.1114 0.0850 0.0170  -0.0052 -0.0197 167 PHE A N   
196 C CA  A PHE A 18 ? 0.0539 0.1146 0.0832 0.0354  0.0053  -0.0045 167 PHE A CA  
197 C CA  B PHE A 18 ? 0.0864 0.1392 0.0778 0.0578  -0.0095 -0.0039 167 PHE A CA  
198 C C   A PHE A 18 ? 0.0826 0.1207 0.0744 0.0402  0.0091  0.0024  167 PHE A C   
199 C C   B PHE A 18 ? 0.1148 0.1211 0.0685 0.0435  -0.0026 -0.0106 167 PHE A C   
200 O O   A PHE A 18 ? 0.0827 0.0831 0.0577 0.0302  -0.0007 -0.0180 167 PHE A O   
201 O O   B PHE A 18 ? 0.1103 0.0845 0.0787 0.0556  0.0013  -0.0347 167 PHE A O   
202 C CB  A PHE A 18 ? 0.0501 0.1025 0.0907 0.0169  0.0023  0.0096  167 PHE A CB  
203 C CB  B PHE A 18 ? 0.0791 0.1208 0.0816 0.0278  -0.0156 -0.0034 167 PHE A CB  
204 C CG  A PHE A 18 ? 0.0561 0.0785 0.0898 -0.0027 0.0140  0.0198  167 PHE A CG  
205 C CG  B PHE A 18 ? 0.0654 0.0762 0.0790 -0.0016 -0.0069 0.0139  167 PHE A CG  
206 C CD1 A PHE A 18 ? 0.0607 0.0995 0.1004 -0.0001 0.0126  -0.0002 167 PHE A CD1 
207 C CD1 B PHE A 18 ? 0.0671 0.0805 0.1026 -0.0012 -0.0071 -0.0023 167 PHE A CD1 
208 C CD2 A PHE A 18 ? 0.0701 0.0821 0.1056 -0.0058 0.0093  0.0152  167 PHE A CD2 
209 C CD2 B PHE A 18 ? 0.0753 0.0882 0.0740 -0.0144 0.0060  0.0084  167 PHE A CD2 
210 C CE1 A PHE A 18 ? 0.0735 0.1038 0.0992 0.0057  0.0197  0.0000  167 PHE A CE1 
211 C CE1 B PHE A 18 ? 0.0711 0.1285 0.1107 -0.0087 0.0132  0.0017  167 PHE A CE1 
212 C CE2 A PHE A 18 ? 0.0900 0.1029 0.0953 -0.0006 0.0015  0.0116  167 PHE A CE2 
213 C CE2 B PHE A 18 ? 0.1035 0.1116 0.0739 -0.0181 0.0142  0.0013  167 PHE A CE2 
214 C CZ  A PHE A 18 ? 0.0884 0.1076 0.0864 -0.0054 0.0223  0.0017  167 PHE A CZ  
215 C CZ  B PHE A 18 ? 0.0856 0.1209 0.0895 0.0182  0.0245  -0.0074 167 PHE A CZ  
216 N N   . ALA A 19 ? 0.0886 0.1316 0.0732 0.0446  0.0010  0.0093  168 ALA A N   
217 C CA  . ALA A 19 ? 0.0772 0.1276 0.0786 0.0253  0.0034  -0.0151 168 ALA A CA  
218 C C   . ALA A 19 ? 0.0707 0.1112 0.0910 0.0202  -0.0009 -0.0004 168 ALA A C   
219 O O   . ALA A 19 ? 0.0763 0.1130 0.0941 0.0157  -0.0041 -0.0068 168 ALA A O   
220 C CB  . ALA A 19 ? 0.0753 0.1759 0.0862 0.0113  0.0005  -0.0021 168 ALA A CB  
221 N N   . ASN A 20 ? 0.0805 0.1243 0.0730 0.0245  -0.0030 0.0004  169 ASN A N   
222 C CA  . ASN A 20 ? 0.0904 0.1057 0.0840 0.0153  -0.0077 0.0002  169 ASN A CA  
223 C C   . ASN A 20 ? 0.0842 0.1096 0.0782 0.0184  -0.0062 0.0032  169 ASN A C   
224 O O   . ASN A 20 ? 0.0900 0.1161 0.0844 0.0126  -0.0107 0.0037  169 ASN A O   
225 C CB  . ASN A 20 ? 0.0934 0.1285 0.0803 0.0162  0.0018  0.0042  169 ASN A CB  
226 C CG  . ASN A 20 ? 0.1145 0.1074 0.0882 0.0172  0.0055  0.0069  169 ASN A CG  
227 O OD1 . ASN A 20 ? 0.1049 0.1182 0.1532 0.0121  -0.0003 0.0061  169 ASN A OD1 
228 N ND2 . ASN A 20 ? 0.1015 0.1391 0.1243 0.0094  0.0185  0.0125  169 ASN A ND2 
229 N N   . ARG A 21 ? 0.0911 0.1096 0.0799 0.0159  -0.0101 -0.0029 170 ARG A N   
230 C CA  A ARG A 21 ? 0.1060 0.1179 0.0758 0.0081  -0.0137 -0.0077 170 ARG A CA  
231 C CA  B ARG A 21 ? 0.1017 0.1066 0.0933 0.0058  0.0066  0.0080  170 ARG A CA  
232 C C   . ARG A 21 ? 0.0837 0.1055 0.0866 0.0019  -0.0046 0.0092  170 ARG A C   
233 O O   . ARG A 21 ? 0.0927 0.1235 0.0888 0.0016  -0.0093 0.0022  170 ARG A O   
234 C CB  A ARG A 21 ? 0.1086 0.1271 0.0801 0.0168  -0.0410 -0.0094 170 ARG A CB  
235 C CB  B ARG A 21 ? 0.1375 0.1062 0.1642 -0.0017 -0.0608 -0.0232 170 ARG A CB  
236 C CG  A ARG A 21 ? 0.1374 0.1281 0.1153 -0.0048 -0.0061 -0.0021 170 ARG A CG  
237 C CG  B ARG A 21 ? 0.2127 0.1024 0.0687 0.0189  -0.0210 -0.0332 170 ARG A CG  
238 C CD  A ARG A 21 ? 0.2086 0.1208 0.1376 0.0195  -0.0043 -0.0223 170 ARG A CD  
239 C CD  B ARG A 21 ? 0.1790 0.1047 0.1304 0.0011  -0.0343 -0.0224 170 ARG A CD  
240 N NE  A ARG A 21 ? 0.1613 0.1107 0.1553 0.0131  -0.0030 -0.0083 170 ARG A NE  
241 N NE  B ARG A 21 ? 0.1697 0.1027 0.1307 -0.0097 -0.0129 -0.0102 170 ARG A NE  
242 C CZ  A ARG A 21 ? 0.1344 0.1016 0.1407 0.0329  -0.0085 -0.0279 170 ARG A CZ  
243 C CZ  B ARG A 21 ? 0.1426 0.0711 0.1409 0.0132  -0.0063 -0.0374 170 ARG A CZ  
244 N NH1 A ARG A 21 ? 0.1302 0.1251 0.1576 0.0327  -0.0057 -0.0231 170 ARG A NH1 
245 N NH1 B ARG A 21 ? 0.1337 0.1688 0.2115 0.0399  -0.0030 -0.0645 170 ARG A NH1 
246 N NH2 A ARG A 21 ? 0.1462 0.1775 0.1243 0.0502  0.0026  -0.0215 170 ARG A NH2 
247 N NH2 B ARG A 21 ? 0.1749 0.1465 0.1422 0.0073  0.0073  0.0047  170 ARG A NH2 
248 N N   . LEU A 22 ? 0.0771 0.1036 0.0854 0.0103  -0.0012 0.0108  171 LEU A N   
249 C CA  . LEU A 22 ? 0.0744 0.1042 0.0800 0.0111  -0.0022 0.0145  171 LEU A CA  
250 C C   . LEU A 22 ? 0.0670 0.1033 0.0781 0.0026  0.0007  0.0175  171 LEU A C   
251 O O   . LEU A 22 ? 0.0645 0.1032 0.0890 0.0060  0.0025  0.0127  171 LEU A O   
252 C CB  . LEU A 22 ? 0.0745 0.1198 0.0752 0.0091  0.0007  0.0179  171 LEU A CB  
253 C CG  . LEU A 22 ? 0.0664 0.1257 0.0938 0.0116  0.0051  0.0116  171 LEU A CG  
254 C CD1 . LEU A 22 ? 0.0771 0.1610 0.1189 -0.0042 0.0098  0.0219  171 LEU A CD1 
255 C CD2 . LEU A 22 ? 0.0916 0.1324 0.0945 0.0004  0.0082  -0.0002 171 LEU A CD2 
256 N N   . ILE A 23 ? 0.0671 0.0968 0.0771 0.0119  -0.0007 0.0122  172 ILE A N   
257 C CA  . ILE A 23 ? 0.0636 0.1027 0.0820 0.0008  0.0029  0.0097  172 ILE A CA  
258 C C   . ILE A 23 ? 0.0686 0.1007 0.0812 0.0114  0.0086  0.0176  172 ILE A C   
259 O O   . ILE A 23 ? 0.0691 0.1123 0.0914 0.0061  0.0017  0.0167  172 ILE A O   
260 C CB  . ILE A 23 ? 0.0643 0.1063 0.0817 0.0058  0.0084  0.0172  172 ILE A CB  
261 C CG1 . ILE A 23 ? 0.0645 0.1039 0.0811 0.0029  0.0121  0.0026  172 ILE A CG1 
262 C CG2 . ILE A 23 ? 0.0769 0.1159 0.1023 -0.0021 -0.0005 0.0291  172 ILE A CG2 
263 C CD1 . ILE A 23 ? 0.0789 0.1538 0.0964 -0.0251 -0.0017 0.0220  172 ILE A CD1 
264 N N   . LYS A 24 ? 0.0783 0.1202 0.0829 0.0120  -0.0040 0.0141  173 LYS A N   
265 C CA  . LYS A 24 ? 0.0954 0.1281 0.0748 0.0098  -0.0019 0.0154  173 LYS A CA  
266 C C   . LYS A 24 ? 0.0824 0.1291 0.0801 0.0032  -0.0080 0.0178  173 LYS A C   
267 O O   . LYS A 24 ? 0.0950 0.1432 0.0995 0.0150  -0.0141 0.0208  173 LYS A O   
268 C CB  . LYS A 24 ? 0.1191 0.1497 0.0778 0.0083  0.0016  0.0058  173 LYS A CB  
269 C CG  . LYS A 24 ? 0.1066 0.1368 0.0781 0.0176  0.0005  0.0046  173 LYS A CG  
270 C CD  . LYS A 24 ? 0.0801 0.1301 0.0895 -0.0110 -0.0044 -0.0190 173 LYS A CD  
271 C CE  . LYS A 24 ? 0.0770 0.1417 0.0944 -0.0150 -0.0089 -0.0099 173 LYS A CE  
272 N NZ  . LYS A 24 ? 0.0787 0.1364 0.0872 -0.0270 -0.0142 -0.0157 173 LYS A NZ  
273 N N   . ALA A 25 ? 0.0893 0.1036 0.0922 0.0039  -0.0099 0.0075  174 ALA A N   
274 C CA  . ALA A 25 ? 0.0799 0.1071 0.0989 0.0047  -0.0057 0.0072  174 ALA A CA  
275 C C   . ALA A 25 ? 0.0750 0.1096 0.0981 -0.0016 -0.0052 0.0101  174 ALA A C   
276 O O   . ALA A 25 ? 0.0802 0.1167 0.1236 0.0036  -0.0247 -0.0020 174 ALA A O   
277 C CB  . ALA A 25 ? 0.0972 0.1063 0.1268 -0.0016 0.0047  0.0052  174 ALA A CB  
278 N N   . VAL A 26 ? 0.0639 0.0932 0.0960 0.0015  -0.0074 0.0159  175 VAL A N   
279 C CA  . VAL A 26 ? 0.0564 0.0987 0.1015 -0.0008 -0.0004 0.0149  175 VAL A CA  
280 C C   . VAL A 26 ? 0.0569 0.0989 0.1076 0.0007  -0.0023 0.0171  175 VAL A C   
281 O O   . VAL A 26 ? 0.0650 0.1133 0.1100 0.0062  -0.0022 0.0282  175 VAL A O   
282 C CB  . VAL A 26 ? 0.0576 0.0984 0.1011 0.0009  -0.0004 0.0158  175 VAL A CB  
283 C CG1 . VAL A 26 ? 0.0745 0.1021 0.1275 0.0134  -0.0081 0.0074  175 VAL A CG1 
284 C CG2 . VAL A 26 ? 0.0654 0.1015 0.0974 -0.0003 -0.0030 0.0148  175 VAL A CG2 
285 N N   . GLU A 27 ? 0.0732 0.1136 0.0944 0.0058  0.0006  0.0294  176 GLU A N   
286 C CA  . GLU A 27 ? 0.0724 0.1233 0.1071 0.0031  0.0047  0.0411  176 GLU A CA  
287 C C   . GLU A 27 ? 0.0877 0.1345 0.1111 0.0081  -0.0071 0.0364  176 GLU A C   
288 O O   . GLU A 27 ? 0.1079 0.1600 0.1343 0.0223  -0.0278 0.0372  176 GLU A O   
289 C CB  . GLU A 27 ? 0.0865 0.1403 0.1101 0.0054  0.0087  0.0448  176 GLU A CB  
290 C CG  . GLU A 27 ? 0.0787 0.1294 0.1237 -0.0006 0.0128  0.0385  176 GLU A CG  
291 C CD  . GLU A 27 ? 0.0723 0.1510 0.1251 0.0007  0.0096  0.0375  176 GLU A CD  
292 O OE1 . GLU A 27 ? 0.1031 0.1397 0.1716 0.0035  0.0032  0.0304  176 GLU A OE1 
293 O OE2 . GLU A 27 ? 0.0926 0.1791 0.1412 -0.0110 0.0092  -0.0006 176 GLU A OE2 
294 N N   . GLY A 28 ? 0.0944 0.1520 0.1097 0.0015  -0.0190 0.0240  177 GLY A N   
295 C CA  . GLY A 28 ? 0.1208 0.1928 0.1104 -0.0318 -0.0319 0.0226  177 GLY A CA  
296 C C   . GLY A 28 ? 0.1006 0.1674 0.1324 -0.0089 -0.0307 0.0237  177 GLY A C   
297 O O   . GLY A 28 ? 0.1225 0.2281 0.1638 -0.0201 -0.0556 0.0160  177 GLY A O   
298 N N   . SER A 29 ? 0.0793 0.1454 0.1298 -0.0103 -0.0256 0.0281  178 SER A N   
299 C CA  . SER A 29 ? 0.0784 0.1355 0.1454 -0.0090 -0.0225 0.0409  178 SER A CA  
300 C C   . SER A 29 ? 0.0763 0.1493 0.1419 -0.0127 -0.0259 0.0516  178 SER A C   
301 O O   . SER A 29 ? 0.1039 0.1458 0.1415 -0.0035 -0.0132 0.0565  178 SER A O   
302 C CB  . SER A 29 ? 0.0764 0.1384 0.1414 -0.0072 -0.0156 0.0452  178 SER A CB  
303 O OG  . SER A 29 ? 0.0700 0.1454 0.1300 0.0052  -0.0077 0.0339  178 SER A OG  
304 N N   . ASP A 30 ? 0.0696 0.1482 0.1492 -0.0011 -0.0139 0.0417  179 ASP A N   
305 C CA  . ASP A 30 ? 0.0798 0.1505 0.1692 0.0062  -0.0167 0.0616  179 ASP A CA  
306 C C   . ASP A 30 ? 0.0745 0.1305 0.1864 0.0087  -0.0088 0.0518  179 ASP A C   
307 O O   . ASP A 30 ? 0.0935 0.1581 0.2142 0.0231  -0.0116 0.0413  179 ASP A O   
308 C CB  . ASP A 30 ? 0.0763 0.1765 0.2298 -0.0079 -0.0246 0.0555  179 ASP A CB  
309 C CG  . ASP A 30 ? 0.0942 0.1838 0.2746 0.0112  0.0246  0.0893  179 ASP A CG  
310 O OD1 . ASP A 30 ? 0.1319 0.2278 0.2685 -0.0094 0.0267  0.1233  179 ASP A OD1 
311 O OD2 . ASP A 30 ? 0.1063 0.3534 0.5038 -0.0315 0.0221  0.2330  179 ASP A OD2 
312 N N   . LEU A 31 ? 0.0829 0.1378 0.1544 -0.0051 -0.0020 0.0514  180 LEU A N   
313 C CA  . LEU A 31 ? 0.0896 0.1225 0.1638 -0.0020 0.0076  0.0447  180 LEU A CA  
314 C C   A LEU A 31 ? 0.0847 0.1314 0.1710 0.0062  0.0116  0.0596  180 LEU A C   
315 C C   B LEU A 31 ? 0.0917 0.1277 0.1683 0.0120  0.0161  0.0512  180 LEU A C   
316 O O   A LEU A 31 ? 0.1182 0.1508 0.1692 0.0082  0.0140  0.0668  180 LEU A O   
317 O O   B LEU A 31 ? 0.1038 0.1123 0.1602 -0.0147 0.0076  0.0335  180 LEU A O   
318 C CB  . LEU A 31 ? 0.1034 0.1140 0.1467 -0.0029 0.0008  0.0323  180 LEU A CB  
319 C CG  . LEU A 31 ? 0.1013 0.1196 0.1240 0.0054  0.0148  0.0317  180 LEU A CG  
320 C CD1 . LEU A 31 ? 0.1184 0.1273 0.1689 -0.0111 -0.0318 0.0557  180 LEU A CD1 
321 C CD2 . LEU A 31 ? 0.2141 0.1581 0.1752 0.0539  0.0898  0.0610  180 LEU A CD2 
322 N N   A PRO A 32 ? 0.0801 0.1229 0.1843 -0.0011 0.0112  0.0508  181 PRO A N   
323 N N   B PRO A 32 ? 0.0955 0.1245 0.1777 0.0216  0.0232  0.0518  181 PRO A N   
324 C CA  A PRO A 32 ? 0.0947 0.1261 0.2107 0.0308  0.0368  0.0685  181 PRO A CA  
325 C CA  B PRO A 32 ? 0.0930 0.1276 0.2050 0.0364  0.0449  0.0656  181 PRO A CA  
326 C C   A PRO A 32 ? 0.1046 0.0888 0.1547 0.0102  0.0303  0.0355  181 PRO A C   
327 C C   B PRO A 32 ? 0.0972 0.1286 0.1661 0.0298  0.0365  0.0591  181 PRO A C   
328 O O   A PRO A 32 ? 0.0943 0.0996 0.1170 0.0204  0.0289  0.0202  181 PRO A O   
329 O O   B PRO A 32 ? 0.1025 0.0807 0.1395 0.0389  0.0380  0.0191  181 PRO A O   
330 C CB  A PRO A 32 ? 0.1138 0.1229 0.2571 0.0156  0.0654  0.0433  181 PRO A CB  
331 C CB  B PRO A 32 ? 0.1012 0.1202 0.2397 0.0215  0.0638  0.0539  181 PRO A CB  
332 C CG  A PRO A 32 ? 0.1910 0.1470 0.1940 0.0278  0.0382  0.0446  181 PRO A CG  
333 C CG  B PRO A 32 ? 0.1127 0.1261 0.2374 0.0280  0.0738  0.0609  181 PRO A CG  
334 C CD  A PRO A 32 ? 0.1246 0.1308 0.2080 0.0131  0.0470  0.0542  181 PRO A CD  
335 C CD  B PRO A 32 ? 0.1040 0.1177 0.2021 0.0131  0.0431  0.0456  181 PRO A CD  
336 N N   . PRO A 33 ? 0.1018 0.1180 0.1635 0.0108  0.0214  0.0519  182 PRO A N   
337 C CA  . PRO A 33 ? 0.1131 0.1222 0.1563 0.0099  0.0296  0.0452  182 PRO A CA  
338 C C   . PRO A 33 ? 0.1008 0.1093 0.1510 0.0105  0.0312  0.0333  182 PRO A C   
339 O O   . PRO A 33 ? 0.1005 0.1169 0.1704 0.0123  0.0293  0.0263  182 PRO A O   
340 C CB  . PRO A 33 ? 0.1335 0.1455 0.1760 0.0146  0.0448  0.0687  182 PRO A CB  
341 C CG  . PRO A 33 ? 0.1539 0.1979 0.1792 0.0390  0.0286  0.0886  182 PRO A CG  
342 C CD  . PRO A 33 ? 0.1354 0.1501 0.1906 0.0118  0.0087  0.0801  182 PRO A CD  
343 N N   . SER A 34 ? 0.1086 0.1088 0.1720 0.0155  0.0309  0.0260  183 SER A N   
344 C CA  A SER A 34 ? 0.1294 0.0973 0.1926 0.0194  0.0096  0.0035  183 SER A CA  
345 C CA  B SER A 34 ? 0.1408 0.0924 0.1929 0.0209  0.0096  0.0036  183 SER A CA  
346 C C   . SER A 34 ? 0.1254 0.1052 0.1522 0.0229  0.0232  -0.0013 183 SER A C   
347 O O   . SER A 34 ? 0.1608 0.1338 0.1691 0.0215  -0.0075 -0.0138 183 SER A O   
348 C CB  A SER A 34 ? 0.2265 0.1127 0.2259 0.0501  0.0246  -0.0109 183 SER A CB  
349 C CB  B SER A 34 ? 0.1771 0.1074 0.2110 0.0359  0.0247  -0.0012 183 SER A CB  
350 O OG  A SER A 34 ? 0.2178 0.2142 0.2929 0.0983  0.0743  -0.0137 183 SER A OG  
351 O OG  B SER A 34 ? 0.1978 0.0860 0.3280 0.0028  0.0533  0.0166  183 SER A OG  
352 N N   . ALA A 35 ? 0.1011 0.1105 0.1347 0.0310  0.0260  0.0146  184 ALA A N   
353 C CA  . ALA A 35 ? 0.1035 0.1197 0.1144 0.0291  0.0305  0.0180  184 ALA A CA  
354 C C   . ALA A 35 ? 0.0744 0.1107 0.1113 0.0146  0.0185  0.0119  184 ALA A C   
355 O O   . ALA A 35 ? 0.0888 0.1166 0.1153 0.0180  0.0224  0.0232  184 ALA A O   
356 C CB  . ALA A 35 ? 0.0855 0.1547 0.1569 0.0318  0.0425  0.0571  184 ALA A CB  
357 N N   . ARG A 36 ? 0.0734 0.0978 0.1095 0.0109  0.0190  0.0198  185 ARG A N   
358 C CA  . ARG A 36 ? 0.0711 0.0908 0.1080 0.0064  0.0166  0.0154  185 ARG A CA  
359 C C   . ARG A 36 ? 0.0600 0.1026 0.0986 0.0087  0.0255  0.0168  185 ARG A C   
360 O O   . ARG A 36 ? 0.0739 0.0954 0.1080 0.0059  0.0121  0.0143  185 ARG A O   
361 C CB  . ARG A 36 ? 0.0692 0.0945 0.1131 0.0043  0.0102  0.0171  185 ARG A CB  
362 C CG  . ARG A 36 ? 0.0806 0.1087 0.1068 0.0087  0.0112  0.0160  185 ARG A CG  
363 C CD  . ARG A 36 ? 0.1006 0.2334 0.1118 -0.0108 -0.0007 0.0276  185 ARG A CD  
364 N NE  . ARG A 36 ? 0.1066 0.2003 0.1180 -0.0065 0.0000  0.0404  185 ARG A NE  
365 C CZ  . ARG A 36 ? 0.1120 0.1795 0.1330 0.0135  0.0171  0.0343  185 ARG A CZ  
366 N NH1 . ARG A 36 ? 0.1573 0.1939 0.1724 -0.0032 0.0348  0.0337  185 ARG A NH1 
367 N NH2 . ARG A 36 ? 0.1270 0.2102 0.1683 0.0316  0.0154  0.0671  185 ARG A NH2 
368 N N   . ALA A 37 ? 0.0749 0.0919 0.1161 0.0012  0.0161  0.0173  186 ALA A N   
369 C CA  . ALA A 37 ? 0.0636 0.1143 0.1204 0.0048  0.0178  0.0196  186 ALA A CA  
370 C C   . ALA A 37 ? 0.0668 0.1021 0.1084 -0.0059 0.0126  -0.0037 186 ALA A C   
371 O O   . ALA A 37 ? 0.0657 0.1025 0.1202 -0.0015 0.0067  0.0006  186 ALA A O   
372 C CB  . ALA A 37 ? 0.0850 0.1307 0.1457 -0.0239 0.0087  0.0175  186 ALA A CB  
373 N N   . PRO A 38 ? 0.0794 0.0982 0.1140 0.0020  0.0187  0.0013  187 PRO A N   
374 C CA  . PRO A 38 ? 0.1024 0.0999 0.1041 -0.0010 0.0270  0.0028  187 PRO A CA  
375 C C   . PRO A 38 ? 0.0616 0.1057 0.0944 0.0039  0.0207  0.0058  187 PRO A C   
376 O O   . PRO A 38 ? 0.0747 0.1121 0.1096 0.0009  0.0113  0.0096  187 PRO A O   
377 C CB  . PRO A 38 ? 0.1871 0.1010 0.1612 0.0374  0.0892  0.0242  187 PRO A CB  
378 C CG  . PRO A 38 ? 0.1842 0.2533 0.1205 0.1210  0.0438  0.0141  187 PRO A CG  
379 C CD  . PRO A 38 ? 0.0972 0.0907 0.1383 0.0051  0.0191  0.0018  187 PRO A CD  
380 N N   . VAL A 39 ? 0.0595 0.0995 0.1035 0.0068  0.0199  0.0115  188 VAL A N   
381 C CA  . VAL A 39 ? 0.0504 0.1012 0.1001 0.0007  0.0112  0.0203  188 VAL A CA  
382 C C   . VAL A 39 ? 0.0566 0.0976 0.0884 -0.0021 0.0036  0.0100  188 VAL A C   
383 O O   . VAL A 39 ? 0.0547 0.0916 0.1011 -0.0002 0.0044  0.0119  188 VAL A O   
384 C CB  . VAL A 39 ? 0.0504 0.1162 0.1136 -0.0101 0.0098  0.0289  188 VAL A CB  
385 C CG1 . VAL A 39 ? 0.0626 0.1176 0.1271 -0.0056 -0.0166 0.0223  188 VAL A CG1 
386 C CG2 . VAL A 39 ? 0.0558 0.1498 0.1316 0.0114  0.0162  0.0430  188 VAL A CG2 
387 N N   . ILE A 40 ? 0.0496 0.0857 0.0943 0.0055  0.0073  0.0106  189 ILE A N   
388 C CA  . ILE A 40 ? 0.0478 0.0943 0.0971 0.0004  0.0111  0.0088  189 ILE A CA  
389 C C   . ILE A 40 ? 0.0450 0.1018 0.0881 0.0023  0.0115  0.0058  189 ILE A C   
390 O O   . ILE A 40 ? 0.0602 0.1008 0.0905 0.0097  0.0081  0.0085  189 ILE A O   
391 C CB  . ILE A 40 ? 0.0507 0.1039 0.0913 0.0013  0.0063  0.0071  189 ILE A CB  
392 C CG1 . ILE A 40 ? 0.0666 0.1032 0.0901 0.0072  0.0068  0.0025  189 ILE A CG1 
393 C CG2 . ILE A 40 ? 0.0494 0.1224 0.0916 0.0013  0.0103  0.0045  189 ILE A CG2 
394 C CD1 . ILE A 40 ? 0.0752 0.1219 0.0927 0.0127  0.0159  0.0117  189 ILE A CD1 
395 N N   . ILE A 41 ? 0.0506 0.0978 0.0932 0.0008  0.0055  0.0056  190 ILE A N   
396 C CA  . ILE A 41 ? 0.0599 0.1187 0.0862 -0.0066 0.0019  -0.0034 190 ILE A CA  
397 C C   . ILE A 41 ? 0.0665 0.1021 0.0846 -0.0045 -0.0020 -0.0095 190 ILE A C   
398 O O   . ILE A 41 ? 0.0629 0.1135 0.0945 -0.0004 -0.0006 0.0064  190 ILE A O   
399 C CB  . ILE A 41 ? 0.0757 0.1050 0.1091 -0.0132 0.0026  0.0053  190 ILE A CB  
400 C CG1 . ILE A 41 ? 0.0972 0.1350 0.1215 -0.0365 -0.0011 0.0171  190 ILE A CG1 
401 C CG2 . ILE A 41 ? 0.1068 0.1388 0.1067 -0.0300 -0.0151 -0.0027 190 ILE A CG2 
402 C CD1 . ILE A 41 ? 0.0942 0.1967 0.1348 -0.0343 0.0105  0.0174  190 ILE A CD1 
403 N N   . ASP A 42 ? 0.0610 0.0993 0.0922 -0.0056 0.0068  0.0054  191 ASP A N   
404 C CA  . ASP A 42 ? 0.0630 0.0996 0.0922 -0.0080 0.0017  0.0089  191 ASP A CA  
405 C C   . ASP A 42 ? 0.0522 0.1025 0.0844 -0.0043 0.0038  0.0032  191 ASP A C   
406 O O   . ASP A 42 ? 0.0728 0.0989 0.0913 0.0082  0.0022  0.0058  191 ASP A O   
407 C CB  . ASP A 42 ? 0.0663 0.0944 0.1127 -0.0065 0.0170  0.0028  191 ASP A CB  
408 C CG  . ASP A 42 ? 0.0963 0.1086 0.1442 -0.0114 0.0277  -0.0113 191 ASP A CG  
409 O OD1 . ASP A 42 ? 0.1287 0.1264 0.1697 -0.0279 0.0304  -0.0314 191 ASP A OD1 
410 O OD2 . ASP A 42 ? 0.1195 0.1375 0.2526 -0.0311 0.0696  -0.0665 191 ASP A OD2 
411 N N   . CYS A 43 ? 0.0625 0.0913 0.0829 0.0042  0.0055  0.0105  192 CYS A N   
412 C CA  . CYS A 43 ? 0.0596 0.0946 0.0814 0.0004  0.0006  0.0069  192 CYS A CA  
413 C C   . CYS A 43 ? 0.0596 0.1040 0.0756 0.0030  -0.0031 -0.0021 192 CYS A C   
414 O O   . CYS A 43 ? 0.0625 0.0936 0.0916 0.0040  0.0022  0.0043  192 CYS A O   
415 C CB  . CYS A 43 ? 0.0667 0.1016 0.0965 -0.0035 -0.0147 -0.0001 192 CYS A CB  
416 S SG  . CYS A 43 ? 0.0611 0.1062 0.1386 -0.0019 -0.0179 -0.0014 192 CYS A SG  
417 N N   . PHE A 44 ? 0.0535 0.0951 0.0820 0.0014  0.0019  0.0084  193 PHE A N   
418 C CA  . PHE A 44 ? 0.0509 0.1039 0.0974 0.0042  0.0062  -0.0046 193 PHE A CA  
419 C C   . PHE A 44 ? 0.0591 0.1075 0.0980 0.0056  -0.0056 0.0006  193 PHE A C   
420 O O   . PHE A 44 ? 0.0778 0.1264 0.1208 0.0329  -0.0197 0.0000  193 PHE A O   
421 C CB  . PHE A 44 ? 0.0520 0.1293 0.0960 0.0030  -0.0069 0.0055  193 PHE A CB  
422 C CG  . PHE A 44 ? 0.0497 0.1221 0.0984 0.0124  0.0077  0.0092  193 PHE A CG  
423 C CD1 . PHE A 44 ? 0.0633 0.1289 0.0976 0.0054  0.0120  0.0098  193 PHE A CD1 
424 C CD2 . PHE A 44 ? 0.0520 0.1277 0.1084 0.0070  0.0103  0.0057  193 PHE A CD2 
425 C CE1 . PHE A 44 ? 0.0757 0.1353 0.1000 0.0042  0.0228  -0.0019 193 PHE A CE1 
426 C CE2 . PHE A 44 ? 0.0697 0.1086 0.1259 0.0062  0.0188  0.0076  193 PHE A CE2 
427 C CZ  . PHE A 44 ? 0.0665 0.1246 0.1017 0.0163  0.0243  0.0226  193 PHE A CZ  
428 N N   . ARG A 45 ? 0.0629 0.1051 0.0896 0.0008  -0.0086 -0.0013 194 ARG A N   
429 C CA  . ARG A 45 ? 0.0765 0.1183 0.0909 0.0057  -0.0221 0.0091  194 ARG A CA  
430 C C   . ARG A 45 ? 0.0758 0.1207 0.0870 0.0029  -0.0083 -0.0004 194 ARG A C   
431 O O   . ARG A 45 ? 0.1023 0.1479 0.1583 0.0050  -0.0366 0.0495  194 ARG A O   
432 C CB  . ARG A 45 ? 0.1098 0.1321 0.0903 -0.0071 -0.0182 -0.0014 194 ARG A CB  
433 C CG  . ARG A 45 ? 0.1033 0.1438 0.1051 -0.0064 -0.0115 -0.0131 194 ARG A CG  
434 C CD  . ARG A 45 ? 0.1367 0.1327 0.1650 0.0028  -0.0209 -0.0228 194 ARG A CD  
435 N NE  . ARG A 45 ? 0.1236 0.1461 0.1689 -0.0015 -0.0195 -0.0229 194 ARG A NE  
436 C CZ  . ARG A 45 ? 0.1698 0.1409 0.1530 0.0048  -0.0109 -0.0148 194 ARG A CZ  
437 N NH1 . ARG A 45 ? 0.1872 0.1969 0.3067 0.0488  0.0367  -0.0228 194 ARG A NH1 
438 N NH2 . ARG A 45 ? 0.2402 0.1494 0.2095 -0.0050 -0.0618 -0.0019 194 ARG A NH2 
439 N N   . GLN A 46 ? 0.0774 0.1027 0.0758 0.0065  -0.0027 0.0049  195 GLN A N   
440 C CA  . GLN A 46 ? 0.0844 0.1042 0.0739 -0.0004 0.0097  0.0029  195 GLN A CA  
441 C C   . GLN A 46 ? 0.0796 0.1017 0.0875 0.0039  0.0065  -0.0018 195 GLN A C   
442 O O   . GLN A 46 ? 0.1522 0.1007 0.1005 -0.0094 0.0205  0.0047  195 GLN A O   
443 C CB  . GLN A 46 ? 0.0825 0.1036 0.0956 0.0012  0.0112  0.0023  195 GLN A CB  
444 C CG  . GLN A 46 ? 0.0891 0.1189 0.0930 0.0056  0.0026  -0.0060 195 GLN A CG  
445 C CD  . GLN A 46 ? 0.0947 0.1382 0.0948 0.0195  0.0113  -0.0114 195 GLN A CD  
446 O OE1 . GLN A 46 ? 0.0910 0.1805 0.1298 0.0086  0.0096  -0.0246 195 GLN A OE1 
447 N NE2 . GLN A 46 ? 0.1132 0.1421 0.1693 0.0205  0.0335  -0.0021 195 GLN A NE2 
448 N N   . LYS A 47 ? 0.0691 0.0978 0.0868 -0.0009 0.0030  -0.0047 196 LYS A N   
449 C CA  . LYS A 47 ? 0.0659 0.0947 0.0957 0.0027  0.0068  -0.0060 196 LYS A CA  
450 C C   . LYS A 47 ? 0.0746 0.0992 0.0889 0.0052  0.0133  0.0018  196 LYS A C   
451 O O   . LYS A 47 ? 0.0945 0.1115 0.1081 0.0083  0.0076  -0.0177 196 LYS A O   
452 C CB  . LYS A 47 ? 0.0731 0.0975 0.0966 -0.0003 0.0016  -0.0179 196 LYS A CB  
453 C CG  . LYS A 47 ? 0.0610 0.1122 0.1218 0.0029  -0.0105 -0.0103 196 LYS A CG  
454 C CD  . LYS A 47 ? 0.0766 0.1137 0.1247 0.0068  0.0012  -0.0039 196 LYS A CD  
455 C CE  . LYS A 47 ? 0.0620 0.0869 0.1299 0.0040  0.0096  0.0004  196 LYS A CE  
456 N NZ  . LYS A 47 ? 0.0599 0.0943 0.1183 -0.0022 -0.0004 -0.0123 196 LYS A NZ  
457 N N   . SER A 48 ? 0.0680 0.1142 0.1072 0.0093  0.0023  -0.0110 197 SER A N   
458 C CA  A SER A 48 ? 0.0685 0.1154 0.1136 0.0159  0.0085  0.0005  197 SER A CA  
459 C CA  B SER A 48 ? 0.0717 0.1133 0.1258 0.0148  0.0104  0.0109  197 SER A CA  
460 C C   . SER A 48 ? 0.0711 0.1031 0.1171 -0.0063 0.0005  0.0117  197 SER A C   
461 O O   . SER A 48 ? 0.0905 0.1248 0.1560 -0.0101 0.0189  0.0242  197 SER A O   
462 C CB  A SER A 48 ? 0.0767 0.1076 0.1200 0.0107  0.0156  0.0141  197 SER A CB  
463 C CB  B SER A 48 ? 0.0648 0.1001 0.1557 0.0157  0.0145  0.0068  197 SER A CB  
464 O OG  A SER A 48 ? 0.0753 0.1058 0.1388 -0.0035 -0.0232 0.0248  197 SER A OG  
465 O OG  B SER A 48 ? 0.1661 0.1100 0.1150 -0.0062 0.0247  -0.0091 197 SER A OG  
466 N N   . GLN A 49 ? 0.0738 0.0982 0.1326 0.0022  -0.0012 0.0126  198 GLN A N   
467 C CA  . GLN A 49 ? 0.0817 0.1111 0.1560 -0.0051 -0.0020 0.0316  198 GLN A CA  
468 C C   . GLN A 49 ? 0.0834 0.1202 0.1437 -0.0093 0.0099  0.0331  198 GLN A C   
469 O O   . GLN A 49 ? 0.1023 0.1178 0.1148 -0.0137 0.0052  0.0320  198 GLN A O   
470 C CB  . GLN A 49 ? 0.1025 0.1184 0.1722 0.0274  -0.0120 0.0213  198 GLN A CB  
471 C CG  . GLN A 49 ? 0.1450 0.1155 0.1706 0.0279  -0.0232 0.0277  198 GLN A CG  
472 C CD  . GLN A 49 ? 0.1969 0.1103 0.2396 0.0092  -0.0707 0.0417  198 GLN A CD  
473 O OE1 . GLN A 49 ? 0.3918 0.1360 0.2797 -0.0424 -0.1619 0.0739  198 GLN A OE1 
474 N NE2 . GLN A 49 ? 0.2279 0.1375 0.1648 -0.0400 -0.0267 0.0352  198 GLN A NE2 
475 N N   . PRO A 50 ? 0.1416 0.1431 0.1625 -0.0257 0.0015  0.0594  199 PRO A N   
476 C CA  . PRO A 50 ? 0.1819 0.1737 0.1492 -0.0250 0.0155  0.0736  199 PRO A CA  
477 C C   . PRO A 50 ? 0.1735 0.1542 0.1125 -0.0105 -0.0040 0.0642  199 PRO A C   
478 O O   . PRO A 50 ? 0.1688 0.1657 0.1144 0.0045  -0.0017 0.0561  199 PRO A O   
479 C CB  . PRO A 50 ? 0.2660 0.1829 0.1794 -0.0304 0.0304  0.0835  199 PRO A CB  
480 C CG  . PRO A 50 ? 0.3156 0.2362 0.2443 -0.1024 -0.0103 0.1306  199 PRO A CG  
481 C CD  . PRO A 50 ? 0.2409 0.1761 0.2312 -0.0893 -0.0278 0.0943  199 PRO A CD  
482 N N   . ASP A 51 ? 0.1678 0.1433 0.1315 -0.0030 -0.0206 0.0502  200 ASP A N   
483 C CA  A ASP A 51 ? 0.1545 0.1226 0.1329 0.0251  -0.0403 0.0248  200 ASP A CA  
484 C CA  B ASP A 51 ? 0.1546 0.1303 0.1424 0.0165  -0.0420 0.0391  200 ASP A CA  
485 C C   . ASP A 51 ? 0.1241 0.1318 0.1110 0.0149  -0.0240 0.0251  200 ASP A C   
486 O O   . ASP A 51 ? 0.1357 0.1463 0.1272 -0.0031 -0.0406 0.0342  200 ASP A O   
487 C CB  A ASP A 51 ? 0.1535 0.1423 0.1703 0.0249  -0.0459 0.0048  200 ASP A CB  
488 C CB  B ASP A 51 ? 0.1602 0.1306 0.2039 0.0159  -0.0345 0.0212  200 ASP A CB  
489 C CG  A ASP A 51 ? 0.2229 0.1475 0.1826 0.0682  -0.0246 -0.0045 200 ASP A CG  
490 C CG  B ASP A 51 ? 0.1965 0.2620 0.1904 0.0835  -0.0180 0.0035  200 ASP A CG  
491 O OD1 A ASP A 51 ? 0.2064 0.1224 0.2608 0.0319  0.0480  0.0562  200 ASP A OD1 
492 O OD1 B ASP A 51 ? 0.1738 0.2296 0.1990 0.0255  -0.0198 0.0190  200 ASP A OD1 
493 O OD2 A ASP A 51 ? 0.3235 0.2018 0.2956 0.1123  0.0511  -0.0265 200 ASP A OD2 
494 O OD2 B ASP A 51 ? 0.2479 0.5089 0.2509 0.1833  -0.0380 -0.0763 200 ASP A OD2 
495 N N   . ILE A 52 ? 0.0979 0.1187 0.1025 0.0005  -0.0161 0.0232  201 ILE A N   
496 C CA  . ILE A 52 ? 0.0828 0.1239 0.0956 -0.0072 -0.0055 0.0328  201 ILE A CA  
497 C C   . ILE A 52 ? 0.0802 0.1143 0.0845 -0.0034 -0.0113 0.0290  201 ILE A C   
498 O O   . ILE A 52 ? 0.0888 0.1237 0.0827 -0.0124 -0.0136 0.0337  201 ILE A O   
499 C CB  . ILE A 52 ? 0.1318 0.1371 0.0860 0.0009  -0.0030 0.0251  201 ILE A CB  
500 C CG1 . ILE A 52 ? 0.1926 0.2079 0.1129 0.0481  0.0298  0.0241  201 ILE A CG1 
501 C CG2 . ILE A 52 ? 0.1887 0.1562 0.0833 -0.0057 -0.0219 0.0335  201 ILE A CG2 
502 C CD1 . ILE A 52 ? 0.2569 0.1736 0.2293 0.0219  0.1361  0.0468  201 ILE A CD1 
503 N N   . GLN A 53 ? 0.0784 0.1268 0.0966 -0.0110 -0.0130 0.0309  202 GLN A N   
504 C CA  . GLN A 53 ? 0.0741 0.1362 0.0922 -0.0073 -0.0055 0.0298  202 GLN A CA  
505 C C   . GLN A 53 ? 0.0723 0.1443 0.0894 -0.0076 -0.0020 0.0399  202 GLN A C   
506 O O   . GLN A 53 ? 0.0784 0.1439 0.0908 0.0015  -0.0028 0.0255  202 GLN A O   
507 C CB  . GLN A 53 ? 0.0859 0.1732 0.1133 -0.0157 -0.0082 0.0507  202 GLN A CB  
508 C CG  . GLN A 53 ? 0.0861 0.2020 0.1631 -0.0211 0.0001  0.0407  202 GLN A CG  
509 C CD  . GLN A 53 ? 0.1010 0.3559 0.1663 -0.0770 0.0276  0.0128  202 GLN A CD  
510 O OE1 . GLN A 53 ? 0.2450 0.2686 0.2753 -0.0129 0.1355  0.0672  202 GLN A OE1 
511 N NE2 . GLN A 53 ? 0.2840 0.5902 0.3232 -0.2880 0.0881  -0.1113 202 GLN A NE2 
512 N N   . GLN A 54 ? 0.0680 0.1409 0.0847 -0.0041 0.0035  0.0398  203 GLN A N   
513 C CA  . GLN A 54 ? 0.0709 0.1580 0.0740 -0.0048 0.0012  0.0407  203 GLN A CA  
514 C C   . GLN A 54 ? 0.0765 0.1419 0.0756 0.0003  -0.0084 0.0273  203 GLN A C   
515 O O   . GLN A 54 ? 0.0967 0.1648 0.0856 -0.0202 0.0109  0.0186  203 GLN A O   
516 C CB  . GLN A 54 ? 0.0960 0.1547 0.0810 -0.0169 -0.0177 0.0450  203 GLN A CB  
517 C CG  . GLN A 54 ? 0.1130 0.1626 0.0992 -0.0065 0.0109  0.0405  203 GLN A CG  
518 C CD  . GLN A 54 ? 0.1129 0.2200 0.1454 -0.0173 -0.0021 0.1023  203 GLN A CD  
519 O OE1 . GLN A 54 ? 0.1330 0.2362 0.2205 -0.0295 -0.0452 0.1222  203 GLN A OE1 
520 N NE2 . GLN A 54 ? 0.1413 0.1521 0.1738 -0.0051 -0.0060 0.0549  203 GLN A NE2 
521 N N   . LEU A 55 ? 0.0619 0.1297 0.0758 -0.0023 -0.0025 0.0358  204 LEU A N   
522 C CA  . LEU A 55 ? 0.0630 0.1134 0.0781 -0.0025 -0.0098 0.0309  204 LEU A CA  
523 C C   . LEU A 55 ? 0.0635 0.1243 0.0709 -0.0063 -0.0012 0.0225  204 LEU A C   
524 O O   . LEU A 55 ? 0.0802 0.1235 0.0748 -0.0024 -0.0074 0.0213  204 LEU A O   
525 C CB  . LEU A 55 ? 0.0660 0.1262 0.0826 -0.0010 -0.0010 0.0294  204 LEU A CB  
526 C CG  . LEU A 55 ? 0.0653 0.1224 0.1015 0.0054  0.0041  0.0363  204 LEU A CG  
527 C CD1 . LEU A 55 ? 0.0637 0.1393 0.1247 -0.0040 0.0011  0.0279  204 LEU A CD1 
528 C CD2 . LEU A 55 ? 0.0812 0.1574 0.0985 0.0118  0.0172  0.0445  204 LEU A CD2 
529 N N   . ILE A 56 ? 0.0606 0.1188 0.0783 0.0080  0.0065  0.0319  205 ILE A N   
530 C CA  . ILE A 56 ? 0.0742 0.1177 0.0881 0.0120  0.0065  0.0296  205 ILE A CA  
531 C C   . ILE A 56 ? 0.0720 0.1328 0.1001 0.0071  0.0026  0.0158  205 ILE A C   
532 O O   . ILE A 56 ? 0.1078 0.1396 0.1114 0.0165  -0.0088 0.0113  205 ILE A O   
533 C CB  . ILE A 56 ? 0.0697 0.1236 0.0854 0.0116  0.0047  0.0336  205 ILE A CB  
534 C CG1 . ILE A 56 ? 0.0590 0.1286 0.0932 0.0105  0.0005  0.0300  205 ILE A CG1 
535 C CG2 . ILE A 56 ? 0.0745 0.1534 0.1113 0.0244  0.0009  0.0295  205 ILE A CG2 
536 C CD1 . ILE A 56 ? 0.0844 0.1437 0.1062 0.0058  -0.0149 0.0166  205 ILE A CD1 
537 N N   . ARG A 57 ? 0.0843 0.1545 0.0928 0.0034  0.0145  0.0177  206 ARG A N   
538 C CA  . ARG A 57 ? 0.1176 0.1994 0.1155 -0.0015 0.0413  -0.0070 206 ARG A CA  
539 C C   . ARG A 57 ? 0.1473 0.1762 0.0804 -0.0060 0.0286  0.0000  206 ARG A C   
540 O O   . ARG A 57 ? 0.1893 0.1844 0.1066 0.0086  0.0266  -0.0110 206 ARG A O   
541 C CB  . ARG A 57 ? 0.1748 0.1844 0.1417 -0.0027 0.0458  0.0293  206 ARG A CB  
542 C CG  . ARG A 57 ? 0.1464 0.1925 0.1177 0.0277  0.0167  -0.0041 206 ARG A CG  
543 C CD  . ARG A 57 ? 0.1963 0.2086 0.1159 0.0171  0.0042  0.0524  206 ARG A CD  
544 N NE  . ARG A 57 ? 0.1573 0.2355 0.1622 0.0074  0.0008  0.0720  206 ARG A NE  
545 C CZ  . ARG A 57 ? 0.1373 0.2166 0.1574 0.0172  0.0246  0.0676  206 ARG A CZ  
546 N NH1 . ARG A 57 ? 0.1603 0.3157 0.1942 -0.0227 -0.0195 0.0822  206 ARG A NH1 
547 N NH2 . ARG A 57 ? 0.1585 0.2470 0.1645 0.0314  0.0158  0.0729  206 ARG A NH2 
548 N N   . THR A 58 ? 0.1305 0.1568 0.0682 -0.0128 0.0127  0.0123  207 THR A N   
549 C CA  . THR A 58 ? 0.1427 0.1670 0.0614 -0.0195 -0.0063 0.0154  207 THR A CA  
550 C C   . THR A 58 ? 0.1395 0.1406 0.0740 -0.0024 -0.0039 0.0042  207 THR A C   
551 O O   . THR A 58 ? 0.1530 0.1490 0.0944 -0.0180 -0.0154 0.0086  207 THR A O   
552 C CB  . THR A 58 ? 0.1436 0.1500 0.0799 -0.0200 -0.0238 0.0352  207 THR A CB  
553 O OG1 . THR A 58 ? 0.1163 0.1233 0.0800 -0.0083 -0.0189 0.0327  207 THR A OG1 
554 C CG2 . THR A 58 ? 0.1609 0.1729 0.1028 -0.0336 -0.0253 0.0644  207 THR A CG2 
555 N N   . ALA A 59 ? 0.1284 0.1373 0.0898 -0.0055 -0.0050 0.0138  208 ALA A N   
556 C CA  . ALA A 59 ? 0.1279 0.1379 0.0810 0.0026  0.0082  0.0047  208 ALA A CA  
557 C C   . ALA A 59 ? 0.1499 0.1459 0.0948 0.0269  0.0122  -0.0001 208 ALA A C   
558 O O   . ALA A 59 ? 0.1635 0.1745 0.1222 0.0393  0.0326  0.0100  208 ALA A O   
559 C CB  . ALA A 59 ? 0.1801 0.1183 0.0900 0.0019  0.0006  0.0196  208 ALA A CB  
560 N N   . PRO A 60 ? 0.2035 0.1298 0.1146 0.0035  0.0158  -0.0142 209 PRO A N   
561 C CA  . PRO A 60 ? 0.2314 0.1518 0.1455 0.0225  0.0067  -0.0421 209 PRO A CA  
562 C C   . PRO A 60 ? 0.2610 0.1353 0.1129 0.0318  0.0063  -0.0222 209 PRO A C   
563 O O   . PRO A 60 ? 0.2426 0.1387 0.1308 0.0260  -0.0063 -0.0148 209 PRO A O   
564 C CB  . PRO A 60 ? 0.2684 0.1436 0.1771 -0.0200 -0.0106 -0.0065 209 PRO A CB  
565 C CG  . PRO A 60 ? 0.1975 0.1418 0.1730 -0.0015 -0.0170 0.0106  209 PRO A CG  
566 C CD  . PRO A 60 ? 0.1636 0.1402 0.1071 0.0092  -0.0050 0.0085  209 PRO A CD  
567 N N   . SER A 61 ? 0.3253 0.1820 0.1287 0.0991  -0.0035 -0.0346 210 SER A N   
568 C CA  . SER A 61 ? 0.2941 0.1861 0.1589 0.0834  0.0075  -0.0216 210 SER A CA  
569 C C   . SER A 61 ? 0.3108 0.1828 0.1410 0.0804  -0.0249 -0.0409 210 SER A C   
570 O O   . SER A 61 ? 0.3459 0.2213 0.1949 0.1063  -0.0575 -0.0355 210 SER A O   
571 C CB  . SER A 61 ? 0.2834 0.2130 0.1734 0.0902  0.0407  -0.0152 210 SER A CB  
572 O OG  . SER A 61 ? 0.3319 0.2101 0.1432 0.0720  0.0251  -0.0258 210 SER A OG  
573 N N   . THR A 62 ? 0.3533 0.1411 0.1228 0.0369  -0.0383 -0.0381 211 THR A N   
574 C CA  . THR A 62 ? 0.4615 0.1460 0.1338 -0.0133 -0.0498 -0.0352 211 THR A CA  
575 C C   . THR A 62 ? 0.3860 0.1245 0.1157 -0.0080 -0.0217 -0.0122 211 THR A C   
576 O O   . THR A 62 ? 0.5356 0.1589 0.1400 0.0310  -0.0735 -0.0084 211 THR A O   
577 C CB  . THR A 62 ? 0.5286 0.1753 0.2352 -0.1166 -0.0901 0.0026  211 THR A CB  
578 O OG1 . THR A 62 ? 0.4228 0.2633 0.3051 -0.1029 -0.0882 -0.0425 211 THR A OG1 
579 C CG2 . THR A 62 ? 0.5979 0.2327 0.3034 -0.1177 -0.1119 -0.0608 211 THR A CG2 
580 N N   . LEU A 63 ? 0.3198 0.1268 0.1088 -0.0181 -0.0331 -0.0126 212 LEU A N   
581 C CA  . LEU A 63 ? 0.2788 0.1390 0.1012 -0.0214 -0.0219 -0.0067 212 LEU A CA  
582 C C   . LEU A 63 ? 0.2917 0.1951 0.1333 -0.0673 0.0063  -0.0286 212 LEU A C   
583 O O   . LEU A 63 ? 0.4035 0.4279 0.2462 -0.1565 0.0239  0.1024  212 LEU A O   
584 C CB  . LEU A 63 ? 0.3416 0.1348 0.1185 -0.0184 -0.0031 -0.0214 212 LEU A CB  
585 C CG  . LEU A 63 ? 0.3309 0.1467 0.1637 0.0369  -0.0590 -0.0384 212 LEU A CG  
586 C CD1 . LEU A 63 ? 0.5679 0.2306 0.1045 0.2067  0.0215  0.0099  212 LEU A CD1 
587 C CD2 . LEU A 63 ? 0.2117 0.1949 0.2596 -0.0205 -0.0865 -0.0004 212 LEU A CD2 
588 N N   . THR A 64 ? 0.2370 0.2713 0.1042 -0.0581 -0.0026 -0.0514 213 THR A N   
589 C CA  . THR A 64 ? 0.2473 0.2982 0.1663 -0.0806 0.0125  -0.1088 213 THR A CA  
590 C C   . THR A 64 ? 0.1988 0.2737 0.1577 -0.0749 0.0232  -0.0796 213 THR A C   
591 O O   . THR A 64 ? 0.2309 0.4839 0.1968 -0.1519 0.0510  -0.1521 213 THR A O   
592 C CB  . THR A 64 ? 0.2680 0.3749 0.2214 -0.0255 0.0217  -0.1606 213 THR A CB  
593 O OG1 . THR A 64 ? 0.2619 0.2927 0.3168 0.0134  0.0207  -0.1287 213 THR A OG1 
594 C CG2 . THR A 64 ? 0.2499 0.5072 0.2623 0.1130  0.0091  -0.2730 213 THR A CG2 
595 N N   . THR A 65 ? 0.1429 0.1317 0.1494 0.0140  -0.0048 -0.0552 214 THR A N   
596 C CA  . THR A 65 ? 0.1155 0.1105 0.1480 0.0188  -0.0079 -0.0209 214 THR A CA  
597 C C   . THR A 65 ? 0.0889 0.1045 0.0913 0.0070  0.0114  -0.0116 214 THR A C   
598 O O   . THR A 65 ? 0.0788 0.1049 0.0832 -0.0009 0.0003  0.0017  214 THR A O   
599 C CB  . THR A 65 ? 0.1177 0.0961 0.1726 0.0189  -0.0291 0.0012  214 THR A CB  
600 O OG1 . THR A 65 ? 0.1085 0.1106 0.1549 0.0053  -0.0139 0.0270  214 THR A OG1 
601 C CG2 . THR A 65 ? 0.1987 0.1001 0.2241 0.0361  -0.0477 -0.0064 214 THR A CG2 
602 N N   . PRO A 66 ? 0.0664 0.0967 0.0968 0.0124  0.0120  0.0027  215 PRO A N   
603 C CA  . PRO A 66 ? 0.0661 0.0898 0.0715 0.0114  0.0095  0.0101  215 PRO A CA  
604 C C   . PRO A 66 ? 0.0606 0.0834 0.0617 0.0039  0.0036  0.0049  215 PRO A C   
605 O O   . PRO A 66 ? 0.0631 0.0884 0.0657 0.0059  0.0008  0.0149  215 PRO A O   
606 C CB  . PRO A 66 ? 0.0606 0.0975 0.0877 0.0101  0.0088  0.0138  215 PRO A CB  
607 C CG  . PRO A 66 ? 0.0676 0.1285 0.1088 0.0174  0.0052  -0.0031 215 PRO A CG  
608 C CD  . PRO A 66 ? 0.0777 0.1138 0.1230 0.0235  0.0064  -0.0085 215 PRO A CD  
609 N N   . GLY A 67 ? 0.0578 0.0918 0.0649 0.0082  0.0012  0.0139  216 GLY A N   
610 C CA  . GLY A 67 ? 0.0599 0.0952 0.0645 0.0014  -0.0043 0.0225  216 GLY A CA  
611 C C   . GLY A 67 ? 0.0572 0.1018 0.0680 0.0010  0.0009  0.0238  216 GLY A C   
612 O O   . GLY A 67 ? 0.0581 0.1152 0.0681 0.0071  0.0046  0.0186  216 GLY A O   
613 N N   . GLU A 68 ? 0.0674 0.0885 0.0683 0.0056  -0.0014 0.0172  217 GLU A N   
614 C CA  . GLU A 68 ? 0.0691 0.1054 0.0716 -0.0072 -0.0030 0.0159  217 GLU A CA  
615 C C   . GLU A 68 ? 0.0651 0.0968 0.0625 0.0066  -0.0005 0.0090  217 GLU A C   
616 O O   . GLU A 68 ? 0.0678 0.1088 0.0688 0.0034  -0.0032 0.0121  217 GLU A O   
617 C CB  . GLU A 68 ? 0.0951 0.0979 0.0827 -0.0054 -0.0108 0.0057  217 GLU A CB  
618 C CG  . GLU A 68 ? 0.1192 0.1143 0.1134 -0.0183 -0.0067 0.0204  217 GLU A CG  
619 C CD  . GLU A 68 ? 0.2223 0.0963 0.1670 -0.0120 -0.0072 0.0036  217 GLU A CD  
620 O OE1 . GLU A 68 ? 0.1607 0.1251 0.1528 0.0142  -0.0192 -0.0250 217 GLU A OE1 
621 O OE2 . GLU A 68 ? 0.4314 0.1166 0.3580 -0.0768 0.0862  -0.0142 217 GLU A OE2 
622 N N   . ILE A 69 ? 0.0652 0.0995 0.0583 0.0065  0.0020  0.0135  218 ILE A N   
623 C CA  . ILE A 69 ? 0.0690 0.0946 0.0546 0.0128  -0.0032 0.0181  218 ILE A CA  
624 C C   . ILE A 69 ? 0.0515 0.1025 0.0547 0.0033  0.0057  0.0138  218 ILE A C   
625 O O   . ILE A 69 ? 0.0578 0.1049 0.0589 0.0116  -0.0017 0.0190  218 ILE A O   
626 C CB  . ILE A 69 ? 0.0729 0.1129 0.0662 0.0125  0.0148  0.0187  218 ILE A CB  
627 C CG1 . ILE A 69 ? 0.1275 0.1126 0.0888 0.0310  0.0435  0.0235  218 ILE A CG1 
628 C CG2 . ILE A 69 ? 0.0689 0.1075 0.0769 0.0049  0.0127  0.0254  218 ILE A CG2 
629 C CD1 . ILE A 69 ? 0.1795 0.1635 0.0931 -0.0133 0.0221  -0.0237 218 ILE A CD1 
630 N N   . ILE A 70 ? 0.0524 0.0992 0.0614 0.0074  0.0018  0.0134  219 ILE A N   
631 C CA  . ILE A 70 ? 0.0529 0.0924 0.0570 0.0035  0.0008  0.0114  219 ILE A CA  
632 C C   . ILE A 70 ? 0.0590 0.0952 0.0515 0.0072  -0.0008 0.0130  219 ILE A C   
633 O O   . ILE A 70 ? 0.0589 0.0993 0.0612 0.0156  -0.0028 0.0087  219 ILE A O   
634 C CB  . ILE A 70 ? 0.0579 0.0947 0.0600 0.0039  -0.0011 0.0080  219 ILE A CB  
635 C CG1 . ILE A 70 ? 0.0607 0.0929 0.0654 0.0091  -0.0032 0.0096  219 ILE A CG1 
636 C CG2 . ILE A 70 ? 0.0669 0.1306 0.0650 0.0169  -0.0070 -0.0119 219 ILE A CG2 
637 C CD1 . ILE A 70 ? 0.0648 0.1108 0.0674 0.0082  -0.0090 0.0067  219 ILE A CD1 
638 N N   . LYS A 71 ? 0.0527 0.1003 0.0565 0.0090  0.0013  0.0163  220 LYS A N   
639 C CA  . LYS A 71 ? 0.0535 0.1098 0.0561 0.0011  -0.0016 0.0118  220 LYS A CA  
640 C C   . LYS A 71 ? 0.0527 0.1080 0.0534 -0.0023 -0.0021 0.0170  220 LYS A C   
641 O O   . LYS A 71 ? 0.0545 0.1208 0.0672 0.0109  0.0004  0.0117  220 LYS A O   
642 C CB  . LYS A 71 ? 0.0618 0.1156 0.0638 -0.0074 -0.0008 0.0211  220 LYS A CB  
643 C CG  . LYS A 71 ? 0.0748 0.1388 0.0643 -0.0067 0.0037  0.0260  220 LYS A CG  
644 C CD  . LYS A 71 ? 0.0975 0.1481 0.0740 -0.0204 0.0002  0.0424  220 LYS A CD  
645 C CE  . LYS A 71 ? 0.1879 0.1393 0.1676 0.0116  0.0596  0.0688  220 LYS A CE  
646 N NZ  . LYS A 71 ? 0.3705 0.1416 0.1845 0.0069  0.1147  0.0674  220 LYS A NZ  
647 N N   . TYR A 72 ? 0.0564 0.1108 0.0545 0.0134  -0.0012 0.0184  221 TYR A N   
648 C CA  . TYR A 72 ? 0.0629 0.1109 0.0564 0.0047  -0.0066 0.0136  221 TYR A CA  
649 C C   . TYR A 72 ? 0.0579 0.1086 0.0502 0.0081  0.0009  0.0137  221 TYR A C   
650 O O   . TYR A 72 ? 0.0606 0.1098 0.0605 0.0114  -0.0087 0.0103  221 TYR A O   
651 C CB  . TYR A 72 ? 0.0714 0.1197 0.0546 0.0215  0.0011  0.0132  221 TYR A CB  
652 C CG  . TYR A 72 ? 0.0722 0.1075 0.0596 0.0096  -0.0015 0.0124  221 TYR A CG  
653 C CD1 . TYR A 72 ? 0.0767 0.1029 0.0600 0.0112  -0.0022 0.0078  221 TYR A CD1 
654 C CD2 . TYR A 72 ? 0.0815 0.1130 0.0597 0.0009  -0.0022 0.0127  221 TYR A CD2 
655 C CE1 . TYR A 72 ? 0.0796 0.1153 0.0547 -0.0015 -0.0053 0.0019  221 TYR A CE1 
656 C CE2 . TYR A 72 ? 0.0996 0.1163 0.0544 -0.0074 -0.0069 0.0170  221 TYR A CE2 
657 C CZ  . TYR A 72 ? 0.0982 0.1031 0.0608 0.0020  -0.0048 0.0125  221 TYR A CZ  
658 O OH  . TYR A 72 ? 0.1409 0.1326 0.0640 -0.0224 -0.0294 0.0204  221 TYR A OH  
659 N N   . VAL A 73 ? 0.0593 0.1049 0.0596 0.0082  -0.0021 0.0186  222 VAL A N   
660 C CA  . VAL A 73 ? 0.0560 0.1051 0.0557 0.0081  0.0000  0.0145  222 VAL A CA  
661 C C   . VAL A 73 ? 0.0529 0.1112 0.0544 0.0010  -0.0007 0.0187  222 VAL A C   
662 O O   . VAL A 73 ? 0.0617 0.1105 0.0684 0.0176  -0.0025 0.0163  222 VAL A O   
663 C CB  . VAL A 73 ? 0.0568 0.1156 0.0667 -0.0002 -0.0014 0.0250  222 VAL A CB  
664 C CG1 . VAL A 73 ? 0.0705 0.1157 0.0888 0.0017  -0.0093 0.0182  222 VAL A CG1 
665 C CG2 . VAL A 73 ? 0.0641 0.1336 0.0799 0.0041  0.0128  0.0299  222 VAL A CG2 
666 N N   . LEU A 74 ? 0.0612 0.1064 0.0583 0.0081  0.0016  0.0095  223 LEU A N   
667 C CA  A LEU A 74 ? 0.0557 0.1151 0.0612 0.0177  0.0037  0.0108  223 LEU A CA  
668 C CA  B LEU A 74 ? 0.0619 0.1178 0.0617 0.0166  0.0011  0.0074  223 LEU A CA  
669 C C   . LEU A 74 ? 0.0608 0.1222 0.0576 0.0167  0.0016  0.0122  223 LEU A C   
670 O O   . LEU A 74 ? 0.0695 0.1366 0.0762 0.0292  0.0084  0.0089  223 LEU A O   
671 C CB  A LEU A 74 ? 0.0666 0.1587 0.0601 0.0138  0.0096  0.0224  223 LEU A CB  
672 C CB  B LEU A 74 ? 0.0662 0.0612 0.0535 0.0093  -0.0001 -0.0130 223 LEU A CB  
673 C CG  A LEU A 74 ? 0.0934 0.1786 0.0770 0.0066  -0.0150 0.0231  223 LEU A CG  
674 C CG  B LEU A 74 ? 0.1078 0.1008 0.0701 0.0586  0.0093  -0.0141 223 LEU A CG  
675 C CD1 A LEU A 74 ? 0.0933 0.1357 0.0880 0.0111  -0.0012 0.0098  223 LEU A CD1 
676 C CD1 B LEU A 74 ? 0.3468 0.0802 0.0681 0.0536  -0.0143 -0.0266 223 LEU A CD1 
677 C CD2 A LEU A 74 ? 0.0938 0.2538 0.0676 0.0101  -0.0047 0.0323  223 LEU A CD2 
678 C CD2 B LEU A 74 ? 0.1807 0.1220 0.0583 0.0519  0.0345  0.0067  223 LEU A CD2 
679 N N   . ASP A 75 ? 0.0514 0.1277 0.0607 0.0131  0.0055  0.0187  224 ASP A N   
680 C CA  . ASP A 75 ? 0.0554 0.1292 0.0620 0.0050  0.0028  0.0247  224 ASP A CA  
681 C C   . ASP A 75 ? 0.0625 0.1253 0.0675 0.0109  -0.0004 0.0242  224 ASP A C   
682 O O   . ASP A 75 ? 0.0525 0.1533 0.0981 0.0013  -0.0057 0.0350  224 ASP A O   
683 C CB  . ASP A 75 ? 0.0630 0.1274 0.0976 0.0041  -0.0031 0.0318  224 ASP A CB  
684 C CG  . ASP A 75 ? 0.0693 0.1583 0.1297 -0.0006 -0.0012 0.0669  224 ASP A CG  
685 O OD1 . ASP A 75 ? 0.1044 0.2102 0.1013 0.0190  0.0091  0.0696  224 ASP A OD1 
686 O OD2 . ASP A 75 ? 0.0818 0.1571 0.1676 -0.0102 -0.0230 0.0756  224 ASP A OD2 
687 N N   . ARG A 76 ? 0.0581 0.1105 0.0575 0.0006  -0.0026 0.0178  225 ARG A N   
688 C CA  . ARG A 76 ? 0.0666 0.1030 0.0604 0.0075  -0.0076 0.0089  225 ARG A CA  
689 C C   . ARG A 76 ? 0.0987 0.1054 0.0680 0.0062  -0.0102 0.0086  225 ARG A C   
690 O O   . ARG A 76 ? 0.1162 0.1041 0.0695 0.0116  -0.0155 0.0048  225 ARG A O   
691 C CB  . ARG A 76 ? 0.0770 0.1026 0.0563 0.0057  -0.0008 0.0180  225 ARG A CB  
692 C CG  . ARG A 76 ? 0.0613 0.1078 0.0657 0.0023  -0.0019 0.0110  225 ARG A CG  
693 C CD  . ARG A 76 ? 0.0675 0.1097 0.0603 0.0024  -0.0007 0.0107  225 ARG A CD  
694 N NE  . ARG A 76 ? 0.0708 0.1170 0.0612 0.0090  -0.0061 -0.0015 225 ARG A NE  
695 C CZ  . ARG A 76 ? 0.0613 0.1171 0.0716 0.0004  0.0007  -0.0043 225 ARG A CZ  
696 N NH1 . ARG A 76 ? 0.0711 0.1057 0.0692 0.0032  -0.0037 0.0084  225 ARG A NH1 
697 N NH2 . ARG A 76 ? 0.0814 0.1191 0.0883 -0.0012 -0.0089 -0.0078 225 ARG A NH2 
698 N N   . GLN A 77 ? 0.1494 0.1166 0.0705 0.0111  -0.0189 0.0005  226 GLN A N   
699 C CA  . GLN A 77 ? 0.1592 0.1160 0.0791 -0.0086 -0.0120 0.0004  226 GLN A CA  
700 C C   . GLN A 77 ? 0.1482 0.1442 0.0984 0.0048  0.0054  -0.0360 226 GLN A C   
701 O O   . GLN A 77 ? 0.2125 0.1615 0.1640 0.0252  -0.0029 -0.0498 226 GLN A O   
702 C CB  . GLN A 77 ? 0.1672 0.1468 0.0938 -0.0184 -0.0115 -0.0071 226 GLN A CB  
703 C CG  . GLN A 77 ? 0.1723 0.1480 0.0976 -0.0317 -0.0247 -0.0091 226 GLN A CG  
704 C CD  . GLN A 77 ? 0.1171 0.0972 0.1151 -0.0033 0.0090  -0.0234 226 GLN A CD  
705 O OE1 . GLN A 77 ? 0.1572 0.0975 0.1575 -0.0159 0.0524  -0.0090 226 GLN A OE1 
706 N NE2 . GLN A 77 ? 0.0792 0.1147 0.0974 0.0095  0.0171  0.0220  226 GLN A NE2 
707 O OXT . GLN A 77 ? 0.1821 0.1841 0.1700 -0.0223 0.0330  -0.0283 226 GLN A OXT 
708 N N   . NO3 B .  ? 0.1656 0.6008 0.3472 0.1490  -0.0540 -0.0690 1   NO3 A N   
709 O O1  . NO3 B .  ? 0.2214 0.5152 0.3470 0.1173  -0.1210 -0.1124 1   NO3 A O1  
710 O O2  . NO3 B .  ? 0.1667 1.0314 0.3974 0.1257  -0.0514 -0.1668 1   NO3 A O2  
711 O O3  . NO3 B .  ? 0.4121 0.4621 0.3837 -0.0085 -0.2294 -0.1121 1   NO3 A O3  
712 O O   . HOH C .  ? 0.0887 0.1170 0.1255 0.0123  0.0007  -0.0052 2   HOH A O   
713 O O   . HOH C .  ? 0.1089 0.1038 0.1750 -0.0080 0.0210  0.0125  3   HOH A O   
714 O O   . HOH C .  ? 0.1082 0.1712 0.2537 -0.0079 0.0285  0.0327  4   HOH A O   
715 O O   . HOH C .  ? 0.1758 0.1846 0.1396 -0.0069 -0.0316 0.0344  5   HOH A O   
716 O O   . HOH C .  ? 0.1506 0.3563 0.1415 0.1063  -0.0074 0.0449  6   HOH A O   
717 O O   . HOH C .  ? 0.1736 0.2202 0.1879 0.0292  -0.0319 -0.0896 7   HOH A O   
718 O O   . HOH C .  ? 0.1527 0.2100 0.1452 0.0198  0.0033  0.0183  8   HOH A O   
719 O O   . HOH C .  ? 0.1521 0.1995 0.1778 0.0391  0.0434  0.0283  9   HOH A O   
720 O O   . HOH C .  ? 0.1597 0.1923 0.1583 0.0225  0.0479  0.0101  10  HOH A O   
721 O O   . HOH C .  ? 0.2004 0.1805 0.1988 0.0094  0.0031  -0.0385 11  HOH A O   
722 O O   . HOH C .  ? 0.1309 0.2236 0.2392 -0.0451 0.0235  -0.0080 12  HOH A O   
723 O O   A HOH C .  ? 0.1548 0.2207 0.0961 -0.0001 -0.0107 0.0135  13  HOH A O   
724 O O   B HOH C .  ? 0.2024 0.2744 0.1400 0.0534  -0.0067 0.0287  13  HOH A O   
725 O O   . HOH C .  ? 0.3424 0.2187 0.1641 0.0666  0.0335  -0.0306 14  HOH A O   
726 O O   . HOH C .  ? 0.1918 0.2656 0.1935 0.0387  -0.0052 0.0322  15  HOH A O   
727 O O   . HOH C .  ? 0.2136 0.2172 0.2135 0.0336  0.0261  -0.0221 16  HOH A O   
728 O O   . HOH C .  ? 0.1968 0.2296 0.2791 -0.0371 0.0091  0.0790  17  HOH A O   
729 O O   . HOH C .  ? 0.2413 0.2513 0.3110 0.0205  -0.0575 -0.1274 18  HOH A O   
730 O O   . HOH C .  ? 0.4241 0.2451 0.1883 -0.0507 0.0965  -0.0942 19  HOH A O   
731 O O   . HOH C .  ? 0.3860 0.2523 0.6200 -0.0797 -0.2215 0.0727  22  HOH A O   
732 O O   . HOH C .  ? 0.4391 0.2073 0.4319 -0.0166 -0.1244 -0.0538 23  HOH A O   
733 O O   . HOH C .  ? 0.3179 0.3026 0.2431 -0.0992 -0.0206 -0.0025 25  HOH A O   
734 O O   . HOH C .  ? 0.5195 0.2621 0.2632 -0.0162 -0.0550 -0.0185 26  HOH A O   
735 O O   . HOH C .  ? 0.2286 0.3218 0.2251 -0.0446 0.0458  -0.0610 27  HOH A O   
736 O O   . HOH C .  ? 0.1532 0.2545 0.3310 0.0141  0.0225  -0.0301 28  HOH A O   
737 O O   A HOH C .  ? 0.2000 0.2792 0.2686 -0.0009 0.0484  -0.0001 29  HOH A O   
738 O O   B HOH C .  ? 0.0585 0.1599 0.1262 0.0043  -0.0029 -0.0027 29  HOH A O   
739 O O   C HOH C .  ? 0.1332 0.1807 0.2261 0.0657  -0.0168 -0.0752 29  HOH A O   
740 O O   . HOH C .  ? 0.2137 0.5214 0.2863 0.0475  -0.0337 0.0375  30  HOH A O   
741 O O   A HOH C .  ? 0.3314 0.1372 0.3555 0.0301  -0.0252 -0.0222 33  HOH A O   
742 O O   B HOH C .  ? 0.2081 0.2031 0.3749 0.0247  -0.0951 -0.0066 33  HOH A O   
743 O O   . HOH C .  ? 0.2729 0.3786 0.2089 0.0909  0.0141  0.0279  34  HOH A O   
744 O O   . HOH C .  ? 0.2067 0.2842 0.2588 0.0320  -0.0408 -0.0179 35  HOH A O   
745 O O   . HOH C .  ? 0.4167 0.2732 0.1920 -0.0629 -0.0676 0.0036  36  HOH A O   
746 O O   . HOH C .  ? 0.1901 0.4652 0.3196 -0.0459 -0.0569 0.2058  37  HOH A O   
747 O O   . HOH C .  ? 0.2551 0.4352 0.2054 0.0250  0.0159  -0.1445 38  HOH A O   
748 O O   . HOH C .  ? 0.3430 0.2454 0.1516 0.0092  0.0067  -0.0202 39  HOH A O   
749 O O   . HOH C .  ? 0.2006 0.1934 0.4157 0.0831  -0.0379 -0.0025 40  HOH A O   
750 O O   . HOH C .  ? 0.5094 0.4287 0.1973 0.1453  -0.0240 -0.0707 41  HOH A O   
751 O O   . HOH C .  ? 0.4634 0.2223 0.1535 0.1274  0.0037  0.0585  42  HOH A O   
752 O O   . HOH C .  ? 0.1557 0.3563 0.1216 -0.0760 -0.0402 0.0697  43  HOH A O   
753 O O   . HOH C .  ? 0.1785 0.1983 0.3173 0.0222  0.0726  -0.0719 44  HOH A O   
754 O O   . HOH C .  ? 0.3769 0.2007 0.2842 -0.0730 -0.0876 0.1317  45  HOH A O   
755 O O   . HOH C .  ? 0.2094 0.3750 0.4425 -0.0576 0.0596  0.0430  46  HOH A O   
756 O O   A HOH C .  ? 0.2169 0.2730 0.2110 0.0620  -0.0318 -0.1028 47  HOH A O   
757 O O   B HOH C .  ? 0.1064 0.2033 0.2114 -0.0138 0.0288  -0.0854 47  HOH A O   
758 O O   . HOH C .  ? 0.2440 0.4908 0.2811 -0.0825 0.0025  0.0298  49  HOH A O   
759 O O   . HOH C .  ? 0.1960 0.3748 0.3710 0.0342  0.0345  -0.1718 50  HOH A O   
760 O O   A HOH C .  ? 0.1821 0.2388 0.1400 -0.1004 -0.0489 0.0653  51  HOH A O   
761 O O   B HOH C .  ? 0.1891 0.1878 0.3036 -0.0026 -0.1465 -0.0127 51  HOH A O   
762 O O   B HOH C .  ? 0.2264 0.2865 0.6789 0.0454  -0.1185 -0.0687 52  HOH A O   
763 O O   B HOH C .  ? 0.1893 0.3795 0.2146 0.0669  -0.0272 -0.1308 54  HOH A O   
764 O O   B HOH C .  ? 0.2780 0.6929 0.2669 0.0135  0.0373  -0.2015 55  HOH A O   
765 O O   B HOH C .  ? 0.2538 0.3034 0.2441 0.0101  0.0029  -0.0325 56  HOH A O   
766 O O   B HOH C .  ? 0.4940 0.7081 0.4395 -0.0873 -0.1683 0.2373  57  HOH A O   
767 O O   B HOH C .  ? 0.3453 0.1776 0.6255 0.0449  -0.2483 -0.0914 59  HOH A O   
768 O O   . HOH C .  ? 0.3075 0.4937 0.4379 0.0190  -0.0881 0.0954  62  HOH A O   
769 O O   . HOH C .  ? 0.6210 0.3042 0.4560 -0.1027 0.0490  -0.1468 67  HOH A O   
770 O O   . HOH C .  ? 0.3083 0.6732 0.2597 -0.1044 -0.0968 0.1173  68  HOH A O   
771 O O   . HOH C .  ? 0.2801 0.3307 0.5714 0.0731  0.0771  -0.1262 69  HOH A O   
772 O O   A HOH C .  ? 0.1595 0.1750 0.1301 -0.0037 -0.0116 -0.0160 70  HOH A O   
773 O O   B HOH C .  ? 0.2060 0.2310 0.1822 -0.0232 -0.0061 -0.0250 70  HOH A O   
774 O O   A HOH C .  ? 0.1268 0.1566 0.2735 -0.0158 -0.1202 -0.0595 71  HOH A O   
775 O O   B HOH C .  ? 0.2081 0.1629 0.3626 -0.0668 -0.1816 0.0225  71  HOH A O   
776 O O   . HOH C .  ? 0.6367 0.2117 0.2946 -0.0810 0.2624  -0.0315 72  HOH A O   
777 O O   . HOH C .  ? 0.2706 0.5794 0.2869 -0.0773 -0.0448 -0.0174 73  HOH A O   
778 O O   A HOH C .  ? 0.1032 0.0797 0.1356 0.0253  0.0507  0.0178  74  HOH A O   
779 O O   B HOH C .  ? 0.1654 0.1397 0.1604 0.0021  -0.0079 -0.0157 74  HOH A O   
780 O O   A HOH C .  ? 0.3219 0.1866 0.2113 0.0264  0.0343  0.0329  76  HOH A O   
781 O O   B HOH C .  ? 0.2948 0.1686 0.1742 0.0392  0.0620  -0.0025 76  HOH A O   
782 O O   A HOH C .  ? 0.2346 0.2822 0.1304 -0.0936 -0.0107 0.0295  84  HOH A O   
783 O O   B HOH C .  ? 0.1612 0.3563 0.1747 -0.0759 0.0005  -0.0456 84  HOH A O   
784 O O   . HOH C .  ? 0.2799 0.5025 0.2141 0.1558  -0.0463 -0.1324 85  HOH A O   
785 O O   . HOH C .  ? 0.3568 0.4716 0.5008 0.1551  0.1336  0.1452  86  HOH A O   
786 O O   . HOH C .  ? 0.3195 0.5758 0.5772 -0.0394 -0.0640 0.2660  87  HOH A O   
787 O O   A HOH C .  ? 0.2596 0.3206 0.3833 -0.0690 -0.0629 -0.0848 89  HOH A O   
788 O O   B HOH C .  ? 0.3287 0.2108 0.3392 -0.0092 -0.0834 -0.0991 89  HOH A O   
789 O O   . HOH C .  ? 0.6830 0.7454 0.1820 0.0588  0.1384  0.1116  92  HOH A O   
790 O O   . HOH C .  ? 0.3051 0.6359 0.5136 -0.0264 0.1052  0.2281  93  HOH A O   
791 O O   . HOH C .  ? 0.2148 0.5898 0.4228 -0.0139 -0.0608 -0.0665 95  HOH A O   
792 O O   . HOH C .  ? 0.6614 0.9651 0.5379 -0.0842 0.0153  0.1102  96  HOH A O   
793 O O   A HOH C .  ? 0.3959 0.2004 0.2521 -0.0360 0.0406  0.0957  98  HOH A O   
794 O O   B HOH C .  ? 0.3957 0.2693 0.1388 0.1837  0.1044  0.0345  98  HOH A O   
795 O O   A HOH C .  ? 0.2346 0.3370 0.1880 0.0893  0.0363  0.0068  99  HOH A O   
796 O O   B HOH C .  ? 0.2013 0.1629 0.1101 -0.0371 -0.0360 -0.0098 99  HOH A O   
797 O O   C HOH C .  ? 0.2170 0.2236 0.2021 -0.0128 -0.0812 -0.0077 99  HOH A O   
798 O O   C HOH C .  ? 0.2633 0.3903 0.3356 0.0285  0.0144  0.0481  103 HOH A O   
799 O O   C HOH C .  ? 0.2583 0.3849 0.3237 -0.0650 -0.0755 0.1759  104 HOH A O   
800 O O   A HOH C .  ? 0.0819 0.1180 0.2306 -0.0059 0.0073  -0.0802 105 HOH A O   
801 O O   B HOH C .  ? 0.1112 0.2003 0.2953 0.0554  0.0023  -0.0233 105 HOH A O   
802 O O   A HOH C .  ? 0.0681 0.2166 0.1627 -0.0348 -0.0064 0.0343  106 HOH A O   
803 O O   B HOH C .  ? 0.1085 0.6067 0.2931 0.0530  -0.0351 0.1789  106 HOH A O   
804 O O   . HOH C .  ? 0.2878 0.4806 0.6781 0.0920  -0.2054 -0.1834 107 HOH A O   
805 O O   A HOH C .  ? 0.2165 0.1965 0.1853 -0.0569 0.0374  -0.0790 108 HOH A O   
806 O O   B HOH C .  ? 0.1963 0.5090 0.1653 0.1348  0.0609  0.0472  108 HOH A O   
807 O O   . HOH C .  ? 0.3732 0.7020 0.7458 -0.0206 -0.0155 0.3883  110 HOH A O   
808 O O   . HOH C .  ? 0.2356 0.4213 0.7621 -0.1490 -0.0740 -0.0415 111 HOH A O   
809 O O   . HOH C .  ? 0.2490 0.2916 0.5233 0.0307  0.0700  0.0090  112 HOH A O   
810 O O   . HOH C .  ? 0.4258 0.2280 0.6336 0.0647  0.0220  -0.0619 113 HOH A O   
811 O O   . HOH C .  ? 0.5484 0.3671 0.3092 0.1116  -0.0534 0.1356  114 HOH A O   
812 O O   . HOH C .  ? 0.1241 0.1825 0.0692 0.0529  -0.0224 -0.0084 227 HOH A O   
# 
loop_
_pdbx_poly_seq_scheme.asym_id 
_pdbx_poly_seq_scheme.entity_id 
_pdbx_poly_seq_scheme.seq_id 
_pdbx_poly_seq_scheme.mon_id 
_pdbx_poly_seq_scheme.ndb_seq_num 
_pdbx_poly_seq_scheme.pdb_seq_num 
_pdbx_poly_seq_scheme.auth_seq_num 
_pdbx_poly_seq_scheme.pdb_mon_id 
_pdbx_poly_seq_scheme.auth_mon_id 
_pdbx_poly_seq_scheme.pdb_strand_id 
_pdbx_poly_seq_scheme.pdb_ins_code 
_pdbx_poly_seq_scheme.hetero 
A 1 1  ALA 1  150 150 ALA ALA A . n 
A 1 2  GLY 2  151 151 GLY GLY A . n 
A 1 3  PRO 3  152 152 PRO PRO A . n 
A 1 4  TRP 4  153 153 TRP TRP A . n 
A 1 5  ALA 5  154 154 ALA ALA A . n 
A 1 6  ASP 6  155 155 ASP ASP A . n 
A 1 7  ILE 7  156 156 ILE ILE A . n 
A 1 8  MET 8  157 157 MET MET A . n 
A 1 9  GLN 9  158 158 GLN GLN A . n 
A 1 10 GLY 10 159 159 GLY GLY A . n 
A 1 11 PRO 11 160 160 PRO PRO A . n 
A 1 12 SER 12 161 161 SER SER A . n 
A 1 13 GLU 13 162 162 GLU GLU A . n 
A 1 14 SER 14 163 163 SER SER A . n 
A 1 15 PHE 15 164 164 PHE PHE A . n 
A 1 16 VAL 16 165 165 VAL VAL A . n 
A 1 17 ASP 17 166 166 ASP ASP A . n 
A 1 18 PHE 18 167 167 PHE PHE A . n 
A 1 19 ALA 19 168 168 ALA ALA A . n 
A 1 20 ASN 20 169 169 ASN ASN A . n 
A 1 21 ARG 21 170 170 ARG ARG A . n 
A 1 22 LEU 22 171 171 LEU LEU A . n 
A 1 23 ILE 23 172 172 ILE ILE A . n 
A 1 24 LYS 24 173 173 LYS LYS A . n 
A 1 25 ALA 25 174 174 ALA ALA A . n 
A 1 26 VAL 26 175 175 VAL VAL A . n 
A 1 27 GLU 27 176 176 GLU GLU A . n 
A 1 28 GLY 28 177 177 GLY GLY A . n 
A 1 29 SER 29 178 178 SER SER A . n 
A 1 30 ASP 30 179 179 ASP ASP A . n 
A 1 31 LEU 31 180 180 LEU LEU A . n 
A 1 32 PRO 32 181 181 PRO PRO A . n 
A 1 33 PRO 33 182 182 PRO PRO A . n 
A 1 34 SER 34 183 183 SER SER A . n 
A 1 35 ALA 35 184 184 ALA ALA A . n 
A 1 36 ARG 36 185 185 ARG ARG A . n 
A 1 37 ALA 37 186 186 ALA ALA A . n 
A 1 38 PRO 38 187 187 PRO PRO A . n 
A 1 39 VAL 39 188 188 VAL VAL A . n 
A 1 40 ILE 40 189 189 ILE ILE A . n 
A 1 41 ILE 41 190 190 ILE ILE A . n 
A 1 42 ASP 42 191 191 ASP ASP A . n 
A 1 43 CYS 43 192 192 CYS CYS A . n 
A 1 44 PHE 44 193 193 PHE PHE A . n 
A 1 45 ARG 45 194 194 ARG ARG A . n 
A 1 46 GLN 46 195 195 GLN GLN A . n 
A 1 47 LYS 47 196 196 LYS LYS A . n 
A 1 48 SER 48 197 197 SER SER A . n 
A 1 49 GLN 49 198 198 GLN GLN A . n 
A 1 50 PRO 50 199 199 PRO PRO A . n 
A 1 51 ASP 51 200 200 ASP ASP A . n 
A 1 52 ILE 52 201 201 ILE ILE A . n 
A 1 53 GLN 53 202 202 GLN GLN A . n 
A 1 54 GLN 54 203 203 GLN GLN A . n 
A 1 55 LEU 55 204 204 LEU LEU A . n 
A 1 56 ILE 56 205 205 ILE ILE A . n 
A 1 57 ARG 57 206 206 ARG ARG A . n 
A 1 58 THR 58 207 207 THR THR A . n 
A 1 59 ALA 59 208 208 ALA ALA A . n 
A 1 60 PRO 60 209 209 PRO PRO A . n 
A 1 61 SER 61 210 210 SER SER A . n 
A 1 62 THR 62 211 211 THR THR A . n 
A 1 63 LEU 63 212 212 LEU LEU A . n 
A 1 64 THR 64 213 213 THR THR A . n 
A 1 65 THR 65 214 214 THR THR A . n 
A 1 66 PRO 66 215 215 PRO PRO A . n 
A 1 67 GLY 67 216 216 GLY GLY A . n 
A 1 68 GLU 68 217 217 GLU GLU A . n 
A 1 69 ILE 69 218 218 ILE ILE A . n 
A 1 70 ILE 70 219 219 ILE ILE A . n 
A 1 71 LYS 71 220 220 LYS LYS A . n 
A 1 72 TYR 72 221 221 TYR TYR A . n 
A 1 73 VAL 73 222 222 VAL VAL A . n 
A 1 74 LEU 74 223 223 LEU LEU A . n 
A 1 75 ASP 75 224 224 ASP ASP A . n 
A 1 76 ARG 76 225 225 ARG ARG A . n 
A 1 77 GLN 77 226 226 GLN GLN A . n 
# 
loop_
_pdbx_nonpoly_scheme.asym_id 
_pdbx_nonpoly_scheme.entity_id 
_pdbx_nonpoly_scheme.mon_id 
_pdbx_nonpoly_scheme.ndb_seq_num 
_pdbx_nonpoly_scheme.pdb_seq_num 
_pdbx_nonpoly_scheme.auth_seq_num 
_pdbx_nonpoly_scheme.pdb_mon_id 
_pdbx_nonpoly_scheme.auth_mon_id 
_pdbx_nonpoly_scheme.pdb_strand_id 
_pdbx_nonpoly_scheme.pdb_ins_code 
B 2 NO3 1  1   1   NO3 NO3 A . 
C 3 HOH 1  2   2   HOH HOH A . 
C 3 HOH 2  3   3   HOH HOH A . 
C 3 HOH 3  4   4   HOH HOH A . 
C 3 HOH 4  5   5   HOH HOH A . 
C 3 HOH 5  6   6   HOH HOH A . 
C 3 HOH 6  7   7   HOH HOH A . 
C 3 HOH 7  8   8   HOH HOH A . 
C 3 HOH 8  9   9   HOH HOH A . 
C 3 HOH 9  10  10  HOH HOH A . 
C 3 HOH 10 11  11  HOH HOH A . 
C 3 HOH 11 12  12  HOH HOH A . 
C 3 HOH 12 13  13  HOH HOH A . 
C 3 HOH 13 14  14  HOH HOH A . 
C 3 HOH 14 15  15  HOH HOH A . 
C 3 HOH 15 16  16  HOH HOH A . 
C 3 HOH 16 17  17  HOH HOH A . 
C 3 HOH 17 18  18  HOH HOH A . 
C 3 HOH 18 19  19  HOH HOH A . 
C 3 HOH 19 22  22  HOH HOH A . 
C 3 HOH 20 23  23  HOH HOH A . 
C 3 HOH 21 25  25  HOH HOH A . 
C 3 HOH 22 26  26  HOH HOH A . 
C 3 HOH 23 27  27  HOH HOH A . 
C 3 HOH 24 28  28  HOH HOH A . 
C 3 HOH 25 29  29  HOH HOH A . 
C 3 HOH 26 30  30  HOH HOH A . 
C 3 HOH 27 33  33  HOH HOH A . 
C 3 HOH 28 34  34  HOH HOH A . 
C 3 HOH 29 35  35  HOH HOH A . 
C 3 HOH 30 36  36  HOH HOH A . 
C 3 HOH 31 37  37  HOH HOH A . 
C 3 HOH 32 38  38  HOH HOH A . 
C 3 HOH 33 39  39  HOH HOH A . 
C 3 HOH 34 40  40  HOH HOH A . 
C 3 HOH 35 41  41  HOH HOH A . 
C 3 HOH 36 42  42  HOH HOH A . 
C 3 HOH 37 43  43  HOH HOH A . 
C 3 HOH 38 44  44  HOH HOH A . 
C 3 HOH 39 45  45  HOH HOH A . 
C 3 HOH 40 46  46  HOH HOH A . 
C 3 HOH 41 47  47  HOH HOH A . 
C 3 HOH 42 49  49  HOH HOH A . 
C 3 HOH 43 50  50  HOH HOH A . 
C 3 HOH 44 51  51  HOH HOH A . 
C 3 HOH 45 52  52  HOH HOH A . 
C 3 HOH 46 54  54  HOH HOH A . 
C 3 HOH 47 55  55  HOH HOH A . 
C 3 HOH 48 56  56  HOH HOH A . 
C 3 HOH 49 57  57  HOH HOH A . 
C 3 HOH 50 59  59  HOH HOH A . 
C 3 HOH 51 62  62  HOH HOH A . 
C 3 HOH 52 67  67  HOH HOH A . 
C 3 HOH 53 68  68  HOH HOH A . 
C 3 HOH 54 69  69  HOH HOH A . 
C 3 HOH 55 70  70  HOH HOH A . 
C 3 HOH 56 71  71  HOH HOH A . 
C 3 HOH 57 72  72  HOH HOH A . 
C 3 HOH 58 73  73  HOH HOH A . 
C 3 HOH 59 74  74  HOH HOH A . 
C 3 HOH 60 76  76  HOH HOH A . 
C 3 HOH 61 84  84  HOH HOH A . 
C 3 HOH 62 85  85  HOH HOH A . 
C 3 HOH 63 86  86  HOH HOH A . 
C 3 HOH 64 87  87  HOH HOH A . 
C 3 HOH 65 89  89  HOH HOH A . 
C 3 HOH 66 92  92  HOH HOH A . 
C 3 HOH 67 93  93  HOH HOH A . 
C 3 HOH 68 95  95  HOH HOH A . 
C 3 HOH 69 96  96  HOH HOH A . 
C 3 HOH 70 98  98  HOH HOH A . 
C 3 HOH 71 99  99  HOH HOH A . 
C 3 HOH 72 103 103 HOH HOH A . 
C 3 HOH 73 104 104 HOH HOH A . 
C 3 HOH 74 105 105 HOH HOH A . 
C 3 HOH 75 106 106 HOH HOH A . 
C 3 HOH 76 107 107 HOH HOH A . 
C 3 HOH 77 108 108 HOH HOH A . 
C 3 HOH 78 110 110 HOH HOH A . 
C 3 HOH 79 111 111 HOH HOH A . 
C 3 HOH 80 112 112 HOH HOH A . 
C 3 HOH 81 113 113 HOH HOH A . 
C 3 HOH 82 114 114 HOH HOH A . 
C 3 HOH 83 227 1   HOH HOH A . 
# 
_pdbx_struct_assembly.id                   1 
_pdbx_struct_assembly.details              author_and_software_defined_assembly 
_pdbx_struct_assembly.method_details       PISA 
_pdbx_struct_assembly.oligomeric_details   dimeric 
_pdbx_struct_assembly.oligomeric_count     2 
# 
_pdbx_struct_assembly_gen.assembly_id       1 
_pdbx_struct_assembly_gen.oper_expression   1,2 
_pdbx_struct_assembly_gen.asym_id_list      A,B,C 
# 
loop_
_pdbx_struct_assembly_prop.biol_id 
_pdbx_struct_assembly_prop.type 
_pdbx_struct_assembly_prop.value 
_pdbx_struct_assembly_prop.details 
1 'ABSA (A^2)' 1480 ? 
1 MORE         -2   ? 
1 'SSA (A^2)'  8360 ? 
# 
loop_
_pdbx_struct_oper_list.id 
_pdbx_struct_oper_list.type 
_pdbx_struct_oper_list.name 
_pdbx_struct_oper_list.symmetry_operation 
_pdbx_struct_oper_list.matrix[1][1] 
_pdbx_struct_oper_list.matrix[1][2] 
_pdbx_struct_oper_list.matrix[1][3] 
_pdbx_struct_oper_list.vector[1] 
_pdbx_struct_oper_list.matrix[2][1] 
_pdbx_struct_oper_list.matrix[2][2] 
_pdbx_struct_oper_list.matrix[2][3] 
_pdbx_struct_oper_list.vector[2] 
_pdbx_struct_oper_list.matrix[3][1] 
_pdbx_struct_oper_list.matrix[3][2] 
_pdbx_struct_oper_list.matrix[3][3] 
_pdbx_struct_oper_list.vector[3] 
1 'identity operation'         1_555 x,y,z         1.0000000000  0.0000000000  0.0000000000 0.0000000000   0.0000000000  1.0000000000 0.0000000000  0.0000000000  0.0000000000 0.0000000000  1.0000000000  0.0000000000 
2 'crystal symmetry operation' 5_555 x-y,-y,-z+1/3 -0.9650474550 -0.2610153092 0.0235460820 -21.7110964947 -0.2610153092 0.9491854348 -0.1758352036 -2.4428350521 0.0235460820 -0.1758352036 -0.9841379798 5.1490830195 
# 
loop_
_pdbx_audit_revision_history.ordinal 
_pdbx_audit_revision_history.data_content_type 
_pdbx_audit_revision_history.major_revision 
_pdbx_audit_revision_history.minor_revision 
_pdbx_audit_revision_history.revision_date 
1 'Structure model' 1 0 2009-06-02 
2 'Structure model' 1 1 2011-07-13 
3 'Structure model' 1 2 2023-11-01 
# 
_pdbx_audit_revision_details.ordinal             1 
_pdbx_audit_revision_details.revision_ordinal    1 
_pdbx_audit_revision_details.data_content_type   'Structure model' 
_pdbx_audit_revision_details.provider            repository 
_pdbx_audit_revision_details.type                'Initial release' 
_pdbx_audit_revision_details.description         ? 
_pdbx_audit_revision_details.details             ? 
# 
loop_
_pdbx_audit_revision_group.ordinal 
_pdbx_audit_revision_group.revision_ordinal 
_pdbx_audit_revision_group.data_content_type 
_pdbx_audit_revision_group.group 
1 2 'Structure model' 'Version format compliance' 
2 3 'Structure model' 'Data collection'           
3 3 'Structure model' 'Database references'       
4 3 'Structure model' 'Derived calculations'      
5 3 'Structure model' 'Refinement description'    
# 
loop_
_pdbx_audit_revision_category.ordinal 
_pdbx_audit_revision_category.revision_ordinal 
_pdbx_audit_revision_category.data_content_type 
_pdbx_audit_revision_category.category 
1 3 'Structure model' chem_comp_atom                
2 3 'Structure model' chem_comp_bond                
3 3 'Structure model' database_2                    
4 3 'Structure model' pdbx_initial_refinement_model 
5 3 'Structure model' struct_site                   
# 
loop_
_pdbx_audit_revision_item.ordinal 
_pdbx_audit_revision_item.revision_ordinal 
_pdbx_audit_revision_item.data_content_type 
_pdbx_audit_revision_item.item 
1 3 'Structure model' '_database_2.pdbx_DOI'                
2 3 'Structure model' '_database_2.pdbx_database_accession' 
3 3 'Structure model' '_struct_site.pdbx_auth_asym_id'      
4 3 'Structure model' '_struct_site.pdbx_auth_comp_id'      
5 3 'Structure model' '_struct_site.pdbx_auth_seq_id'       
# 
loop_
_software.name 
_software.classification 
_software.version 
_software.citation_id 
_software.pdbx_ordinal 
Blu-Ice   'data collection' . ? 1 
SHELX     'model building'  . ? 2 
SHELXL-97 refinement        . ? 3 
HKL-2000  'data reduction'  . ? 4 
HKL-2000  'data scaling'    . ? 5 
SHELX     phasing           . ? 6 
# 
loop_
_pdbx_validate_rmsd_angle.id 
_pdbx_validate_rmsd_angle.PDB_model_num 
_pdbx_validate_rmsd_angle.auth_atom_id_1 
_pdbx_validate_rmsd_angle.auth_asym_id_1 
_pdbx_validate_rmsd_angle.auth_comp_id_1 
_pdbx_validate_rmsd_angle.auth_seq_id_1 
_pdbx_validate_rmsd_angle.PDB_ins_code_1 
_pdbx_validate_rmsd_angle.label_alt_id_1 
_pdbx_validate_rmsd_angle.auth_atom_id_2 
_pdbx_validate_rmsd_angle.auth_asym_id_2 
_pdbx_validate_rmsd_angle.auth_comp_id_2 
_pdbx_validate_rmsd_angle.auth_seq_id_2 
_pdbx_validate_rmsd_angle.PDB_ins_code_2 
_pdbx_validate_rmsd_angle.label_alt_id_2 
_pdbx_validate_rmsd_angle.auth_atom_id_3 
_pdbx_validate_rmsd_angle.auth_asym_id_3 
_pdbx_validate_rmsd_angle.auth_comp_id_3 
_pdbx_validate_rmsd_angle.auth_seq_id_3 
_pdbx_validate_rmsd_angle.PDB_ins_code_3 
_pdbx_validate_rmsd_angle.label_alt_id_3 
_pdbx_validate_rmsd_angle.angle_value 
_pdbx_validate_rmsd_angle.angle_target_value 
_pdbx_validate_rmsd_angle.angle_deviation 
_pdbx_validate_rmsd_angle.angle_standard_deviation 
_pdbx_validate_rmsd_angle.linker_flag 
1 1 CB A ASP 166 ? B CG A ASP 166 ? B OD1 A ASP 166 ? B 112.72 118.30 -5.58 0.90 N 
2 1 CB A ASP 166 ? B CG A ASP 166 ? B OD2 A ASP 166 ? B 125.23 118.30 6.93  0.90 N 
3 1 NE A ARG 170 ? B CZ A ARG 170 ? B NH1 A ARG 170 ? B 126.83 120.30 6.53  0.50 N 
4 1 NE A ARG 170 ? B CZ A ARG 170 ? B NH2 A ARG 170 ? B 116.16 120.30 -4.14 0.50 N 
5 1 NE A ARG 185 ? ? CZ A ARG 185 ? ? NH1 A ARG 185 ? ? 123.67 120.30 3.37  0.50 N 
6 1 CB A ASP 200 ? B CG A ASP 200 ? B OD1 A ASP 200 ? B 125.06 118.30 6.76  0.90 N 
# 
loop_
_pdbx_unobs_or_zero_occ_atoms.id 
_pdbx_unobs_or_zero_occ_atoms.PDB_model_num 
_pdbx_unobs_or_zero_occ_atoms.polymer_flag 
_pdbx_unobs_or_zero_occ_atoms.occupancy_flag 
_pdbx_unobs_or_zero_occ_atoms.auth_asym_id 
_pdbx_unobs_or_zero_occ_atoms.auth_comp_id 
_pdbx_unobs_or_zero_occ_atoms.auth_seq_id 
_pdbx_unobs_or_zero_occ_atoms.PDB_ins_code 
_pdbx_unobs_or_zero_occ_atoms.auth_atom_id 
_pdbx_unobs_or_zero_occ_atoms.label_alt_id 
_pdbx_unobs_or_zero_occ_atoms.label_asym_id 
_pdbx_unobs_or_zero_occ_atoms.label_comp_id 
_pdbx_unobs_or_zero_occ_atoms.label_seq_id 
_pdbx_unobs_or_zero_occ_atoms.label_atom_id 
1 1 Y 0 A LYS 173 ? CE ? A LYS 24 CE 
2 1 Y 0 A LYS 173 ? NZ ? A LYS 24 NZ 
# 
loop_
_chem_comp_atom.comp_id 
_chem_comp_atom.atom_id 
_chem_comp_atom.type_symbol 
_chem_comp_atom.pdbx_aromatic_flag 
_chem_comp_atom.pdbx_stereo_config 
_chem_comp_atom.pdbx_ordinal 
ALA N    N N N 1   
ALA CA   C N S 2   
ALA C    C N N 3   
ALA O    O N N 4   
ALA CB   C N N 5   
ALA OXT  O N N 6   
ALA H    H N N 7   
ALA H2   H N N 8   
ALA HA   H N N 9   
ALA HB1  H N N 10  
ALA HB2  H N N 11  
ALA HB3  H N N 12  
ALA HXT  H N N 13  
ARG N    N N N 14  
ARG CA   C N S 15  
ARG C    C N N 16  
ARG O    O N N 17  
ARG CB   C N N 18  
ARG CG   C N N 19  
ARG CD   C N N 20  
ARG NE   N N N 21  
ARG CZ   C N N 22  
ARG NH1  N N N 23  
ARG NH2  N N N 24  
ARG OXT  O N N 25  
ARG H    H N N 26  
ARG H2   H N N 27  
ARG HA   H N N 28  
ARG HB2  H N N 29  
ARG HB3  H N N 30  
ARG HG2  H N N 31  
ARG HG3  H N N 32  
ARG HD2  H N N 33  
ARG HD3  H N N 34  
ARG HE   H N N 35  
ARG HH11 H N N 36  
ARG HH12 H N N 37  
ARG HH21 H N N 38  
ARG HH22 H N N 39  
ARG HXT  H N N 40  
ASN N    N N N 41  
ASN CA   C N S 42  
ASN C    C N N 43  
ASN O    O N N 44  
ASN CB   C N N 45  
ASN CG   C N N 46  
ASN OD1  O N N 47  
ASN ND2  N N N 48  
ASN OXT  O N N 49  
ASN H    H N N 50  
ASN H2   H N N 51  
ASN HA   H N N 52  
ASN HB2  H N N 53  
ASN HB3  H N N 54  
ASN HD21 H N N 55  
ASN HD22 H N N 56  
ASN HXT  H N N 57  
ASP N    N N N 58  
ASP CA   C N S 59  
ASP C    C N N 60  
ASP O    O N N 61  
ASP CB   C N N 62  
ASP CG   C N N 63  
ASP OD1  O N N 64  
ASP OD2  O N N 65  
ASP OXT  O N N 66  
ASP H    H N N 67  
ASP H2   H N N 68  
ASP HA   H N N 69  
ASP HB2  H N N 70  
ASP HB3  H N N 71  
ASP HD2  H N N 72  
ASP HXT  H N N 73  
CYS N    N N N 74  
CYS CA   C N R 75  
CYS C    C N N 76  
CYS O    O N N 77  
CYS CB   C N N 78  
CYS SG   S N N 79  
CYS OXT  O N N 80  
CYS H    H N N 81  
CYS H2   H N N 82  
CYS HA   H N N 83  
CYS HB2  H N N 84  
CYS HB3  H N N 85  
CYS HG   H N N 86  
CYS HXT  H N N 87  
GLN N    N N N 88  
GLN CA   C N S 89  
GLN C    C N N 90  
GLN O    O N N 91  
GLN CB   C N N 92  
GLN CG   C N N 93  
GLN CD   C N N 94  
GLN OE1  O N N 95  
GLN NE2  N N N 96  
GLN OXT  O N N 97  
GLN H    H N N 98  
GLN H2   H N N 99  
GLN HA   H N N 100 
GLN HB2  H N N 101 
GLN HB3  H N N 102 
GLN HG2  H N N 103 
GLN HG3  H N N 104 
GLN HE21 H N N 105 
GLN HE22 H N N 106 
GLN HXT  H N N 107 
GLU N    N N N 108 
GLU CA   C N S 109 
GLU C    C N N 110 
GLU O    O N N 111 
GLU CB   C N N 112 
GLU CG   C N N 113 
GLU CD   C N N 114 
GLU OE1  O N N 115 
GLU OE2  O N N 116 
GLU OXT  O N N 117 
GLU H    H N N 118 
GLU H2   H N N 119 
GLU HA   H N N 120 
GLU HB2  H N N 121 
GLU HB3  H N N 122 
GLU HG2  H N N 123 
GLU HG3  H N N 124 
GLU HE2  H N N 125 
GLU HXT  H N N 126 
GLY N    N N N 127 
GLY CA   C N N 128 
GLY C    C N N 129 
GLY O    O N N 130 
GLY OXT  O N N 131 
GLY H    H N N 132 
GLY H2   H N N 133 
GLY HA2  H N N 134 
GLY HA3  H N N 135 
GLY HXT  H N N 136 
HOH O    O N N 137 
HOH H1   H N N 138 
HOH H2   H N N 139 
ILE N    N N N 140 
ILE CA   C N S 141 
ILE C    C N N 142 
ILE O    O N N 143 
ILE CB   C N S 144 
ILE CG1  C N N 145 
ILE CG2  C N N 146 
ILE CD1  C N N 147 
ILE OXT  O N N 148 
ILE H    H N N 149 
ILE H2   H N N 150 
ILE HA   H N N 151 
ILE HB   H N N 152 
ILE HG12 H N N 153 
ILE HG13 H N N 154 
ILE HG21 H N N 155 
ILE HG22 H N N 156 
ILE HG23 H N N 157 
ILE HD11 H N N 158 
ILE HD12 H N N 159 
ILE HD13 H N N 160 
ILE HXT  H N N 161 
LEU N    N N N 162 
LEU CA   C N S 163 
LEU C    C N N 164 
LEU O    O N N 165 
LEU CB   C N N 166 
LEU CG   C N N 167 
LEU CD1  C N N 168 
LEU CD2  C N N 169 
LEU OXT  O N N 170 
LEU H    H N N 171 
LEU H2   H N N 172 
LEU HA   H N N 173 
LEU HB2  H N N 174 
LEU HB3  H N N 175 
LEU HG   H N N 176 
LEU HD11 H N N 177 
LEU HD12 H N N 178 
LEU HD13 H N N 179 
LEU HD21 H N N 180 
LEU HD22 H N N 181 
LEU HD23 H N N 182 
LEU HXT  H N N 183 
LYS N    N N N 184 
LYS CA   C N S 185 
LYS C    C N N 186 
LYS O    O N N 187 
LYS CB   C N N 188 
LYS CG   C N N 189 
LYS CD   C N N 190 
LYS CE   C N N 191 
LYS NZ   N N N 192 
LYS OXT  O N N 193 
LYS H    H N N 194 
LYS H2   H N N 195 
LYS HA   H N N 196 
LYS HB2  H N N 197 
LYS HB3  H N N 198 
LYS HG2  H N N 199 
LYS HG3  H N N 200 
LYS HD2  H N N 201 
LYS HD3  H N N 202 
LYS HE2  H N N 203 
LYS HE3  H N N 204 
LYS HZ1  H N N 205 
LYS HZ2  H N N 206 
LYS HZ3  H N N 207 
LYS HXT  H N N 208 
MET N    N N N 209 
MET CA   C N S 210 
MET C    C N N 211 
MET O    O N N 212 
MET CB   C N N 213 
MET CG   C N N 214 
MET SD   S N N 215 
MET CE   C N N 216 
MET OXT  O N N 217 
MET H    H N N 218 
MET H2   H N N 219 
MET HA   H N N 220 
MET HB2  H N N 221 
MET HB3  H N N 222 
MET HG2  H N N 223 
MET HG3  H N N 224 
MET HE1  H N N 225 
MET HE2  H N N 226 
MET HE3  H N N 227 
MET HXT  H N N 228 
NO3 N    N N N 229 
NO3 O1   O N N 230 
NO3 O2   O N N 231 
NO3 O3   O N N 232 
PHE N    N N N 233 
PHE CA   C N S 234 
PHE C    C N N 235 
PHE O    O N N 236 
PHE CB   C N N 237 
PHE CG   C Y N 238 
PHE CD1  C Y N 239 
PHE CD2  C Y N 240 
PHE CE1  C Y N 241 
PHE CE2  C Y N 242 
PHE CZ   C Y N 243 
PHE OXT  O N N 244 
PHE H    H N N 245 
PHE H2   H N N 246 
PHE HA   H N N 247 
PHE HB2  H N N 248 
PHE HB3  H N N 249 
PHE HD1  H N N 250 
PHE HD2  H N N 251 
PHE HE1  H N N 252 
PHE HE2  H N N 253 
PHE HZ   H N N 254 
PHE HXT  H N N 255 
PRO N    N N N 256 
PRO CA   C N S 257 
PRO C    C N N 258 
PRO O    O N N 259 
PRO CB   C N N 260 
PRO CG   C N N 261 
PRO CD   C N N 262 
PRO OXT  O N N 263 
PRO H    H N N 264 
PRO HA   H N N 265 
PRO HB2  H N N 266 
PRO HB3  H N N 267 
PRO HG2  H N N 268 
PRO HG3  H N N 269 
PRO HD2  H N N 270 
PRO HD3  H N N 271 
PRO HXT  H N N 272 
SER N    N N N 273 
SER CA   C N S 274 
SER C    C N N 275 
SER O    O N N 276 
SER CB   C N N 277 
SER OG   O N N 278 
SER OXT  O N N 279 
SER H    H N N 280 
SER H2   H N N 281 
SER HA   H N N 282 
SER HB2  H N N 283 
SER HB3  H N N 284 
SER HG   H N N 285 
SER HXT  H N N 286 
THR N    N N N 287 
THR CA   C N S 288 
THR C    C N N 289 
THR O    O N N 290 
THR CB   C N R 291 
THR OG1  O N N 292 
THR CG2  C N N 293 
THR OXT  O N N 294 
THR H    H N N 295 
THR H2   H N N 296 
THR HA   H N N 297 
THR HB   H N N 298 
THR HG1  H N N 299 
THR HG21 H N N 300 
THR HG22 H N N 301 
THR HG23 H N N 302 
THR HXT  H N N 303 
TRP N    N N N 304 
TRP CA   C N S 305 
TRP C    C N N 306 
TRP O    O N N 307 
TRP CB   C N N 308 
TRP CG   C Y N 309 
TRP CD1  C Y N 310 
TRP CD2  C Y N 311 
TRP NE1  N Y N 312 
TRP CE2  C Y N 313 
TRP CE3  C Y N 314 
TRP CZ2  C Y N 315 
TRP CZ3  C Y N 316 
TRP CH2  C Y N 317 
TRP OXT  O N N 318 
TRP H    H N N 319 
TRP H2   H N N 320 
TRP HA   H N N 321 
TRP HB2  H N N 322 
TRP HB3  H N N 323 
TRP HD1  H N N 324 
TRP HE1  H N N 325 
TRP HE3  H N N 326 
TRP HZ2  H N N 327 
TRP HZ3  H N N 328 
TRP HH2  H N N 329 
TRP HXT  H N N 330 
TYR N    N N N 331 
TYR CA   C N S 332 
TYR C    C N N 333 
TYR O    O N N 334 
TYR CB   C N N 335 
TYR CG   C Y N 336 
TYR CD1  C Y N 337 
TYR CD2  C Y N 338 
TYR CE1  C Y N 339 
TYR CE2  C Y N 340 
TYR CZ   C Y N 341 
TYR OH   O N N 342 
TYR OXT  O N N 343 
TYR H    H N N 344 
TYR H2   H N N 345 
TYR HA   H N N 346 
TYR HB2  H N N 347 
TYR HB3  H N N 348 
TYR HD1  H N N 349 
TYR HD2  H N N 350 
TYR HE1  H N N 351 
TYR HE2  H N N 352 
TYR HH   H N N 353 
TYR HXT  H N N 354 
VAL N    N N N 355 
VAL CA   C N S 356 
VAL C    C N N 357 
VAL O    O N N 358 
VAL CB   C N N 359 
VAL CG1  C N N 360 
VAL CG2  C N N 361 
VAL OXT  O N N 362 
VAL H    H N N 363 
VAL H2   H N N 364 
VAL HA   H N N 365 
VAL HB   H N N 366 
VAL HG11 H N N 367 
VAL HG12 H N N 368 
VAL HG13 H N N 369 
VAL HG21 H N N 370 
VAL HG22 H N N 371 
VAL HG23 H N N 372 
VAL HXT  H N N 373 
# 
loop_
_chem_comp_bond.comp_id 
_chem_comp_bond.atom_id_1 
_chem_comp_bond.atom_id_2 
_chem_comp_bond.value_order 
_chem_comp_bond.pdbx_aromatic_flag 
_chem_comp_bond.pdbx_stereo_config 
_chem_comp_bond.pdbx_ordinal 
ALA N   CA   sing N N 1   
ALA N   H    sing N N 2   
ALA N   H2   sing N N 3   
ALA CA  C    sing N N 4   
ALA CA  CB   sing N N 5   
ALA CA  HA   sing N N 6   
ALA C   O    doub N N 7   
ALA C   OXT  sing N N 8   
ALA CB  HB1  sing N N 9   
ALA CB  HB2  sing N N 10  
ALA CB  HB3  sing N N 11  
ALA OXT HXT  sing N N 12  
ARG N   CA   sing N N 13  
ARG N   H    sing N N 14  
ARG N   H2   sing N N 15  
ARG CA  C    sing N N 16  
ARG CA  CB   sing N N 17  
ARG CA  HA   sing N N 18  
ARG C   O    doub N N 19  
ARG C   OXT  sing N N 20  
ARG CB  CG   sing N N 21  
ARG CB  HB2  sing N N 22  
ARG CB  HB3  sing N N 23  
ARG CG  CD   sing N N 24  
ARG CG  HG2  sing N N 25  
ARG CG  HG3  sing N N 26  
ARG CD  NE   sing N N 27  
ARG CD  HD2  sing N N 28  
ARG CD  HD3  sing N N 29  
ARG NE  CZ   sing N N 30  
ARG NE  HE   sing N N 31  
ARG CZ  NH1  sing N N 32  
ARG CZ  NH2  doub N N 33  
ARG NH1 HH11 sing N N 34  
ARG NH1 HH12 sing N N 35  
ARG NH2 HH21 sing N N 36  
ARG NH2 HH22 sing N N 37  
ARG OXT HXT  sing N N 38  
ASN N   CA   sing N N 39  
ASN N   H    sing N N 40  
ASN N   H2   sing N N 41  
ASN CA  C    sing N N 42  
ASN CA  CB   sing N N 43  
ASN CA  HA   sing N N 44  
ASN C   O    doub N N 45  
ASN C   OXT  sing N N 46  
ASN CB  CG   sing N N 47  
ASN CB  HB2  sing N N 48  
ASN CB  HB3  sing N N 49  
ASN CG  OD1  doub N N 50  
ASN CG  ND2  sing N N 51  
ASN ND2 HD21 sing N N 52  
ASN ND2 HD22 sing N N 53  
ASN OXT HXT  sing N N 54  
ASP N   CA   sing N N 55  
ASP N   H    sing N N 56  
ASP N   H2   sing N N 57  
ASP CA  C    sing N N 58  
ASP CA  CB   sing N N 59  
ASP CA  HA   sing N N 60  
ASP C   O    doub N N 61  
ASP C   OXT  sing N N 62  
ASP CB  CG   sing N N 63  
ASP CB  HB2  sing N N 64  
ASP CB  HB3  sing N N 65  
ASP CG  OD1  doub N N 66  
ASP CG  OD2  sing N N 67  
ASP OD2 HD2  sing N N 68  
ASP OXT HXT  sing N N 69  
CYS N   CA   sing N N 70  
CYS N   H    sing N N 71  
CYS N   H2   sing N N 72  
CYS CA  C    sing N N 73  
CYS CA  CB   sing N N 74  
CYS CA  HA   sing N N 75  
CYS C   O    doub N N 76  
CYS C   OXT  sing N N 77  
CYS CB  SG   sing N N 78  
CYS CB  HB2  sing N N 79  
CYS CB  HB3  sing N N 80  
CYS SG  HG   sing N N 81  
CYS OXT HXT  sing N N 82  
GLN N   CA   sing N N 83  
GLN N   H    sing N N 84  
GLN N   H2   sing N N 85  
GLN CA  C    sing N N 86  
GLN CA  CB   sing N N 87  
GLN CA  HA   sing N N 88  
GLN C   O    doub N N 89  
GLN C   OXT  sing N N 90  
GLN CB  CG   sing N N 91  
GLN CB  HB2  sing N N 92  
GLN CB  HB3  sing N N 93  
GLN CG  CD   sing N N 94  
GLN CG  HG2  sing N N 95  
GLN CG  HG3  sing N N 96  
GLN CD  OE1  doub N N 97  
GLN CD  NE2  sing N N 98  
GLN NE2 HE21 sing N N 99  
GLN NE2 HE22 sing N N 100 
GLN OXT HXT  sing N N 101 
GLU N   CA   sing N N 102 
GLU N   H    sing N N 103 
GLU N   H2   sing N N 104 
GLU CA  C    sing N N 105 
GLU CA  CB   sing N N 106 
GLU CA  HA   sing N N 107 
GLU C   O    doub N N 108 
GLU C   OXT  sing N N 109 
GLU CB  CG   sing N N 110 
GLU CB  HB2  sing N N 111 
GLU CB  HB3  sing N N 112 
GLU CG  CD   sing N N 113 
GLU CG  HG2  sing N N 114 
GLU CG  HG3  sing N N 115 
GLU CD  OE1  doub N N 116 
GLU CD  OE2  sing N N 117 
GLU OE2 HE2  sing N N 118 
GLU OXT HXT  sing N N 119 
GLY N   CA   sing N N 120 
GLY N   H    sing N N 121 
GLY N   H2   sing N N 122 
GLY CA  C    sing N N 123 
GLY CA  HA2  sing N N 124 
GLY CA  HA3  sing N N 125 
GLY C   O    doub N N 126 
GLY C   OXT  sing N N 127 
GLY OXT HXT  sing N N 128 
HOH O   H1   sing N N 129 
HOH O   H2   sing N N 130 
ILE N   CA   sing N N 131 
ILE N   H    sing N N 132 
ILE N   H2   sing N N 133 
ILE CA  C    sing N N 134 
ILE CA  CB   sing N N 135 
ILE CA  HA   sing N N 136 
ILE C   O    doub N N 137 
ILE C   OXT  sing N N 138 
ILE CB  CG1  sing N N 139 
ILE CB  CG2  sing N N 140 
ILE CB  HB   sing N N 141 
ILE CG1 CD1  sing N N 142 
ILE CG1 HG12 sing N N 143 
ILE CG1 HG13 sing N N 144 
ILE CG2 HG21 sing N N 145 
ILE CG2 HG22 sing N N 146 
ILE CG2 HG23 sing N N 147 
ILE CD1 HD11 sing N N 148 
ILE CD1 HD12 sing N N 149 
ILE CD1 HD13 sing N N 150 
ILE OXT HXT  sing N N 151 
LEU N   CA   sing N N 152 
LEU N   H    sing N N 153 
LEU N   H2   sing N N 154 
LEU CA  C    sing N N 155 
LEU CA  CB   sing N N 156 
LEU CA  HA   sing N N 157 
LEU C   O    doub N N 158 
LEU C   OXT  sing N N 159 
LEU CB  CG   sing N N 160 
LEU CB  HB2  sing N N 161 
LEU CB  HB3  sing N N 162 
LEU CG  CD1  sing N N 163 
LEU CG  CD2  sing N N 164 
LEU CG  HG   sing N N 165 
LEU CD1 HD11 sing N N 166 
LEU CD1 HD12 sing N N 167 
LEU CD1 HD13 sing N N 168 
LEU CD2 HD21 sing N N 169 
LEU CD2 HD22 sing N N 170 
LEU CD2 HD23 sing N N 171 
LEU OXT HXT  sing N N 172 
LYS N   CA   sing N N 173 
LYS N   H    sing N N 174 
LYS N   H2   sing N N 175 
LYS CA  C    sing N N 176 
LYS CA  CB   sing N N 177 
LYS CA  HA   sing N N 178 
LYS C   O    doub N N 179 
LYS C   OXT  sing N N 180 
LYS CB  CG   sing N N 181 
LYS CB  HB2  sing N N 182 
LYS CB  HB3  sing N N 183 
LYS CG  CD   sing N N 184 
LYS CG  HG2  sing N N 185 
LYS CG  HG3  sing N N 186 
LYS CD  CE   sing N N 187 
LYS CD  HD2  sing N N 188 
LYS CD  HD3  sing N N 189 
LYS CE  NZ   sing N N 190 
LYS CE  HE2  sing N N 191 
LYS CE  HE3  sing N N 192 
LYS NZ  HZ1  sing N N 193 
LYS NZ  HZ2  sing N N 194 
LYS NZ  HZ3  sing N N 195 
LYS OXT HXT  sing N N 196 
MET N   CA   sing N N 197 
MET N   H    sing N N 198 
MET N   H2   sing N N 199 
MET CA  C    sing N N 200 
MET CA  CB   sing N N 201 
MET CA  HA   sing N N 202 
MET C   O    doub N N 203 
MET C   OXT  sing N N 204 
MET CB  CG   sing N N 205 
MET CB  HB2  sing N N 206 
MET CB  HB3  sing N N 207 
MET CG  SD   sing N N 208 
MET CG  HG2  sing N N 209 
MET CG  HG3  sing N N 210 
MET SD  CE   sing N N 211 
MET CE  HE1  sing N N 212 
MET CE  HE2  sing N N 213 
MET CE  HE3  sing N N 214 
MET OXT HXT  sing N N 215 
NO3 N   O1   doub N N 216 
NO3 N   O2   sing N N 217 
NO3 N   O3   sing N N 218 
PHE N   CA   sing N N 219 
PHE N   H    sing N N 220 
PHE N   H2   sing N N 221 
PHE CA  C    sing N N 222 
PHE CA  CB   sing N N 223 
PHE CA  HA   sing N N 224 
PHE C   O    doub N N 225 
PHE C   OXT  sing N N 226 
PHE CB  CG   sing N N 227 
PHE CB  HB2  sing N N 228 
PHE CB  HB3  sing N N 229 
PHE CG  CD1  doub Y N 230 
PHE CG  CD2  sing Y N 231 
PHE CD1 CE1  sing Y N 232 
PHE CD1 HD1  sing N N 233 
PHE CD2 CE2  doub Y N 234 
PHE CD2 HD2  sing N N 235 
PHE CE1 CZ   doub Y N 236 
PHE CE1 HE1  sing N N 237 
PHE CE2 CZ   sing Y N 238 
PHE CE2 HE2  sing N N 239 
PHE CZ  HZ   sing N N 240 
PHE OXT HXT  sing N N 241 
PRO N   CA   sing N N 242 
PRO N   CD   sing N N 243 
PRO N   H    sing N N 244 
PRO CA  C    sing N N 245 
PRO CA  CB   sing N N 246 
PRO CA  HA   sing N N 247 
PRO C   O    doub N N 248 
PRO C   OXT  sing N N 249 
PRO CB  CG   sing N N 250 
PRO CB  HB2  sing N N 251 
PRO CB  HB3  sing N N 252 
PRO CG  CD   sing N N 253 
PRO CG  HG2  sing N N 254 
PRO CG  HG3  sing N N 255 
PRO CD  HD2  sing N N 256 
PRO CD  HD3  sing N N 257 
PRO OXT HXT  sing N N 258 
SER N   CA   sing N N 259 
SER N   H    sing N N 260 
SER N   H2   sing N N 261 
SER CA  C    sing N N 262 
SER CA  CB   sing N N 263 
SER CA  HA   sing N N 264 
SER C   O    doub N N 265 
SER C   OXT  sing N N 266 
SER CB  OG   sing N N 267 
SER CB  HB2  sing N N 268 
SER CB  HB3  sing N N 269 
SER OG  HG   sing N N 270 
SER OXT HXT  sing N N 271 
THR N   CA   sing N N 272 
THR N   H    sing N N 273 
THR N   H2   sing N N 274 
THR CA  C    sing N N 275 
THR CA  CB   sing N N 276 
THR CA  HA   sing N N 277 
THR C   O    doub N N 278 
THR C   OXT  sing N N 279 
THR CB  OG1  sing N N 280 
THR CB  CG2  sing N N 281 
THR CB  HB   sing N N 282 
THR OG1 HG1  sing N N 283 
THR CG2 HG21 sing N N 284 
THR CG2 HG22 sing N N 285 
THR CG2 HG23 sing N N 286 
THR OXT HXT  sing N N 287 
TRP N   CA   sing N N 288 
TRP N   H    sing N N 289 
TRP N   H2   sing N N 290 
TRP CA  C    sing N N 291 
TRP CA  CB   sing N N 292 
TRP CA  HA   sing N N 293 
TRP C   O    doub N N 294 
TRP C   OXT  sing N N 295 
TRP CB  CG   sing N N 296 
TRP CB  HB2  sing N N 297 
TRP CB  HB3  sing N N 298 
TRP CG  CD1  doub Y N 299 
TRP CG  CD2  sing Y N 300 
TRP CD1 NE1  sing Y N 301 
TRP CD1 HD1  sing N N 302 
TRP CD2 CE2  doub Y N 303 
TRP CD2 CE3  sing Y N 304 
TRP NE1 CE2  sing Y N 305 
TRP NE1 HE1  sing N N 306 
TRP CE2 CZ2  sing Y N 307 
TRP CE3 CZ3  doub Y N 308 
TRP CE3 HE3  sing N N 309 
TRP CZ2 CH2  doub Y N 310 
TRP CZ2 HZ2  sing N N 311 
TRP CZ3 CH2  sing Y N 312 
TRP CZ3 HZ3  sing N N 313 
TRP CH2 HH2  sing N N 314 
TRP OXT HXT  sing N N 315 
TYR N   CA   sing N N 316 
TYR N   H    sing N N 317 
TYR N   H2   sing N N 318 
TYR CA  C    sing N N 319 
TYR CA  CB   sing N N 320 
TYR CA  HA   sing N N 321 
TYR C   O    doub N N 322 
TYR C   OXT  sing N N 323 
TYR CB  CG   sing N N 324 
TYR CB  HB2  sing N N 325 
TYR CB  HB3  sing N N 326 
TYR CG  CD1  doub Y N 327 
TYR CG  CD2  sing Y N 328 
TYR CD1 CE1  sing Y N 329 
TYR CD1 HD1  sing N N 330 
TYR CD2 CE2  doub Y N 331 
TYR CD2 HD2  sing N N 332 
TYR CE1 CZ   doub Y N 333 
TYR CE1 HE1  sing N N 334 
TYR CE2 CZ   sing Y N 335 
TYR CE2 HE2  sing N N 336 
TYR CZ  OH   sing N N 337 
TYR OH  HH   sing N N 338 
TYR OXT HXT  sing N N 339 
VAL N   CA   sing N N 340 
VAL N   H    sing N N 341 
VAL N   H2   sing N N 342 
VAL CA  C    sing N N 343 
VAL CA  CB   sing N N 344 
VAL CA  HA   sing N N 345 
VAL C   O    doub N N 346 
VAL C   OXT  sing N N 347 
VAL CB  CG1  sing N N 348 
VAL CB  CG2  sing N N 349 
VAL CB  HB   sing N N 350 
VAL CG1 HG11 sing N N 351 
VAL CG1 HG12 sing N N 352 
VAL CG1 HG13 sing N N 353 
VAL CG2 HG21 sing N N 354 
VAL CG2 HG22 sing N N 355 
VAL CG2 HG23 sing N N 356 
VAL OXT HXT  sing N N 357 
# 
loop_
_pdbx_entity_nonpoly.entity_id 
_pdbx_entity_nonpoly.name 
_pdbx_entity_nonpoly.comp_id 
2 'NITRATE ION' NO3 
3 water         HOH 
# 
_pdbx_initial_refinement_model.id               1 
_pdbx_initial_refinement_model.entity_id_list   ? 
_pdbx_initial_refinement_model.type             'experimental model' 
_pdbx_initial_refinement_model.source_name      PDB 
_pdbx_initial_refinement_model.accession_code   3G1G 
_pdbx_initial_refinement_model.details          'PDB ENTRY 3G1G' 
# 
